data_4RGN
#
_entry.id   4RGN
#
_cell.length_a   301.331
_cell.length_b   109.818
_cell.length_c   82.782
_cell.angle_alpha   90.00
_cell.angle_beta   94.53
_cell.angle_gamma   90.00
#
_symmetry.space_group_name_H-M   'C 1 2 1'
#
loop_
_entity.id
_entity.type
_entity.pdbx_description
1 polymer 'Enterotoxin type B'
2 polymer '14G8 heavy chain'
3 polymer '14G8 light chain'
4 polymer '6D3 heavy chain'
5 polymer '6D3 light chain'
#
loop_
_entity_poly.entity_id
_entity_poly.type
_entity_poly.pdbx_seq_one_letter_code
_entity_poly.pdbx_strand_id
1 'polypeptide(L)'
;GSEFGSESQPDPKPDELHKSSKFTGLMENMKVLYDDNHVSAINVKSIDQFLYFDLIYSIKDTKLGNYDNVRVEFKNKDLA
DKYKDKYVDVFGANYYYQCYFSKKTNDINSHQTDKRKTCMYGGVTEHNGNQLDKYRSITVRVFEDGKNLLSFDVQTNKKK
VTAQELDYLTRHYLVKNKKLYEFNNSPYETGYIKFIENENSFWYDMMPAPGDKFDQSKYLMMYNDNKMVDSKDVKIEVYL
TTKKK
;
A,S
2 'polypeptide(L)'
;EVNLIESGGDLVKPGGSLKLSCATSGFTFSAYGLSWVRQTPERRLEWVASISGGGSVYYPDSVKGRFTISRDTAGDILFL
QMNSLRSEDSAIYYCVRDLYGDYVGRYAYWGQGTLVIVSAAKTTPPSVYPLAPGSAAQTNSMVTLGCLVKGYFPEPVTVT
WNSGSLSSGVHTFPAVLQSDLYTLSSSVTVPSSTWPSETVTCNVAHPASSTKVDKKIVPRDC
;
B,H
3 'polypeptide(L)'
;DIVMTQSPATLSVTPGDRVSLSCRASQSIGDYLHWYQQKSHESPRLLINYASQSISGIPSRFSGSGSGSDFTLIINSVEP
EDVGVYYCQNGHSFPYTFGGGTKLEIRRADAAPTVSIFPPSSEQLTSGGASVVCFLNNFYPKDINVKWKIDGSERQNGVL
NSWTDQDSKDSTYSMSSTLTLTKDEYERHNSYTCEATHKTSTSPIVKSFNRNEC
;
C,L
4 'polypeptide(L)'
;QVQLQQSGAELVKPGASVKLSCKASGYTFTSHWMHWVKQRPGQGLEWIGEIDPSDSYINYNQIFEGKATLTVDKSSTTAY
LQLSSLTSEDSAVYYCARTAGLLAPMDYWGQGTSVTVSSAKTTPPSVYPLAPGSAAQTNSMVTLGCLVKGYFPEPVTVTW
NSGSLSSGVHTFPAVLQSDLYTLSSSVTVPSSTWPSETVTCNVAHPASSTKVDKKIVPRDC
;
D,F
5 'polypeptide(L)'
;DIVMTQSPSSLTVTAGEKVTMTCKSSQSLFNSGNQKNFLTWYQQIPGQPPKLLIYWASTRDSGVPDRFTGSGSGTDFTLT
ISSVQAEDLAVYYCQNDYTYPLTFGVGTKLELKRADAAPTVSIFPPSSEQLTSGGASVVCFLNNFYPKDINVKWKIDGSE
RQDGVLDSWTDQDSKDSTYSMSSTLTLTKDEYERHNSYTCEATHKTSTSPIVKSFNRNEC
;
E,G
#
# COMPACT_ATOMS: atom_id res chain seq x y z
N SER A 8 -35.99 -6.02 24.79
CA SER A 8 -34.52 -5.84 25.00
C SER A 8 -33.86 -7.17 25.42
N GLN A 9 -32.75 -7.48 24.75
CA GLN A 9 -31.84 -8.60 25.11
C GLN A 9 -31.33 -8.41 26.55
N PRO A 10 -31.41 -9.46 27.37
CA PRO A 10 -30.94 -9.20 28.73
C PRO A 10 -29.42 -9.38 28.75
N ASP A 11 -28.77 -8.95 29.82
CA ASP A 11 -27.27 -8.99 29.86
C ASP A 11 -26.66 -10.42 29.92
N PRO A 12 -25.33 -10.52 29.68
CA PRO A 12 -24.66 -11.81 29.70
C PRO A 12 -24.44 -12.34 31.11
N LYS A 13 -25.04 -13.50 31.35
CA LYS A 13 -24.88 -14.33 32.54
C LYS A 13 -23.44 -14.69 32.83
N PRO A 14 -23.15 -15.12 34.07
CA PRO A 14 -21.73 -15.42 34.31
C PRO A 14 -21.35 -16.65 33.49
N ASP A 15 -20.10 -16.73 33.08
CA ASP A 15 -19.60 -17.82 32.20
C ASP A 15 -20.05 -17.61 30.76
N GLU A 16 -21.33 -17.32 30.52
CA GLU A 16 -21.86 -17.27 29.12
C GLU A 16 -20.96 -16.55 28.14
N LEU A 17 -20.31 -15.48 28.57
CA LEU A 17 -19.29 -14.82 27.73
C LEU A 17 -18.12 -15.78 27.39
N HIS A 18 -17.71 -15.80 26.11
CA HIS A 18 -16.63 -16.65 25.63
C HIS A 18 -15.28 -16.18 26.13
N LYS A 19 -14.38 -17.12 26.35
CA LYS A 19 -13.10 -16.80 26.94
C LYS A 19 -11.96 -17.13 25.99
N SER A 20 -11.02 -16.22 25.87
CA SER A 20 -9.99 -16.35 24.86
C SER A 20 -8.97 -17.39 25.26
N SER A 21 -8.73 -17.54 26.55
CA SER A 21 -7.88 -18.66 27.05
C SER A 21 -8.48 -20.07 26.88
N LYS A 22 -9.80 -20.17 26.68
CA LYS A 22 -10.44 -21.42 26.29
C LYS A 22 -10.53 -21.61 24.77
N PHE A 23 -9.98 -20.68 24.01
CA PHE A 23 -9.82 -20.81 22.56
C PHE A 23 -8.38 -21.18 22.32
N THR A 24 -8.15 -22.34 21.72
CA THR A 24 -6.80 -22.81 21.47
C THR A 24 -6.43 -22.75 19.97
N GLY A 25 -7.38 -22.43 19.11
CA GLY A 25 -7.13 -22.14 17.72
C GLY A 25 -6.36 -20.84 17.56
N LEU A 26 -6.41 -20.25 16.37
CA LEU A 26 -5.57 -19.08 16.03
C LEU A 26 -6.35 -17.82 15.94
N MET A 27 -6.02 -16.84 16.80
CA MET A 27 -6.81 -15.62 16.92
C MET A 27 -6.84 -14.84 15.61
N GLU A 28 -5.85 -15.04 14.75
CA GLU A 28 -5.86 -14.48 13.40
C GLU A 28 -7.08 -14.86 12.57
N ASN A 29 -7.76 -15.92 12.96
CA ASN A 29 -8.94 -16.37 12.26
C ASN A 29 -10.10 -15.43 12.51
N MET A 30 -10.06 -14.71 13.65
CA MET A 30 -11.07 -13.70 14.04
C MET A 30 -10.62 -12.27 13.70
N LYS A 31 -9.36 -11.98 13.97
CA LYS A 31 -8.74 -10.68 13.66
C LYS A 31 -9.05 -10.22 12.25
N VAL A 32 -8.99 -11.18 11.32
CA VAL A 32 -9.12 -10.89 9.90
C VAL A 32 -10.54 -10.41 9.53
N LEU A 33 -11.55 -10.91 10.25
CA LEU A 33 -12.92 -10.48 10.01
C LEU A 33 -13.07 -8.98 10.28
N TYR A 34 -12.15 -8.43 11.08
CA TYR A 34 -12.15 -7.02 11.47
C TYR A 34 -10.88 -6.25 11.03
N ASP A 35 -10.13 -6.82 10.10
CA ASP A 35 -8.95 -6.20 9.43
C ASP A 35 -9.38 -5.18 8.35
N ASP A 36 -8.46 -4.66 7.55
CA ASP A 36 -8.84 -3.69 6.50
C ASP A 36 -9.90 -4.20 5.53
N ASN A 37 -9.70 -5.36 4.93
CA ASN A 37 -10.65 -5.88 3.92
C ASN A 37 -12.04 -6.10 4.58
N HIS A 38 -13.09 -5.80 3.82
CA HIS A 38 -14.51 -6.02 4.19
C HIS A 38 -15.36 -5.75 2.94
N VAL A 39 -16.67 -5.97 3.00
CA VAL A 39 -17.51 -5.71 1.83
C VAL A 39 -18.14 -4.37 2.06
N SER A 40 -18.23 -3.58 1.00
CA SER A 40 -18.90 -2.26 1.05
C SER A 40 -19.27 -1.73 -0.34
N ALA A 41 -20.56 -1.72 -0.63
CA ALA A 41 -21.08 -1.36 -1.93
C ALA A 41 -22.23 -0.41 -1.70
N ILE A 42 -22.39 0.48 -2.67
CA ILE A 42 -23.31 1.61 -2.57
C ILE A 42 -24.28 1.55 -3.72
N ASN A 43 -25.57 1.66 -3.41
CA ASN A 43 -26.63 1.68 -4.42
C ASN A 43 -26.57 0.50 -5.40
N VAL A 44 -26.82 -0.70 -4.90
CA VAL A 44 -26.83 -1.90 -5.74
C VAL A 44 -28.15 -2.62 -5.62
N LYS A 45 -28.46 -3.47 -6.60
CA LYS A 45 -29.66 -4.32 -6.57
C LYS A 45 -29.31 -5.77 -6.87
N SER A 46 -30.07 -6.67 -6.25
CA SER A 46 -29.80 -8.10 -6.31
C SER A 46 -30.14 -8.68 -7.68
N ILE A 47 -29.24 -9.50 -8.19
CA ILE A 47 -29.39 -10.11 -9.50
C ILE A 47 -29.81 -11.59 -9.43
N ASP A 48 -29.71 -12.20 -8.25
CA ASP A 48 -29.94 -13.65 -8.09
C ASP A 48 -30.31 -14.02 -6.64
N GLN A 49 -30.47 -15.31 -6.38
CA GLN A 49 -30.89 -15.81 -5.07
C GLN A 49 -30.64 -17.33 -4.98
N PHE A 50 -29.69 -17.74 -4.14
CA PHE A 50 -29.32 -19.16 -4.05
C PHE A 50 -30.41 -19.91 -3.30
N LEU A 51 -30.63 -19.56 -2.05
CA LEU A 51 -31.68 -20.17 -1.26
C LEU A 51 -32.72 -19.13 -0.79
N TYR A 52 -33.80 -19.60 -0.18
CA TYR A 52 -34.92 -18.73 0.23
C TYR A 52 -34.48 -17.50 1.04
N PHE A 53 -33.48 -17.71 1.90
CA PHE A 53 -33.03 -16.71 2.84
C PHE A 53 -31.87 -15.87 2.34
N ASP A 54 -31.54 -15.89 1.07
CA ASP A 54 -30.42 -15.05 0.62
C ASP A 54 -30.65 -14.26 -0.67
N LEU A 55 -29.75 -13.33 -0.90
CA LEU A 55 -29.74 -12.53 -2.10
C LEU A 55 -28.31 -12.50 -2.65
N ILE A 56 -28.17 -12.44 -3.97
CA ILE A 56 -26.83 -12.33 -4.58
C ILE A 56 -26.61 -11.01 -5.30
N TYR A 57 -25.40 -10.47 -5.11
CA TYR A 57 -25.00 -9.18 -5.67
C TYR A 57 -23.72 -9.34 -6.50
N SER A 58 -23.51 -8.44 -7.44
CA SER A 58 -22.21 -8.33 -8.11
C SER A 58 -21.62 -6.95 -7.80
N ILE A 59 -20.51 -6.95 -7.08
CA ILE A 59 -19.92 -5.75 -6.49
C ILE A 59 -18.46 -5.58 -6.92
N ASP A 68 -16.12 -10.47 -6.44
CA ASP A 68 -17.12 -9.86 -7.33
C ASP A 68 -18.54 -10.31 -7.01
N ASN A 69 -18.69 -11.59 -6.67
CA ASN A 69 -19.98 -12.13 -6.23
C ASN A 69 -20.07 -12.17 -4.71
N VAL A 70 -21.12 -11.56 -4.19
CA VAL A 70 -21.36 -11.59 -2.77
C VAL A 70 -22.76 -12.08 -2.54
N ARG A 71 -22.83 -13.21 -1.83
CA ARG A 71 -24.09 -13.79 -1.31
C ARG A 71 -24.42 -13.32 0.12
N VAL A 72 -25.45 -12.49 0.23
CA VAL A 72 -25.94 -12.00 1.53
C VAL A 72 -27.05 -12.96 2.04
N GLU A 73 -26.88 -13.50 3.25
CA GLU A 73 -27.85 -14.43 3.84
C GLU A 73 -28.56 -13.77 5.01
N PHE A 74 -29.89 -13.78 5.00
CA PHE A 74 -30.65 -13.26 6.14
C PHE A 74 -31.06 -14.40 7.05
N LYS A 75 -31.61 -14.07 8.21
CA LYS A 75 -32.10 -15.10 9.12
C LYS A 75 -33.43 -15.67 8.64
N ASN A 76 -34.14 -14.94 7.78
CA ASN A 76 -35.43 -15.42 7.30
C ASN A 76 -35.85 -14.91 5.92
N LYS A 77 -36.90 -15.53 5.38
CA LYS A 77 -37.41 -15.22 4.05
C LYS A 77 -37.89 -13.77 3.92
N ASP A 78 -38.75 -13.32 4.83
CA ASP A 78 -39.26 -11.93 4.80
C ASP A 78 -38.17 -10.88 4.52
N LEU A 79 -37.02 -10.98 5.19
CA LEU A 79 -35.90 -10.06 4.95
C LEU A 79 -35.39 -10.21 3.52
N ALA A 80 -35.11 -11.44 3.12
CA ALA A 80 -34.64 -11.71 1.78
C ALA A 80 -35.60 -11.09 0.77
N ASP A 81 -36.86 -11.49 0.85
CA ASP A 81 -37.89 -10.96 -0.05
C ASP A 81 -37.99 -9.43 0.06
N LYS A 82 -37.77 -8.89 1.26
CA LYS A 82 -37.95 -7.46 1.48
C LYS A 82 -37.01 -6.59 0.65
N TYR A 83 -35.75 -6.99 0.54
CA TYR A 83 -34.75 -6.13 -0.11
C TYR A 83 -34.38 -6.55 -1.54
N LYS A 84 -34.93 -7.66 -2.04
CA LYS A 84 -34.82 -7.96 -3.47
C LYS A 84 -35.69 -6.95 -4.17
N ASP A 85 -35.27 -6.52 -5.36
CA ASP A 85 -36.01 -5.52 -6.10
C ASP A 85 -36.04 -4.21 -5.33
N LYS A 86 -35.00 -4.00 -4.53
CA LYS A 86 -34.75 -2.71 -3.89
C LYS A 86 -33.30 -2.34 -4.04
N TYR A 87 -33.08 -1.05 -4.23
CA TYR A 87 -31.73 -0.53 -4.32
C TYR A 87 -31.29 -0.24 -2.90
N VAL A 88 -30.13 -0.78 -2.56
CA VAL A 88 -29.70 -0.83 -1.20
C VAL A 88 -28.22 -0.54 -1.11
N ASP A 89 -27.78 -0.15 0.08
CA ASP A 89 -26.37 -0.14 0.44
C ASP A 89 -26.06 -1.42 1.23
N VAL A 90 -24.84 -1.93 1.09
CA VAL A 90 -24.44 -3.22 1.66
C VAL A 90 -23.10 -3.06 2.30
N PHE A 91 -23.04 -3.36 3.59
CA PHE A 91 -21.81 -3.21 4.40
C PHE A 91 -21.73 -4.30 5.44
N GLY A 92 -20.55 -4.98 5.45
CA GLY A 92 -20.24 -5.92 6.49
C GLY A 92 -19.00 -6.77 6.29
N ALA A 93 -18.85 -7.71 7.22
CA ALA A 93 -17.75 -8.63 7.27
C ALA A 93 -18.11 -9.91 6.49
N ASN A 94 -17.22 -10.31 5.59
CA ASN A 94 -17.41 -11.45 4.71
C ASN A 94 -16.39 -12.54 4.98
N TYR A 95 -16.63 -13.70 4.36
CA TYR A 95 -15.80 -14.88 4.54
C TYR A 95 -15.74 -15.71 3.24
N TYR A 96 -14.67 -16.49 3.08
CA TYR A 96 -14.40 -17.24 1.82
C TYR A 96 -14.50 -18.75 2.02
N TYR A 97 -14.32 -19.18 3.27
CA TYR A 97 -14.14 -20.58 3.59
C TYR A 97 -15.48 -21.20 3.86
N GLN A 98 -15.71 -22.41 3.35
CA GLN A 98 -17.01 -23.05 3.48
C GLN A 98 -18.08 -22.03 3.10
N CYS A 99 -17.88 -21.39 1.96
CA CYS A 99 -18.85 -20.47 1.35
C CYS A 99 -19.36 -21.04 0.02
N TYR A 100 -20.67 -20.92 -0.20
CA TYR A 100 -21.33 -21.66 -1.28
C TYR A 100 -22.28 -20.80 -2.09
N PHE A 101 -22.24 -20.97 -3.40
CA PHE A 101 -23.20 -20.34 -4.29
C PHE A 101 -23.97 -21.43 -5.02
N SER A 102 -23.78 -22.68 -4.57
CA SER A 102 -24.33 -23.88 -5.21
C SER A 102 -24.53 -25.00 -4.18
N LYS A 117 -15.95 -14.86 -5.50
CA LYS A 117 -17.21 -15.23 -4.87
C LYS A 117 -17.00 -15.19 -3.35
N THR A 118 -17.97 -14.64 -2.60
CA THR A 118 -17.83 -14.49 -1.14
C THR A 118 -19.18 -14.34 -0.37
N CYS A 119 -19.17 -14.69 0.92
CA CYS A 119 -20.40 -14.79 1.73
C CYS A 119 -20.48 -13.80 2.91
N MET A 120 -21.70 -13.39 3.27
CA MET A 120 -21.90 -12.61 4.48
C MET A 120 -23.34 -12.69 5.01
N TYR A 121 -23.56 -12.15 6.21
CA TYR A 121 -24.92 -12.06 6.78
C TYR A 121 -25.42 -10.62 6.92
N GLY A 122 -26.70 -10.37 6.63
CA GLY A 122 -27.33 -9.08 6.95
C GLY A 122 -26.61 -7.92 6.32
N GLY A 123 -26.38 -6.86 7.06
CA GLY A 123 -25.59 -5.72 6.56
C GLY A 123 -26.20 -4.86 5.44
N VAL A 124 -27.47 -5.09 5.15
CA VAL A 124 -28.19 -4.41 4.09
C VAL A 124 -29.01 -3.27 4.65
N THR A 125 -28.98 -2.12 3.97
CA THR A 125 -29.91 -1.04 4.23
C THR A 125 -30.41 -0.41 2.94
N GLU A 126 -31.62 0.14 2.99
CA GLU A 126 -32.25 0.77 1.81
C GLU A 126 -31.45 2.04 1.48
N HIS A 127 -31.14 2.25 0.20
CA HIS A 127 -30.29 3.37 -0.21
C HIS A 127 -31.07 4.68 -0.19
N ASN A 128 -32.12 4.75 -1.00
CA ASN A 128 -32.88 6.00 -1.18
C ASN A 128 -33.51 6.45 0.13
N GLY A 129 -33.39 7.74 0.42
CA GLY A 129 -33.93 8.31 1.64
C GLY A 129 -33.19 8.05 2.95
N ASN A 130 -32.06 7.34 2.90
CA ASN A 130 -31.32 6.99 4.13
C ASN A 130 -29.96 7.67 4.21
N GLN A 131 -29.68 8.64 3.34
CA GLN A 131 -28.32 9.19 3.21
C GLN A 131 -28.14 10.54 3.89
N LEU A 132 -27.04 10.71 4.60
CA LEU A 132 -26.60 12.01 5.12
C LEU A 132 -25.51 12.59 4.19
N ASP A 133 -25.48 13.91 4.00
CA ASP A 133 -24.45 14.52 3.16
C ASP A 133 -23.15 14.75 3.90
N LYS A 134 -23.14 14.57 5.23
CA LYS A 134 -21.90 14.53 6.00
C LYS A 134 -21.93 13.32 6.93
N TYR A 135 -20.85 13.09 7.67
CA TYR A 135 -20.77 11.93 8.55
C TYR A 135 -21.27 12.25 9.96
N ARG A 136 -22.06 11.35 10.55
CA ARG A 136 -22.33 11.42 11.98
C ARG A 136 -21.17 10.79 12.67
N SER A 137 -20.88 11.26 13.88
CA SER A 137 -19.95 10.60 14.78
C SER A 137 -20.72 10.00 15.93
N ILE A 138 -20.50 8.71 16.15
CA ILE A 138 -20.93 8.05 17.36
C ILE A 138 -19.70 7.79 18.23
N THR A 139 -19.75 8.19 19.50
CA THR A 139 -18.63 7.93 20.42
C THR A 139 -18.69 6.51 20.93
N VAL A 140 -17.59 5.80 20.84
CA VAL A 140 -17.50 4.51 21.47
C VAL A 140 -16.76 4.67 22.76
N ARG A 141 -17.32 4.10 23.83
CA ARG A 141 -16.71 4.10 25.15
C ARG A 141 -16.19 2.70 25.43
N VAL A 142 -14.90 2.60 25.75
CA VAL A 142 -14.20 1.32 25.99
C VAL A 142 -13.74 1.20 27.42
N PHE A 143 -14.18 0.15 28.10
CA PHE A 143 -13.79 -0.09 29.48
C PHE A 143 -12.97 -1.37 29.62
N GLU A 144 -12.07 -1.41 30.61
CA GLU A 144 -11.20 -2.57 30.86
C GLU A 144 -11.22 -2.87 32.37
N ASP A 145 -11.70 -4.05 32.74
CA ASP A 145 -11.78 -4.47 34.16
C ASP A 145 -12.58 -3.44 34.97
N GLY A 146 -13.53 -2.81 34.28
CA GLY A 146 -14.39 -1.77 34.89
C GLY A 146 -13.88 -0.34 34.82
N LYS A 147 -12.61 -0.15 34.46
CA LYS A 147 -12.01 1.19 34.41
C LYS A 147 -12.23 1.74 33.04
N ASN A 148 -12.04 3.02 32.90
CA ASN A 148 -12.21 3.66 31.64
C ASN A 148 -10.93 3.54 30.88
N LEU A 149 -10.95 2.81 29.76
CA LEU A 149 -9.73 2.56 28.97
C LEU A 149 -9.53 3.68 27.98
N LEU A 150 -10.44 3.82 27.01
CA LEU A 150 -10.49 5.04 26.21
C LEU A 150 -11.80 5.19 25.46
N SER A 151 -11.91 6.34 24.77
CA SER A 151 -13.02 6.63 23.83
C SER A 151 -12.49 7.12 22.52
N PHE A 152 -13.20 6.80 21.45
CA PHE A 152 -12.87 7.28 20.12
C PHE A 152 -14.18 7.37 19.36
N ASP A 153 -14.18 8.00 18.19
CA ASP A 153 -15.39 8.08 17.40
C ASP A 153 -15.38 7.08 16.21
N VAL A 154 -16.56 6.62 15.80
CA VAL A 154 -16.73 5.99 14.48
C VAL A 154 -17.69 6.84 13.63
N GLN A 155 -17.63 6.69 12.31
CA GLN A 155 -18.33 7.55 11.37
C GLN A 155 -19.27 6.80 10.41
N THR A 156 -20.42 7.40 10.12
CA THR A 156 -21.39 6.78 9.24
C THR A 156 -22.25 7.80 8.54
N ASN A 157 -22.44 7.63 7.24
CA ASN A 157 -23.23 8.60 6.48
C ASN A 157 -24.65 8.11 6.23
N LYS A 158 -25.12 7.24 7.11
CA LYS A 158 -26.49 6.73 7.04
C LYS A 158 -27.35 7.21 8.19
N LYS A 159 -28.58 7.62 7.86
CA LYS A 159 -29.62 7.90 8.85
C LYS A 159 -29.84 6.68 9.72
N LYS A 160 -30.21 5.55 9.11
CA LYS A 160 -30.26 4.23 9.76
C LYS A 160 -29.07 3.38 9.27
N VAL A 161 -28.33 2.76 10.20
CA VAL A 161 -27.12 1.99 9.92
C VAL A 161 -27.23 0.65 10.63
N THR A 162 -26.60 -0.39 10.09
CA THR A 162 -26.66 -1.70 10.74
C THR A 162 -25.66 -1.73 11.89
N ALA A 163 -26.04 -2.37 12.99
CA ALA A 163 -25.16 -2.69 14.10
C ALA A 163 -23.89 -3.42 13.60
N GLN A 164 -24.06 -4.32 12.65
CA GLN A 164 -22.88 -4.93 12.04
C GLN A 164 -21.83 -3.87 11.57
N GLU A 165 -22.26 -2.86 10.85
CA GLU A 165 -21.35 -1.84 10.37
C GLU A 165 -20.64 -1.22 11.53
N LEU A 166 -21.42 -0.80 12.53
CA LEU A 166 -20.87 -0.09 13.69
C LEU A 166 -19.90 -0.98 14.46
N ASP A 167 -20.30 -2.22 14.79
CA ASP A 167 -19.41 -3.21 15.39
C ASP A 167 -18.08 -3.21 14.65
N TYR A 168 -18.13 -3.36 13.33
CA TYR A 168 -16.89 -3.50 12.52
C TYR A 168 -16.08 -2.21 12.53
N LEU A 169 -16.73 -1.06 12.52
CA LEU A 169 -15.94 0.13 12.58
C LEU A 169 -15.25 0.12 13.94
N THR A 170 -15.99 -0.32 14.97
CA THR A 170 -15.52 -0.30 16.37
C THR A 170 -14.36 -1.26 16.55
N ARG A 171 -14.54 -2.50 16.13
CA ARG A 171 -13.49 -3.48 16.35
C ARG A 171 -12.26 -3.17 15.56
N HIS A 172 -12.46 -2.70 14.35
CA HIS A 172 -11.37 -2.33 13.50
C HIS A 172 -10.43 -1.36 14.18
N TYR A 173 -10.96 -0.24 14.63
CA TYR A 173 -10.18 0.71 15.41
C TYR A 173 -9.43 0.03 16.55
N LEU A 174 -10.14 -0.79 17.32
CA LEU A 174 -9.54 -1.54 18.43
C LEU A 174 -8.40 -2.53 18.04
N VAL A 175 -8.52 -3.12 16.85
CA VAL A 175 -7.46 -3.95 16.35
C VAL A 175 -6.22 -3.12 15.94
N LYS A 176 -6.40 -2.03 15.20
CA LYS A 176 -5.26 -1.16 14.87
C LYS A 176 -4.58 -0.54 16.10
N ASN A 177 -5.36 -0.16 17.10
CA ASN A 177 -4.86 0.71 18.16
C ASN A 177 -4.72 0.13 19.56
N LYS A 178 -5.50 -0.90 19.91
CA LYS A 178 -5.46 -1.52 21.26
C LYS A 178 -5.20 -3.01 21.30
N LYS A 179 -4.69 -3.54 20.21
CA LYS A 179 -4.32 -4.95 20.13
C LYS A 179 -5.42 -5.90 20.60
N LEU A 180 -6.68 -5.56 20.31
CA LEU A 180 -7.83 -6.36 20.71
C LEU A 180 -7.77 -7.79 20.20
N TYR A 181 -7.38 -7.95 18.95
CA TYR A 181 -7.10 -9.26 18.41
C TYR A 181 -5.69 -9.19 17.89
N GLU A 182 -4.91 -10.20 18.20
CA GLU A 182 -3.60 -10.35 17.62
C GLU A 182 -3.53 -11.64 16.88
N PHE A 183 -2.46 -11.83 16.15
CA PHE A 183 -2.22 -13.04 15.36
C PHE A 183 -2.46 -14.33 16.18
N ASN A 184 -1.72 -14.49 17.26
CA ASN A 184 -1.76 -15.74 18.02
C ASN A 184 -2.87 -15.81 19.05
N ASN A 185 -3.00 -14.76 19.86
CA ASN A 185 -3.99 -14.75 20.91
C ASN A 185 -4.51 -13.32 21.08
N SER A 186 -5.24 -13.06 22.18
CA SER A 186 -5.72 -11.69 22.52
C SER A 186 -5.38 -11.39 23.95
N PRO A 187 -4.95 -10.17 24.23
CA PRO A 187 -4.64 -9.90 25.64
C PRO A 187 -5.89 -9.81 26.54
N TYR A 188 -7.06 -9.61 25.94
CA TYR A 188 -8.33 -9.63 26.68
C TYR A 188 -8.86 -11.04 26.85
N GLU A 189 -9.63 -11.24 27.93
CA GLU A 189 -10.15 -12.58 28.27
C GLU A 189 -11.57 -12.76 27.76
N THR A 190 -12.45 -11.83 28.12
CA THR A 190 -13.78 -11.70 27.53
C THR A 190 -13.93 -10.29 27.00
N GLY A 191 -14.99 -10.07 26.24
CA GLY A 191 -15.30 -8.79 25.73
C GLY A 191 -16.68 -8.86 25.09
N TYR A 192 -17.54 -7.89 25.36
CA TYR A 192 -18.78 -7.73 24.63
C TYR A 192 -19.02 -6.31 24.29
N ILE A 193 -19.88 -6.12 23.30
CA ILE A 193 -20.12 -4.82 22.72
C ILE A 193 -21.62 -4.54 22.84
N LYS A 194 -21.96 -3.46 23.55
CA LYS A 194 -23.34 -3.19 23.90
C LYS A 194 -23.86 -2.00 23.16
N PHE A 195 -25.04 -2.13 22.59
CA PHE A 195 -25.62 -1.06 21.81
C PHE A 195 -26.83 -0.59 22.57
N ILE A 196 -26.94 0.70 22.87
CA ILE A 196 -28.18 1.22 23.47
C ILE A 196 -28.75 2.31 22.59
N GLU A 197 -30.02 2.20 22.18
CA GLU A 197 -30.72 3.26 21.45
C GLU A 197 -31.98 3.55 22.17
N ASN A 198 -32.26 4.84 22.33
CA ASN A 198 -33.18 5.33 23.36
C ASN A 198 -33.02 4.48 24.61
N GLU A 199 -33.90 3.47 24.72
CA GLU A 199 -34.08 2.67 25.93
C GLU A 199 -34.04 1.10 25.69
N ASN A 200 -33.75 0.67 24.47
CA ASN A 200 -33.59 -0.74 24.20
C ASN A 200 -32.13 -0.92 24.06
N SER A 201 -31.66 -2.15 24.21
CA SER A 201 -30.27 -2.46 24.07
C SER A 201 -30.09 -3.88 23.65
N PHE A 202 -28.97 -4.15 23.00
CA PHE A 202 -28.57 -5.51 22.65
C PHE A 202 -27.06 -5.57 22.57
N TRP A 203 -26.50 -6.78 22.66
CA TRP A 203 -25.03 -6.99 22.74
C TRP A 203 -24.47 -8.17 21.91
N TYR A 204 -23.21 -8.04 21.53
CA TYR A 204 -22.47 -9.15 20.91
C TYR A 204 -21.23 -9.55 21.73
N ASP A 205 -21.08 -10.86 21.86
CA ASP A 205 -19.87 -11.42 22.41
C ASP A 205 -18.72 -11.24 21.35
N MET A 206 -17.54 -10.82 21.79
CA MET A 206 -16.46 -10.53 20.84
C MET A 206 -15.40 -11.64 20.77
N MET A 207 -15.59 -12.74 21.47
CA MET A 207 -14.57 -13.76 21.49
C MET A 207 -15.09 -15.07 20.90
N PRO A 208 -14.18 -15.81 20.21
CA PRO A 208 -14.53 -17.06 19.58
C PRO A 208 -14.92 -18.12 20.61
N ALA A 209 -15.86 -18.97 20.22
CA ALA A 209 -16.41 -19.98 21.12
C ALA A 209 -15.29 -20.98 21.43
N PRO A 210 -15.40 -21.70 22.55
CA PRO A 210 -14.26 -22.52 22.93
C PRO A 210 -13.89 -23.58 21.88
N GLY A 211 -12.71 -24.17 22.01
CA GLY A 211 -12.22 -25.20 21.06
C GLY A 211 -10.94 -24.78 20.36
N ASP A 212 -10.39 -25.65 19.55
CA ASP A 212 -9.11 -25.39 18.84
C ASP A 212 -9.29 -24.95 17.37
N LYS A 213 -10.50 -24.53 17.00
CA LYS A 213 -10.73 -24.04 15.63
C LYS A 213 -11.95 -23.14 15.46
N PHE A 214 -11.66 -21.88 15.18
CA PHE A 214 -12.65 -20.87 14.79
C PHE A 214 -13.30 -21.16 13.43
N ASP A 215 -14.60 -20.98 13.38
CA ASP A 215 -15.42 -21.07 12.19
C ASP A 215 -16.01 -19.67 11.97
N GLN A 216 -15.57 -19.01 10.91
CA GLN A 216 -15.99 -17.63 10.62
C GLN A 216 -17.47 -17.55 10.28
N SER A 217 -17.92 -18.48 9.47
CA SER A 217 -19.30 -18.55 9.03
C SER A 217 -20.31 -18.75 10.15
N LYS A 218 -19.90 -19.43 11.21
CA LYS A 218 -20.80 -19.70 12.31
C LYS A 218 -20.90 -18.42 13.16
N TYR A 219 -19.74 -17.85 13.47
CA TYR A 219 -19.63 -16.61 14.22
C TYR A 219 -20.40 -15.49 13.58
N LEU A 220 -20.14 -15.23 12.31
CA LEU A 220 -20.78 -14.12 11.61
C LEU A 220 -22.32 -14.23 11.51
N MET A 221 -22.88 -15.40 11.80
CA MET A 221 -24.33 -15.62 11.68
C MET A 221 -25.14 -14.75 12.63
N MET A 222 -24.51 -14.30 13.69
CA MET A 222 -25.18 -13.45 14.63
C MET A 222 -25.77 -12.20 13.97
N TYR A 223 -25.19 -11.76 12.85
CA TYR A 223 -25.68 -10.55 12.14
C TYR A 223 -26.77 -10.75 11.10
N ASN A 224 -27.33 -11.95 11.00
CA ASN A 224 -28.34 -12.22 9.98
C ASN A 224 -29.74 -11.67 10.27
N ASP A 225 -30.04 -11.25 11.51
CA ASP A 225 -31.30 -10.52 11.77
C ASP A 225 -31.31 -9.15 11.11
N ASN A 226 -30.15 -8.71 10.62
CA ASN A 226 -30.01 -7.42 9.95
C ASN A 226 -30.38 -6.25 10.87
N LYS A 227 -29.99 -6.34 12.14
CA LYS A 227 -30.41 -5.31 13.13
C LYS A 227 -29.92 -3.90 12.71
N MET A 228 -30.83 -2.94 12.84
CA MET A 228 -30.58 -1.58 12.42
C MET A 228 -30.65 -0.66 13.62
N VAL A 229 -29.83 0.37 13.62
CA VAL A 229 -29.99 1.39 14.62
C VAL A 229 -30.04 2.73 13.95
N ASP A 230 -30.65 3.65 14.65
CA ASP A 230 -30.69 4.99 14.22
C ASP A 230 -29.41 5.71 14.68
N SER A 231 -28.65 6.24 13.74
CA SER A 231 -27.31 6.80 14.05
C SER A 231 -27.31 8.05 14.96
N LYS A 232 -28.34 8.87 14.88
CA LYS A 232 -28.32 10.10 15.64
C LYS A 232 -28.39 9.71 17.12
N ASP A 233 -28.96 8.54 17.43
CA ASP A 233 -29.38 8.16 18.81
C ASP A 233 -28.59 7.02 19.48
N VAL A 234 -27.85 6.28 18.71
CA VAL A 234 -27.18 5.12 19.25
C VAL A 234 -26.04 5.52 20.21
N LYS A 235 -25.93 4.81 21.31
CA LYS A 235 -24.73 4.83 22.14
C LYS A 235 -24.08 3.47 22.02
N ILE A 236 -22.75 3.40 22.03
CA ILE A 236 -22.02 2.11 22.02
C ILE A 236 -21.03 2.01 23.17
N GLU A 237 -21.08 0.96 23.96
CA GLU A 237 -20.06 0.75 25.03
C GLU A 237 -19.38 -0.62 24.91
N VAL A 238 -18.07 -0.68 25.15
CA VAL A 238 -17.30 -1.89 24.95
C VAL A 238 -16.71 -2.27 26.30
N TYR A 239 -16.90 -3.53 26.69
CA TYR A 239 -16.49 -4.06 28.00
C TYR A 239 -15.56 -5.29 27.93
N LEU A 240 -14.31 -5.02 28.22
CA LEU A 240 -13.26 -5.99 28.17
C LEU A 240 -12.75 -6.32 29.56
N THR A 241 -12.50 -7.59 29.83
CA THR A 241 -11.75 -7.97 31.04
C THR A 241 -10.38 -8.42 30.56
N THR A 242 -9.43 -8.46 31.51
CA THR A 242 -8.11 -9.05 31.27
C THR A 242 -8.00 -10.26 32.16
N LYS A 243 -7.06 -11.15 31.82
CA LYS A 243 -6.85 -12.42 32.54
C LYS A 243 -5.90 -12.25 33.72
N GLU B 1 -37.58 -4.79 37.99
CA GLU B 1 -36.93 -3.45 38.12
C GLU B 1 -35.70 -3.55 38.94
N VAL B 2 -34.81 -2.58 38.75
CA VAL B 2 -33.54 -2.56 39.44
C VAL B 2 -33.70 -2.19 40.91
N ASN B 3 -33.65 -3.18 41.82
CA ASN B 3 -33.67 -2.93 43.27
C ASN B 3 -32.29 -3.04 43.91
N LEU B 4 -32.02 -2.18 44.89
CA LEU B 4 -30.82 -2.17 45.68
C LEU B 4 -31.23 -1.87 47.12
N ILE B 5 -31.13 -2.85 48.01
CA ILE B 5 -31.68 -2.74 49.35
C ILE B 5 -30.56 -2.95 50.36
N GLU B 6 -29.93 -1.87 50.79
CA GLU B 6 -28.81 -1.95 51.75
C GLU B 6 -29.31 -2.32 53.14
N SER B 7 -28.49 -3.06 53.88
CA SER B 7 -28.72 -3.26 55.28
C SER B 7 -27.38 -3.38 55.98
N GLY B 8 -27.43 -3.29 57.30
CA GLY B 8 -26.30 -3.62 58.16
C GLY B 8 -25.75 -2.42 58.91
N GLY B 9 -26.26 -1.24 58.61
CA GLY B 9 -25.90 -0.04 59.32
C GLY B 9 -26.06 -0.23 60.80
N ASP B 10 -25.22 0.42 61.58
CA ASP B 10 -25.28 0.25 63.03
C ASP B 10 -24.38 1.29 63.69
N LEU B 11 -24.47 1.38 65.01
CA LEU B 11 -23.46 2.09 65.80
C LEU B 11 -22.36 1.11 66.17
N VAL B 12 -21.11 1.55 66.02
CA VAL B 12 -19.96 0.73 66.36
C VAL B 12 -18.95 1.55 67.13
N LYS B 13 -18.09 0.90 67.90
CA LYS B 13 -17.00 1.58 68.58
C LYS B 13 -15.83 1.83 67.65
N PRO B 14 -15.10 2.94 67.88
CA PRO B 14 -13.82 3.15 67.19
C PRO B 14 -12.96 1.90 67.28
N GLY B 15 -12.48 1.45 66.13
CA GLY B 15 -11.69 0.22 66.07
C GLY B 15 -12.48 -1.04 65.73
N GLY B 16 -13.80 -0.98 65.76
CA GLY B 16 -14.63 -2.17 65.50
C GLY B 16 -14.89 -2.51 64.02
N SER B 17 -15.79 -3.46 63.81
CA SER B 17 -16.04 -3.97 62.46
C SER B 17 -17.53 -4.03 62.13
N LEU B 18 -17.87 -3.84 60.86
CA LEU B 18 -19.26 -3.90 60.43
C LEU B 18 -19.32 -4.49 59.05
N LYS B 19 -20.40 -5.24 58.77
CA LYS B 19 -20.63 -5.81 57.44
C LYS B 19 -21.92 -5.21 56.91
N LEU B 20 -21.80 -4.52 55.79
CA LEU B 20 -22.99 -3.97 55.10
C LEU B 20 -23.41 -4.92 53.92
N SER B 21 -24.69 -4.93 53.61
CA SER B 21 -25.18 -5.78 52.53
C SER B 21 -26.04 -5.01 51.55
N CYS B 22 -26.18 -5.56 50.36
CA CYS B 22 -27.07 -4.99 49.35
C CYS B 22 -27.73 -6.16 48.55
N ALA B 23 -28.92 -6.57 48.96
CA ALA B 23 -29.70 -7.55 48.22
C ALA B 23 -30.15 -6.85 46.93
N THR B 24 -29.68 -7.33 45.79
CA THR B 24 -30.03 -6.68 44.51
C THR B 24 -31.07 -7.53 43.81
N SER B 25 -31.79 -6.94 42.88
CA SER B 25 -32.64 -7.71 41.97
C SER B 25 -33.00 -6.91 40.71
N GLY B 26 -33.56 -7.64 39.76
CA GLY B 26 -34.06 -7.06 38.54
C GLY B 26 -33.00 -6.81 37.51
N PHE B 27 -31.81 -7.36 37.70
CA PHE B 27 -30.82 -7.27 36.68
C PHE B 27 -29.85 -8.37 36.90
N THR B 28 -29.16 -8.75 35.81
CA THR B 28 -28.08 -9.73 35.90
C THR B 28 -26.97 -9.18 36.76
N PHE B 29 -26.85 -9.75 37.95
CA PHE B 29 -25.91 -9.32 38.99
C PHE B 29 -24.44 -9.28 38.57
N SER B 30 -24.00 -10.21 37.78
CA SER B 30 -22.56 -10.36 37.59
C SER B 30 -22.05 -9.39 36.52
N ALA B 31 -22.98 -8.77 35.82
CA ALA B 31 -22.70 -7.97 34.63
C ALA B 31 -22.44 -6.49 34.91
N TYR B 32 -22.35 -6.06 36.18
CA TYR B 32 -22.37 -4.63 36.51
C TYR B 32 -21.31 -4.18 37.51
N GLY B 33 -20.86 -2.95 37.28
CA GLY B 33 -19.99 -2.23 38.17
C GLY B 33 -20.92 -1.91 39.30
N LEU B 34 -20.50 -2.32 40.49
CA LEU B 34 -21.25 -2.10 41.71
C LEU B 34 -20.30 -1.44 42.71
N SER B 35 -20.76 -0.40 43.38
CA SER B 35 -19.84 0.38 44.22
C SER B 35 -20.59 0.79 45.46
N TRP B 36 -19.82 1.19 46.49
CA TRP B 36 -20.37 1.88 47.63
C TRP B 36 -19.92 3.33 47.59
N VAL B 37 -20.86 4.23 47.76
CA VAL B 37 -20.55 5.62 47.99
C VAL B 37 -21.18 6.06 49.31
N ARG B 38 -20.48 6.87 50.08
CA ARG B 38 -21.00 7.36 51.34
C ARG B 38 -21.22 8.87 51.38
N GLN B 39 -22.13 9.25 52.27
CA GLN B 39 -22.43 10.65 52.51
C GLN B 39 -22.09 11.01 53.96
N THR B 40 -21.17 11.94 54.14
CA THR B 40 -20.68 12.34 55.46
C THR B 40 -21.70 13.27 56.09
N PRO B 41 -21.58 13.50 57.39
CA PRO B 41 -22.56 14.37 58.04
C PRO B 41 -22.50 15.83 57.54
N GLU B 42 -21.36 16.24 56.97
CA GLU B 42 -21.21 17.55 56.32
C GLU B 42 -21.71 17.53 54.87
N ARG B 43 -22.33 16.43 54.47
CA ARG B 43 -22.94 16.35 53.14
C ARG B 43 -21.90 16.27 52.02
N ARG B 44 -20.74 15.67 52.28
CA ARG B 44 -19.84 15.27 51.21
C ARG B 44 -20.12 13.84 50.73
N LEU B 45 -20.11 13.63 49.43
CA LEU B 45 -20.14 12.30 48.89
C LEU B 45 -18.70 11.87 48.71
N GLU B 46 -18.35 10.64 49.12
CA GLU B 46 -17.04 10.07 48.80
C GLU B 46 -17.13 8.65 48.27
N TRP B 47 -16.48 8.38 47.15
CA TRP B 47 -16.31 7.02 46.65
C TRP B 47 -15.48 6.16 47.60
N VAL B 48 -15.99 4.95 47.88
CA VAL B 48 -15.54 4.11 48.97
C VAL B 48 -14.95 2.80 48.49
N ALA B 49 -15.51 2.25 47.42
CA ALA B 49 -15.07 0.97 46.92
C ALA B 49 -15.92 0.58 45.73
N SER B 50 -15.31 -0.09 44.75
CA SER B 50 -15.99 -0.59 43.54
C SER B 50 -15.59 -2.00 43.24
N ILE B 51 -16.53 -2.78 42.71
CA ILE B 51 -16.23 -4.14 42.17
C ILE B 51 -16.72 -4.29 40.72
N SER B 52 -15.83 -4.59 39.80
CA SER B 52 -16.21 -4.71 38.39
C SER B 52 -17.04 -6.00 38.16
N GLY B 53 -17.82 -6.03 37.07
CA GLY B 53 -18.55 -7.25 36.74
C GLY B 53 -17.69 -8.51 36.88
N GLY B 54 -16.39 -8.36 36.56
CA GLY B 54 -15.49 -9.47 36.43
C GLY B 54 -14.70 -9.73 37.68
N GLY B 55 -14.95 -8.97 38.72
CA GLY B 55 -14.36 -9.26 40.06
C GLY B 55 -13.19 -8.41 40.52
N SER B 56 -12.81 -7.42 39.71
CA SER B 56 -11.74 -6.55 40.07
C SER B 56 -12.22 -5.51 41.07
N VAL B 57 -11.44 -5.31 42.11
CA VAL B 57 -11.87 -4.45 43.18
C VAL B 57 -11.02 -3.19 43.17
N TYR B 58 -11.61 -2.05 43.56
CA TYR B 58 -10.85 -0.81 43.64
C TYR B 58 -11.22 -0.02 44.90
N TYR B 59 -10.22 0.63 45.51
CA TYR B 59 -10.38 1.42 46.72
C TYR B 59 -9.58 2.73 46.67
N PRO B 60 -10.10 3.79 47.36
CA PRO B 60 -9.34 5.01 47.62
C PRO B 60 -8.30 4.76 48.70
N ASP B 61 -7.17 5.45 48.64
CA ASP B 61 -6.08 5.16 49.57
C ASP B 61 -6.56 5.11 51.03
N SER B 62 -7.49 6.00 51.38
CA SER B 62 -7.91 6.15 52.76
C SER B 62 -8.68 4.96 53.35
N VAL B 63 -9.17 4.03 52.54
CA VAL B 63 -9.81 2.85 53.13
C VAL B 63 -9.01 1.59 52.88
N LYS B 64 -7.99 1.62 52.05
CA LYS B 64 -7.41 0.32 51.68
C LYS B 64 -6.81 -0.35 52.92
N GLY B 65 -6.82 -1.68 52.92
CA GLY B 65 -6.33 -2.45 54.03
C GLY B 65 -7.33 -2.57 55.17
N ARG B 66 -8.35 -1.73 55.17
CA ARG B 66 -9.42 -1.78 56.17
C ARG B 66 -10.76 -2.23 55.58
N PHE B 67 -11.03 -1.91 54.32
CA PHE B 67 -12.33 -2.21 53.73
C PHE B 67 -12.18 -3.27 52.62
N THR B 68 -13.22 -4.09 52.50
CA THR B 68 -13.31 -5.13 51.49
C THR B 68 -14.72 -5.22 50.94
N ILE B 69 -14.83 -5.03 49.65
CA ILE B 69 -16.05 -5.19 48.90
C ILE B 69 -16.03 -6.57 48.28
N SER B 70 -17.21 -7.20 48.23
CA SER B 70 -17.29 -8.57 47.68
C SER B 70 -18.69 -8.93 47.32
N ARG B 71 -18.79 -10.02 46.58
CA ARG B 71 -20.04 -10.45 46.03
C ARG B 71 -20.35 -11.90 46.37
N ASP B 72 -21.62 -12.15 46.73
CA ASP B 72 -22.25 -13.46 46.79
C ASP B 72 -23.02 -13.63 45.48
N THR B 73 -22.44 -14.38 44.53
CA THR B 73 -23.00 -14.48 43.19
C THR B 73 -24.21 -15.43 43.09
N ALA B 74 -24.38 -16.28 44.10
CA ALA B 74 -25.53 -17.17 44.20
C ALA B 74 -26.79 -16.41 44.61
N GLY B 75 -26.61 -15.40 45.45
CA GLY B 75 -27.72 -14.75 46.15
C GLY B 75 -27.91 -13.31 45.76
N ASP B 76 -27.08 -12.80 44.87
CA ASP B 76 -27.11 -11.40 44.43
C ASP B 76 -26.89 -10.45 45.59
N ILE B 77 -25.91 -10.73 46.43
CA ILE B 77 -25.66 -9.82 47.53
C ILE B 77 -24.30 -9.17 47.39
N LEU B 78 -24.31 -7.85 47.41
CA LEU B 78 -23.10 -7.04 47.40
C LEU B 78 -22.79 -6.70 48.83
N PHE B 79 -21.57 -6.96 49.28
CA PHE B 79 -21.16 -6.75 50.69
C PHE B 79 -20.06 -5.68 50.80
N LEU B 80 -20.03 -4.92 51.89
CA LEU B 80 -18.84 -4.11 52.23
C LEU B 80 -18.42 -4.43 53.64
N GLN B 81 -17.31 -5.15 53.79
CA GLN B 81 -16.77 -5.41 55.11
C GLN B 81 -15.83 -4.27 55.50
N MET B 82 -16.05 -3.75 56.70
CA MET B 82 -15.32 -2.61 57.20
C MET B 82 -14.66 -2.96 58.53
N ASN B 83 -13.35 -2.89 58.57
CA ASN B 83 -12.58 -3.14 59.78
C ASN B 83 -11.85 -1.90 60.25
N SER B 84 -11.48 -1.86 61.53
CA SER B 84 -10.73 -0.73 62.09
C SER B 84 -11.37 0.64 61.78
N LEU B 85 -12.64 0.79 62.13
CA LEU B 85 -13.38 2.01 61.82
C LEU B 85 -12.96 3.20 62.70
N ARG B 86 -13.07 4.38 62.09
CA ARG B 86 -12.73 5.64 62.73
C ARG B 86 -13.97 6.54 62.75
N SER B 87 -13.97 7.54 63.61
CA SER B 87 -15.05 8.54 63.63
C SER B 87 -15.36 9.06 62.22
N GLU B 88 -14.29 9.40 61.49
CA GLU B 88 -14.40 9.83 60.09
C GLU B 88 -15.15 8.88 59.17
N ASP B 89 -15.25 7.61 59.52
CA ASP B 89 -16.03 6.69 58.69
C ASP B 89 -17.58 6.79 58.86
N SER B 90 -18.05 7.60 59.80
CA SER B 90 -19.50 7.80 60.03
C SER B 90 -20.22 8.44 58.86
N ALA B 91 -21.24 7.80 58.32
CA ALA B 91 -21.91 8.30 57.12
C ALA B 91 -23.14 7.49 56.73
N ILE B 92 -23.91 8.00 55.77
CA ILE B 92 -24.92 7.17 55.08
C ILE B 92 -24.16 6.48 53.97
N TYR B 93 -24.26 5.14 53.93
CA TYR B 93 -23.51 4.32 52.95
C TYR B 93 -24.50 3.88 51.94
N TYR B 94 -24.20 4.20 50.69
CA TYR B 94 -25.07 3.88 49.58
C TYR B 94 -24.49 2.82 48.69
N CYS B 95 -25.33 1.86 48.33
CA CYS B 95 -25.05 0.90 47.32
C CYS B 95 -25.42 1.52 45.98
N VAL B 96 -24.56 1.36 44.97
CA VAL B 96 -24.83 1.89 43.63
C VAL B 96 -24.47 0.99 42.43
N ARG B 97 -25.16 1.19 41.30
CA ARG B 97 -24.93 0.37 40.08
C ARG B 97 -24.79 1.23 38.84
N ASP B 98 -23.96 0.76 37.91
CA ASP B 98 -23.74 1.44 36.65
C ASP B 98 -24.99 1.52 35.83
N LEU B 99 -24.94 2.38 34.84
CA LEU B 99 -26.07 2.60 33.96
C LEU B 99 -26.26 1.44 33.00
N TYR B 100 -25.17 0.99 32.36
CA TYR B 100 -25.23 0.00 31.24
C TYR B 100 -24.49 -1.32 31.43
N GLY B 101 -23.29 -1.28 32.01
CA GLY B 101 -22.50 -2.50 32.26
C GLY B 101 -21.23 -2.37 33.08
N ASP B 102 -20.16 -2.97 32.60
CA ASP B 102 -18.94 -3.09 33.37
C ASP B 102 -18.15 -1.77 33.42
N TYR B 103 -18.54 -0.87 34.30
CA TYR B 103 -17.85 0.43 34.44
C TYR B 103 -18.15 0.81 35.83
N VAL B 104 -17.12 1.06 36.62
CA VAL B 104 -17.34 1.26 38.06
C VAL B 104 -17.42 2.73 38.52
N GLY B 105 -17.55 3.69 37.62
CA GLY B 105 -17.56 5.12 37.98
C GLY B 105 -18.77 5.96 37.50
N ARG B 106 -19.93 5.36 37.38
CA ARG B 106 -21.13 6.10 36.98
C ARG B 106 -22.33 5.59 37.78
N TYR B 107 -22.87 6.36 38.71
CA TYR B 107 -23.84 5.81 39.68
C TYR B 107 -25.26 6.13 39.26
N ALA B 108 -25.83 5.18 38.51
CA ALA B 108 -27.15 5.36 37.86
C ALA B 108 -28.31 4.87 38.68
N TYR B 109 -28.05 3.96 39.62
CA TYR B 109 -29.10 3.44 40.53
C TYR B 109 -28.53 3.46 41.94
N TRP B 110 -29.33 3.99 42.87
CA TRP B 110 -28.84 4.15 44.25
C TRP B 110 -29.81 3.48 45.15
N GLY B 111 -29.30 2.82 46.19
CA GLY B 111 -30.14 2.36 47.29
C GLY B 111 -30.50 3.52 48.21
N GLN B 112 -31.44 3.29 49.11
CA GLN B 112 -31.86 4.26 50.12
C GLN B 112 -30.77 4.46 51.18
N GLY B 113 -29.76 3.61 51.15
CA GLY B 113 -28.63 3.75 52.08
C GLY B 113 -28.84 3.16 53.49
N THR B 114 -27.82 3.30 54.30
CA THR B 114 -27.79 2.65 55.58
C THR B 114 -26.81 3.42 56.47
N LEU B 115 -27.32 3.94 57.59
CA LEU B 115 -26.55 4.77 58.50
C LEU B 115 -25.52 3.97 59.26
N VAL B 116 -24.28 4.42 59.23
CA VAL B 116 -23.22 3.83 60.04
C VAL B 116 -22.73 4.92 60.95
N ILE B 117 -22.70 4.66 62.26
CA ILE B 117 -22.17 5.59 63.26
C ILE B 117 -20.98 4.95 64.00
N VAL B 118 -19.83 5.60 63.97
CA VAL B 118 -18.66 5.13 64.72
C VAL B 118 -18.37 6.08 65.87
N SER B 119 -18.61 5.60 67.09
CA SER B 119 -18.57 6.43 68.25
C SER B 119 -18.47 5.59 69.51
N ALA B 120 -17.80 6.13 70.53
CA ALA B 120 -17.69 5.50 71.89
C ALA B 120 -18.90 5.76 72.79
N ALA B 121 -19.80 6.65 72.39
CA ALA B 121 -20.98 6.98 73.19
C ALA B 121 -21.89 5.78 73.36
N LYS B 122 -22.68 5.82 74.41
CA LYS B 122 -23.44 4.65 74.82
C LYS B 122 -24.89 4.82 74.39
N THR B 123 -25.45 3.75 73.85
CA THR B 123 -26.84 3.71 73.44
C THR B 123 -27.71 4.12 74.61
N THR B 124 -28.59 5.10 74.37
CA THR B 124 -29.51 5.58 75.38
C THR B 124 -30.86 5.75 74.72
N PRO B 125 -31.91 5.14 75.29
CA PRO B 125 -33.27 5.33 74.78
C PRO B 125 -33.74 6.76 75.04
N PRO B 126 -34.73 7.26 74.29
CA PRO B 126 -35.20 8.61 74.49
C PRO B 126 -36.31 8.73 75.53
N SER B 127 -36.33 9.88 76.18
CA SER B 127 -37.46 10.31 76.95
C SER B 127 -38.37 11.01 75.96
N VAL B 128 -39.65 10.65 75.96
CA VAL B 128 -40.60 11.32 75.07
C VAL B 128 -41.64 12.11 75.86
N TYR B 129 -41.73 13.39 75.52
CA TYR B 129 -42.54 14.33 76.28
C TYR B 129 -43.58 15.01 75.41
N PRO B 130 -44.82 15.01 75.84
CA PRO B 130 -45.87 15.79 75.15
C PRO B 130 -45.67 17.31 75.29
N LEU B 131 -45.99 18.04 74.23
CA LEU B 131 -45.99 19.50 74.20
C LEU B 131 -47.40 19.95 73.80
N ALA B 132 -48.21 20.25 74.81
CA ALA B 132 -49.58 20.76 74.66
C ALA B 132 -49.52 22.19 75.05
N PRO B 133 -50.47 23.00 74.55
CA PRO B 133 -50.65 24.31 75.12
C PRO B 133 -50.83 24.25 76.64
N SER B 141 -58.43 28.39 65.15
CA SER B 141 -59.11 27.32 64.33
C SER B 141 -58.27 26.11 63.80
N MET B 142 -56.96 26.20 63.79
CA MET B 142 -56.09 25.01 63.90
C MET B 142 -55.34 25.11 65.25
N VAL B 143 -54.97 23.97 65.86
CA VAL B 143 -54.03 23.98 66.98
C VAL B 143 -52.74 23.26 66.65
N THR B 144 -51.64 23.69 67.27
CA THR B 144 -50.37 23.02 67.14
C THR B 144 -50.05 22.30 68.45
N LEU B 145 -49.83 21.00 68.33
CA LEU B 145 -49.36 20.21 69.43
C LEU B 145 -47.95 19.76 69.02
N GLY B 146 -47.18 19.22 69.97
CA GLY B 146 -45.83 18.74 69.63
C GLY B 146 -45.39 17.64 70.52
N CYS B 147 -44.34 16.93 70.14
CA CYS B 147 -43.61 16.18 71.18
C CYS B 147 -42.11 16.33 71.06
N LEU B 148 -41.46 16.19 72.20
CA LEU B 148 -40.05 16.42 72.35
C LEU B 148 -39.38 15.13 72.68
N VAL B 149 -38.47 14.72 71.82
CA VAL B 149 -37.78 13.43 71.99
C VAL B 149 -36.33 13.77 72.32
N LYS B 150 -35.99 13.49 73.57
CA LYS B 150 -34.84 14.06 74.20
C LYS B 150 -33.93 12.98 74.82
N GLY B 151 -32.64 13.21 74.71
CA GLY B 151 -31.65 12.37 75.34
C GLY B 151 -31.46 10.98 74.77
N TYR B 152 -31.48 10.83 73.44
CA TYR B 152 -31.17 9.52 72.83
C TYR B 152 -29.83 9.46 72.12
N PHE B 153 -29.37 8.24 71.91
CA PHE B 153 -28.22 7.96 71.07
C PHE B 153 -28.22 6.49 70.68
N PRO B 154 -27.83 6.19 69.44
CA PRO B 154 -27.52 7.08 68.33
C PRO B 154 -28.76 7.41 67.53
N GLU B 155 -28.57 8.01 66.36
CA GLU B 155 -29.69 8.19 65.41
C GLU B 155 -29.99 6.90 64.69
N PRO B 156 -31.20 6.79 64.17
CA PRO B 156 -32.25 7.77 64.28
C PRO B 156 -33.43 7.37 65.13
N VAL B 157 -34.28 8.33 65.40
CA VAL B 157 -35.64 8.04 65.83
C VAL B 157 -36.54 8.31 64.65
N THR B 158 -37.63 7.59 64.55
CA THR B 158 -38.67 8.02 63.63
C THR B 158 -39.90 8.37 64.46
N VAL B 159 -40.60 9.43 64.04
CA VAL B 159 -41.75 9.97 64.72
C VAL B 159 -42.92 9.98 63.76
N THR B 160 -44.05 9.45 64.20
CA THR B 160 -45.30 9.59 63.47
C THR B 160 -46.38 10.10 64.39
N TRP B 161 -47.49 10.53 63.81
CA TRP B 161 -48.67 11.00 64.53
C TRP B 161 -49.92 10.22 64.15
N ASN B 162 -50.67 9.79 65.16
CA ASN B 162 -51.78 8.84 65.00
C ASN B 162 -51.47 7.81 63.91
N SER B 163 -50.26 7.24 63.97
CA SER B 163 -49.75 6.33 62.93
C SER B 163 -49.93 6.91 61.51
N GLY B 164 -49.39 8.08 61.22
CA GLY B 164 -49.53 8.64 59.88
C GLY B 164 -50.91 9.19 59.49
N SER B 165 -51.98 8.78 60.18
CA SER B 165 -53.34 9.29 59.89
C SER B 165 -53.24 10.79 59.70
N LEU B 166 -52.46 11.41 60.56
CA LEU B 166 -52.02 12.80 60.36
C LEU B 166 -50.66 12.75 59.66
N SER B 167 -50.51 13.54 58.61
CA SER B 167 -49.25 13.60 57.88
C SER B 167 -49.19 14.95 57.15
N SER B 168 -50.34 15.39 56.67
CA SER B 168 -50.52 16.80 56.44
C SER B 168 -50.06 17.59 57.66
N GLY B 169 -49.27 18.62 57.41
CA GLY B 169 -48.99 19.57 58.47
C GLY B 169 -48.27 18.94 59.63
N VAL B 170 -47.31 18.04 59.38
CA VAL B 170 -46.35 17.65 60.40
C VAL B 170 -45.01 18.33 60.13
N HIS B 171 -44.27 18.64 61.17
CA HIS B 171 -42.90 19.08 60.99
C HIS B 171 -42.07 18.30 61.96
N THR B 172 -41.11 17.56 61.43
CA THR B 172 -40.09 16.89 62.23
C THR B 172 -38.72 17.51 61.93
N PHE B 173 -38.05 18.05 62.94
CA PHE B 173 -36.82 18.80 62.78
C PHE B 173 -35.60 17.93 62.96
N PRO B 174 -34.52 18.24 62.25
CA PRO B 174 -33.28 17.50 62.51
C PRO B 174 -32.93 17.52 63.99
N ALA B 175 -32.57 16.35 64.51
CA ALA B 175 -32.01 16.24 65.87
C ALA B 175 -30.74 17.05 65.96
N VAL B 176 -30.41 17.39 67.19
CA VAL B 176 -29.18 18.12 67.45
C VAL B 176 -28.50 17.54 68.68
N LEU B 177 -27.18 17.41 68.59
CA LEU B 177 -26.35 16.65 69.53
C LEU B 177 -25.93 17.63 70.65
N GLN B 178 -25.84 17.10 71.87
CA GLN B 178 -25.44 17.91 73.02
C GLN B 178 -24.97 16.98 74.11
N SER B 179 -23.73 17.15 74.53
CA SER B 179 -23.15 16.28 75.55
C SER B 179 -23.44 14.81 75.23
N ASP B 180 -23.15 14.38 74.02
CA ASP B 180 -23.28 12.96 73.65
C ASP B 180 -24.71 12.42 73.52
N LEU B 181 -25.74 13.24 73.71
CA LEU B 181 -27.12 12.78 73.46
C LEU B 181 -27.75 13.65 72.39
N TYR B 182 -28.69 13.10 71.63
CA TYR B 182 -29.50 13.86 70.64
C TYR B 182 -30.87 14.28 71.17
N THR B 183 -31.40 15.36 70.60
CA THR B 183 -32.77 15.84 70.86
C THR B 183 -33.41 16.32 69.55
N LEU B 184 -34.64 15.88 69.28
CA LEU B 184 -35.42 16.48 68.23
C LEU B 184 -36.83 16.87 68.69
N SER B 185 -37.50 17.61 67.85
CA SER B 185 -38.86 18.00 68.16
C SER B 185 -39.73 17.74 66.97
N SER B 186 -41.02 17.60 67.23
CA SER B 186 -41.95 17.30 66.19
C SER B 186 -43.23 18.08 66.52
N SER B 187 -43.84 18.64 65.49
CA SER B 187 -45.04 19.45 65.67
C SER B 187 -46.04 18.98 64.64
N VAL B 188 -47.30 19.01 65.09
CA VAL B 188 -48.45 18.70 64.27
C VAL B 188 -49.56 19.77 64.49
N THR B 189 -50.26 20.11 63.40
CA THR B 189 -51.40 20.98 63.42
C THR B 189 -52.65 20.20 63.17
N VAL B 190 -53.69 20.42 63.98
CA VAL B 190 -54.96 19.75 63.78
C VAL B 190 -56.08 20.77 63.87
N PRO B 191 -57.23 20.47 63.27
CA PRO B 191 -58.32 21.43 63.46
C PRO B 191 -58.62 21.52 64.96
N SER B 192 -58.72 22.74 65.46
CA SER B 192 -58.95 22.97 66.88
C SER B 192 -60.33 22.56 67.40
N SER B 193 -61.28 22.29 66.52
CA SER B 193 -62.55 21.84 67.02
C SER B 193 -62.59 20.34 67.29
N THR B 194 -61.47 19.63 67.06
CA THR B 194 -61.35 18.19 67.30
C THR B 194 -60.58 17.78 68.56
N TRP B 195 -59.60 18.60 68.95
CA TRP B 195 -58.68 18.26 70.03
C TRP B 195 -59.03 19.11 71.23
N PRO B 196 -59.03 18.52 72.43
CA PRO B 196 -58.61 17.17 72.89
C PRO B 196 -59.64 16.03 72.83
N SER B 197 -60.91 16.33 72.53
CA SER B 197 -61.96 15.32 72.42
C SER B 197 -61.56 14.13 71.57
N GLU B 198 -60.92 14.42 70.45
CA GLU B 198 -60.27 13.39 69.67
C GLU B 198 -58.76 13.33 69.96
N THR B 199 -58.31 12.14 70.28
CA THR B 199 -56.92 11.88 70.71
C THR B 199 -55.86 12.14 69.64
N VAL B 200 -54.71 12.58 70.07
CA VAL B 200 -53.58 12.81 69.20
C VAL B 200 -52.39 12.28 69.94
N THR B 201 -51.73 11.31 69.33
CA THR B 201 -50.67 10.57 69.98
C THR B 201 -49.50 10.73 69.09
N CYS B 202 -48.32 10.91 69.65
CA CYS B 202 -47.11 10.78 68.86
C CYS B 202 -46.46 9.44 69.19
N ASN B 203 -46.19 8.70 68.13
CA ASN B 203 -45.52 7.39 68.19
C ASN B 203 -44.06 7.64 67.89
N VAL B 204 -43.22 7.37 68.86
CA VAL B 204 -41.77 7.51 68.70
C VAL B 204 -41.17 6.10 68.68
N ALA B 205 -40.28 5.85 67.72
CA ALA B 205 -39.55 4.56 67.60
C ALA B 205 -38.03 4.82 67.62
N HIS B 206 -37.28 3.97 68.27
CA HIS B 206 -35.81 4.07 68.31
C HIS B 206 -35.23 2.67 68.33
N PRO B 207 -35.01 2.08 67.15
CA PRO B 207 -34.68 0.68 67.05
C PRO B 207 -33.38 0.35 67.74
N ALA B 208 -32.44 1.28 67.78
CA ALA B 208 -31.16 1.07 68.47
C ALA B 208 -31.32 0.56 69.92
N SER B 209 -32.48 0.83 70.52
CA SER B 209 -32.80 0.41 71.90
C SER B 209 -34.20 -0.20 72.00
N SER B 210 -34.66 -0.84 70.91
CA SER B 210 -35.95 -1.52 70.85
C SER B 210 -37.10 -0.76 71.51
N THR B 211 -37.17 0.54 71.30
CA THR B 211 -38.19 1.36 71.93
C THR B 211 -39.28 1.67 70.96
N LYS B 212 -40.52 1.44 71.34
CA LYS B 212 -41.67 2.10 70.72
C LYS B 212 -42.53 2.66 71.85
N VAL B 213 -42.93 3.91 71.71
CA VAL B 213 -43.72 4.56 72.73
C VAL B 213 -44.79 5.42 72.09
N ASP B 214 -46.01 5.35 72.63
CA ASP B 214 -47.16 6.06 72.10
C ASP B 214 -47.66 7.08 73.12
N LYS B 215 -47.25 8.33 72.94
CA LYS B 215 -47.53 9.40 73.91
C LYS B 215 -48.76 10.25 73.59
N LYS B 216 -49.85 10.00 74.30
CA LYS B 216 -51.09 10.76 74.12
C LYS B 216 -50.85 12.22 74.46
N ILE B 217 -51.22 13.14 73.60
CA ILE B 217 -51.01 14.55 73.90
C ILE B 217 -52.24 15.09 74.66
N VAL B 218 -52.14 15.17 75.99
CA VAL B 218 -53.28 15.45 76.88
C VAL B 218 -53.22 16.92 77.34
N PRO B 219 -54.38 17.60 77.42
CA PRO B 219 -54.37 19.01 77.74
C PRO B 219 -53.99 19.30 79.17
N ARG B 220 -53.39 20.46 79.39
CA ARG B 220 -53.18 21.02 80.76
C ARG B 220 -54.44 21.76 81.14
N ASP C 1 -4.83 13.45 44.08
CA ASP C 1 -6.13 13.22 43.41
C ASP C 1 -6.58 14.44 42.60
N ILE C 2 -7.57 14.20 41.74
CA ILE C 2 -8.25 15.23 40.98
C ILE C 2 -9.32 15.93 41.84
N VAL C 3 -9.13 17.21 42.13
CA VAL C 3 -10.07 17.94 43.00
C VAL C 3 -11.11 18.65 42.16
N MET C 4 -12.37 18.37 42.41
CA MET C 4 -13.48 19.02 41.74
C MET C 4 -13.92 20.15 42.66
N THR C 5 -14.21 21.32 42.07
CA THR C 5 -14.58 22.55 42.78
C THR C 5 -15.84 23.11 42.14
N GLN C 6 -16.90 23.26 42.92
CA GLN C 6 -18.18 23.71 42.33
C GLN C 6 -18.45 25.13 42.63
N SER C 7 -19.16 25.81 41.73
CA SER C 7 -19.47 27.22 41.90
C SER C 7 -20.87 27.61 41.44
N PRO C 8 -21.49 28.57 42.12
CA PRO C 8 -21.20 29.01 43.46
C PRO C 8 -21.62 27.94 44.47
N ALA C 9 -21.34 28.14 45.76
CA ALA C 9 -21.80 27.24 46.82
C ALA C 9 -23.35 27.17 46.92
N THR C 10 -24.03 28.30 46.83
CA THR C 10 -25.48 28.38 46.86
C THR C 10 -25.99 29.21 45.69
N LEU C 11 -27.16 28.83 45.15
CA LEU C 11 -27.85 29.61 44.12
C LEU C 11 -29.19 29.96 44.66
N SER C 12 -29.71 31.12 44.32
CA SER C 12 -31.07 31.48 44.71
C SER C 12 -31.84 31.89 43.47
N VAL C 13 -32.69 31.00 42.97
CA VAL C 13 -33.33 31.24 41.67
C VAL C 13 -34.84 31.46 41.76
N THR C 14 -35.36 32.24 40.84
CA THR C 14 -36.79 32.42 40.66
C THR C 14 -37.32 31.31 39.75
N PRO C 15 -38.48 30.72 40.09
CA PRO C 15 -39.01 29.68 39.21
C PRO C 15 -39.22 30.23 37.84
N GLY C 16 -38.91 29.43 36.83
CA GLY C 16 -38.95 29.85 35.44
C GLY C 16 -37.63 30.30 34.82
N ASP C 17 -36.63 30.58 35.62
CA ASP C 17 -35.39 31.16 35.12
C ASP C 17 -34.52 30.05 34.63
N ARG C 18 -33.61 30.42 33.74
CA ARG C 18 -32.58 29.53 33.20
C ARG C 18 -31.31 29.76 34.00
N VAL C 19 -30.81 28.70 34.58
CA VAL C 19 -29.82 28.78 35.63
C VAL C 19 -28.64 27.85 35.38
N SER C 20 -27.51 28.21 35.96
CA SER C 20 -26.25 27.64 35.56
C SER C 20 -25.34 27.39 36.78
N LEU C 21 -24.80 26.18 36.79
CA LEU C 21 -23.92 25.69 37.83
C LEU C 21 -22.61 25.24 37.17
N SER C 22 -21.51 25.56 37.80
CA SER C 22 -20.20 25.35 37.21
C SER C 22 -19.34 24.36 38.04
N CYS C 23 -18.48 23.63 37.33
CA CYS C 23 -17.57 22.64 37.96
C CYS C 23 -16.20 22.71 37.25
N ARG C 24 -15.13 23.05 37.97
CA ARG C 24 -13.80 23.07 37.43
C ARG C 24 -12.98 21.95 38.04
N ALA C 25 -12.26 21.18 37.23
CA ALA C 25 -11.39 20.11 37.74
C ALA C 25 -9.94 20.56 37.76
N SER C 26 -9.11 19.94 38.57
CA SER C 26 -7.69 20.34 38.70
C SER C 26 -6.73 19.85 37.58
N GLN C 27 -7.14 18.78 36.90
CA GLN C 27 -6.45 18.23 35.72
C GLN C 27 -7.55 18.00 34.74
N SER C 28 -7.20 17.75 33.47
CA SER C 28 -8.19 17.41 32.46
C SER C 28 -8.76 16.03 32.75
N ILE C 29 -10.03 15.83 32.47
CA ILE C 29 -10.69 14.53 32.70
C ILE C 29 -11.50 14.17 31.47
N GLY C 30 -11.18 14.79 30.33
CA GLY C 30 -11.98 14.62 29.13
C GLY C 30 -13.43 14.97 29.44
N ASP C 31 -14.33 14.11 29.01
CA ASP C 31 -15.71 14.31 29.35
C ASP C 31 -16.21 13.25 30.31
N TYR C 32 -15.29 12.58 31.00
CA TYR C 32 -15.66 11.64 32.07
C TYR C 32 -16.07 12.32 33.38
N LEU C 33 -17.11 13.14 33.28
CA LEU C 33 -17.65 13.97 34.34
C LEU C 33 -19.17 13.72 34.41
N HIS C 34 -19.68 13.28 35.56
CA HIS C 34 -21.11 13.03 35.69
C HIS C 34 -21.76 13.95 36.75
N TRP C 35 -23.04 14.24 36.53
CA TRP C 35 -23.78 15.15 37.39
C TRP C 35 -24.89 14.44 38.11
N TYR C 36 -25.05 14.79 39.39
CA TYR C 36 -26.04 14.18 40.27
C TYR C 36 -26.90 15.25 40.97
N GLN C 37 -28.15 14.94 41.20
CA GLN C 37 -29.05 15.76 42.02
C GLN C 37 -29.45 14.98 43.28
N GLN C 38 -29.39 15.64 44.44
CA GLN C 38 -29.93 15.07 45.68
C GLN C 38 -30.95 16.02 46.28
N LYS C 39 -32.11 15.49 46.62
CA LYS C 39 -33.21 16.24 47.20
C LYS C 39 -33.37 15.83 48.65
N SER C 40 -34.02 16.66 49.48
CA SER C 40 -34.10 16.36 50.91
C SER C 40 -34.67 15.00 51.19
N HIS C 41 -34.02 14.28 52.10
CA HIS C 41 -34.42 12.95 52.48
C HIS C 41 -34.40 11.93 51.37
N GLU C 42 -33.55 12.12 50.37
CA GLU C 42 -33.52 11.21 49.22
C GLU C 42 -32.10 10.78 48.80
N SER C 43 -31.98 9.69 48.07
CA SER C 43 -30.69 9.33 47.56
C SER C 43 -30.37 10.26 46.39
N PRO C 44 -29.08 10.51 46.13
CA PRO C 44 -28.72 11.16 44.88
C PRO C 44 -29.24 10.42 43.66
N ARG C 45 -29.36 11.15 42.57
CA ARG C 45 -29.93 10.63 41.34
C ARG C 45 -29.03 11.12 40.22
N LEU C 46 -28.66 10.24 39.29
CA LEU C 46 -27.86 10.63 38.11
C LEU C 46 -28.67 11.44 37.13
N LEU C 47 -28.17 12.62 36.81
CA LEU C 47 -28.78 13.53 35.85
C LEU C 47 -28.13 13.49 34.48
N ILE C 48 -26.81 13.50 34.47
CA ILE C 48 -26.04 13.63 33.24
C ILE C 48 -24.77 12.78 33.32
N ASN C 49 -24.48 12.05 32.27
CA ASN C 49 -23.22 11.32 32.21
C ASN C 49 -22.41 11.76 31.01
N TYR C 50 -21.10 11.61 31.14
CA TYR C 50 -20.17 12.05 30.15
C TYR C 50 -20.31 13.54 29.78
N ALA C 51 -20.48 14.38 30.80
CA ALA C 51 -20.54 15.85 30.63
C ALA C 51 -21.80 16.40 29.93
N SER C 52 -22.27 15.69 28.92
CA SER C 52 -23.37 16.17 28.10
C SER C 52 -24.34 15.12 27.63
N GLN C 53 -24.00 13.84 27.76
CA GLN C 53 -24.90 12.78 27.24
C GLN C 53 -26.05 12.68 28.23
N SER C 54 -27.27 12.84 27.77
CA SER C 54 -28.43 12.78 28.65
C SER C 54 -28.90 11.34 28.91
N ILE C 55 -29.87 11.23 29.80
CA ILE C 55 -30.27 9.98 30.45
C ILE C 55 -31.78 9.82 30.41
N SER C 56 -32.25 8.81 29.67
CA SER C 56 -33.66 8.43 29.63
C SER C 56 -34.37 8.75 30.95
N GLY C 57 -35.43 9.54 30.87
CA GLY C 57 -36.26 9.79 32.06
C GLY C 57 -35.92 11.06 32.78
N ILE C 58 -34.80 11.68 32.46
CA ILE C 58 -34.52 12.98 33.06
C ILE C 58 -35.24 14.08 32.25
N PRO C 59 -35.94 15.00 32.93
CA PRO C 59 -36.56 16.10 32.20
C PRO C 59 -35.55 16.79 31.31
N SER C 60 -35.94 17.17 30.10
CA SER C 60 -34.93 17.71 29.18
C SER C 60 -34.58 19.19 29.47
N ARG C 61 -35.01 19.69 30.62
CA ARG C 61 -34.59 21.01 31.05
C ARG C 61 -33.20 20.95 31.73
N PHE C 62 -32.71 19.74 32.01
CA PHE C 62 -31.34 19.56 32.45
C PHE C 62 -30.42 19.25 31.28
N SER C 63 -29.36 20.02 31.15
CA SER C 63 -28.36 19.71 30.17
C SER C 63 -27.01 20.16 30.63
N GLY C 64 -25.95 19.61 30.05
CA GLY C 64 -24.58 19.91 30.47
C GLY C 64 -23.70 20.16 29.28
N SER C 65 -22.62 20.89 29.50
CA SER C 65 -21.61 21.06 28.49
C SER C 65 -20.21 21.14 29.13
N GLY C 66 -19.19 21.17 28.29
CA GLY C 66 -17.83 21.38 28.75
C GLY C 66 -17.00 20.15 28.54
N SER C 67 -15.69 20.31 28.65
CA SER C 67 -14.79 19.22 28.40
C SER C 67 -13.41 19.65 28.83
N GLY C 68 -12.65 18.73 29.40
CA GLY C 68 -11.34 19.03 29.94
C GLY C 68 -11.41 19.36 31.40
N SER C 69 -11.25 20.62 31.75
CA SER C 69 -11.24 21.03 33.13
C SER C 69 -12.47 21.84 33.58
N ASP C 70 -13.29 22.31 32.63
CA ASP C 70 -14.39 23.25 32.91
C ASP C 70 -15.71 22.66 32.46
N PHE C 71 -16.66 22.55 33.36
CA PHE C 71 -17.94 21.99 33.00
C PHE C 71 -19.10 22.80 33.55
N THR C 72 -20.24 22.71 32.88
CA THR C 72 -21.43 23.50 33.23
C THR C 72 -22.74 22.71 33.15
N LEU C 73 -23.54 22.72 34.22
CA LEU C 73 -24.86 22.09 34.21
C LEU C 73 -25.85 23.20 34.03
N ILE C 74 -26.71 23.10 33.03
CA ILE C 74 -27.73 24.11 32.82
C ILE C 74 -29.08 23.55 33.23
N ILE C 75 -29.85 24.35 33.97
CA ILE C 75 -31.21 24.01 34.31
C ILE C 75 -32.06 25.07 33.64
N ASN C 76 -32.84 24.64 32.67
CA ASN C 76 -33.65 25.54 31.91
C ASN C 76 -35.03 25.57 32.54
N SER C 77 -35.65 26.73 32.61
CA SER C 77 -36.92 26.89 33.38
C SER C 77 -36.97 26.06 34.67
N VAL C 78 -36.29 26.55 35.71
CA VAL C 78 -36.21 25.87 37.02
C VAL C 78 -37.59 25.72 37.63
N GLU C 79 -37.83 24.61 38.33
CA GLU C 79 -39.12 24.38 38.98
C GLU C 79 -38.92 24.38 40.49
N PRO C 80 -39.98 24.69 41.25
CA PRO C 80 -39.78 24.66 42.68
C PRO C 80 -39.34 23.30 43.15
N GLU C 81 -39.72 22.25 42.46
CA GLU C 81 -39.32 20.89 42.88
C GLU C 81 -37.82 20.59 42.70
N ASP C 82 -37.07 21.56 42.19
CA ASP C 82 -35.64 21.39 41.93
C ASP C 82 -34.73 21.76 43.11
N VAL C 83 -35.30 22.19 44.23
CA VAL C 83 -34.45 22.52 45.35
C VAL C 83 -33.70 21.28 45.76
N GLY C 84 -32.47 21.48 46.16
CA GLY C 84 -31.65 20.40 46.65
C GLY C 84 -30.22 20.75 46.33
N VAL C 85 -29.38 19.72 46.31
CA VAL C 85 -27.96 19.91 46.21
C VAL C 85 -27.54 19.16 44.93
N TYR C 86 -26.60 19.73 44.19
CA TYR C 86 -26.16 19.20 42.90
C TYR C 86 -24.68 18.93 42.93
N TYR C 87 -24.28 17.73 42.50
CA TYR C 87 -22.88 17.31 42.61
C TYR C 87 -22.30 16.94 41.26
N CYS C 88 -21.05 17.30 41.02
CA CYS C 88 -20.29 16.74 39.88
C CYS C 88 -19.34 15.65 40.35
N GLN C 89 -18.98 14.74 39.46
CA GLN C 89 -18.09 13.63 39.82
C GLN C 89 -17.03 13.33 38.76
N ASN C 90 -15.78 13.18 39.18
CA ASN C 90 -14.72 12.66 38.31
C ASN C 90 -14.91 11.17 38.20
N GLY C 91 -15.28 10.72 37.01
CA GLY C 91 -15.39 9.30 36.67
C GLY C 91 -14.30 8.88 35.68
N HIS C 92 -13.25 9.69 35.62
CA HIS C 92 -12.20 9.49 34.65
C HIS C 92 -11.12 8.54 35.12
N SER C 93 -10.68 8.70 36.36
CA SER C 93 -9.52 8.02 36.91
C SER C 93 -9.57 8.01 38.45
N PHE C 94 -8.78 7.14 39.07
CA PHE C 94 -8.86 6.93 40.53
C PHE C 94 -7.98 7.91 41.29
N PRO C 95 -8.44 8.35 42.48
CA PRO C 95 -9.71 7.97 43.05
C PRO C 95 -10.78 8.81 42.43
N TYR C 96 -11.96 8.23 42.19
CA TYR C 96 -13.09 9.02 41.72
C TYR C 96 -13.42 10.04 42.80
N THR C 97 -13.60 11.28 42.39
CA THR C 97 -13.86 12.35 43.35
C THR C 97 -15.19 13.04 43.06
N PHE C 98 -15.80 13.61 44.10
CA PHE C 98 -17.01 14.40 43.94
C PHE C 98 -16.74 15.85 44.29
N GLY C 99 -17.32 16.76 43.54
CA GLY C 99 -17.32 18.18 43.97
C GLY C 99 -18.12 18.36 45.25
N GLY C 100 -17.96 19.46 45.96
CA GLY C 100 -18.54 19.61 47.28
C GLY C 100 -20.02 20.01 47.31
N GLY C 101 -20.66 19.99 46.17
CA GLY C 101 -22.07 20.26 46.12
C GLY C 101 -22.35 21.73 45.90
N THR C 102 -23.45 22.01 45.22
CA THR C 102 -24.01 23.36 45.12
C THR C 102 -25.47 23.32 45.50
N LYS C 103 -25.84 24.10 46.48
CA LYS C 103 -27.20 24.04 46.99
C LYS C 103 -28.09 25.00 46.18
N LEU C 104 -29.21 24.50 45.67
CA LEU C 104 -30.14 25.35 44.93
C LEU C 104 -31.32 25.68 45.80
N GLU C 105 -31.70 26.95 45.86
CA GLU C 105 -32.77 27.42 46.73
C GLU C 105 -33.75 28.22 45.88
N ILE C 106 -35.03 28.17 46.20
CA ILE C 106 -36.08 28.76 45.39
C ILE C 106 -36.51 30.05 46.00
N ARG C 107 -36.92 31.01 45.16
CA ARG C 107 -37.47 32.27 45.64
C ARG C 107 -38.97 32.25 45.54
N ARG C 108 -39.64 32.86 46.52
CA ARG C 108 -41.10 32.94 46.55
C ARG C 108 -41.57 34.15 47.33
N ALA C 109 -42.89 34.31 47.40
CA ALA C 109 -43.51 35.33 48.23
C ALA C 109 -43.05 35.21 49.69
N ASP C 110 -42.84 36.35 50.34
CA ASP C 110 -42.54 36.39 51.76
C ASP C 110 -43.72 35.84 52.54
N ALA C 111 -43.41 35.22 53.66
CA ALA C 111 -44.42 34.58 54.49
C ALA C 111 -43.96 34.63 55.92
N ALA C 112 -44.78 35.21 56.81
CA ALA C 112 -44.49 35.26 58.24
C ALA C 112 -44.63 33.87 58.89
N PRO C 113 -43.77 33.54 59.86
CA PRO C 113 -43.89 32.29 60.61
C PRO C 113 -45.15 32.21 61.45
N THR C 114 -45.54 31.01 61.80
CA THR C 114 -46.58 30.76 62.78
C THR C 114 -45.85 30.24 63.99
N VAL C 115 -46.04 30.93 65.10
CA VAL C 115 -45.22 30.74 66.27
C VAL C 115 -46.08 30.14 67.35
N SER C 116 -45.62 29.03 67.90
CA SER C 116 -46.14 28.50 69.12
C SER C 116 -45.02 28.29 70.13
N ILE C 117 -45.38 28.40 71.39
CA ILE C 117 -44.48 28.18 72.49
C ILE C 117 -45.10 27.11 73.44
N PHE C 118 -44.23 26.27 74.02
CA PHE C 118 -44.71 25.21 74.87
C PHE C 118 -43.88 25.17 76.12
N PRO C 119 -44.55 25.06 77.26
CA PRO C 119 -43.88 24.86 78.50
C PRO C 119 -43.46 23.44 78.62
N PRO C 120 -42.58 23.17 79.55
CA PRO C 120 -42.24 21.82 79.85
C PRO C 120 -43.43 21.02 80.36
N SER C 121 -43.56 19.79 79.87
CA SER C 121 -44.50 18.85 80.42
C SER C 121 -44.26 18.57 81.90
N SER C 122 -45.31 18.16 82.58
CA SER C 122 -45.17 17.61 83.91
C SER C 122 -44.23 16.40 83.93
N GLU C 123 -44.35 15.49 82.97
CA GLU C 123 -43.47 14.33 82.98
C GLU C 123 -41.99 14.73 82.99
N GLN C 124 -41.62 15.79 82.27
CA GLN C 124 -40.22 16.21 82.25
C GLN C 124 -39.78 16.79 83.60
N LEU C 125 -40.61 17.68 84.13
CA LEU C 125 -40.36 18.33 85.41
C LEU C 125 -40.00 17.30 86.47
N THR C 126 -40.60 16.11 86.41
CA THR C 126 -40.36 15.08 87.43
C THR C 126 -38.91 14.54 87.38
N SER C 127 -38.31 14.41 86.18
CA SER C 127 -36.94 13.88 86.07
C SER C 127 -35.92 14.86 86.65
N GLY C 128 -36.02 16.14 86.27
CA GLY C 128 -35.14 17.20 86.80
C GLY C 128 -34.62 18.23 85.79
N GLY C 129 -35.05 18.09 84.53
CA GLY C 129 -34.79 19.10 83.50
C GLY C 129 -36.08 19.81 83.09
N ALA C 130 -35.93 20.92 82.39
CA ALA C 130 -37.07 21.62 81.83
C ALA C 130 -36.68 22.20 80.47
N SER C 131 -37.48 21.91 79.45
CA SER C 131 -37.27 22.43 78.13
C SER C 131 -38.48 23.29 77.77
N VAL C 132 -38.26 24.53 77.34
CA VAL C 132 -39.31 25.34 76.75
C VAL C 132 -39.06 25.32 75.22
N VAL C 133 -40.11 25.13 74.42
CA VAL C 133 -39.88 24.81 73.00
C VAL C 133 -40.66 25.78 72.20
N CYS C 134 -40.05 26.29 71.15
CA CYS C 134 -40.76 27.25 70.30
C CYS C 134 -40.68 26.81 68.87
N PHE C 135 -41.82 26.84 68.18
CA PHE C 135 -41.83 26.40 66.80
C PHE C 135 -42.12 27.61 65.97
N LEU C 136 -41.25 27.86 65.01
CA LEU C 136 -41.50 28.87 63.98
C LEU C 136 -41.70 28.14 62.63
N ASN C 137 -42.93 28.12 62.16
CA ASN C 137 -43.27 27.29 61.04
C ASN C 137 -43.63 28.04 59.79
N ASN C 138 -43.22 27.45 58.66
CA ASN C 138 -43.68 27.84 57.34
C ASN C 138 -43.42 29.29 56.95
N PHE C 139 -42.17 29.74 57.03
CA PHE C 139 -41.82 31.11 56.73
C PHE C 139 -40.83 31.30 55.58
N TYR C 140 -40.79 32.52 55.06
CA TYR C 140 -39.89 32.83 53.99
C TYR C 140 -39.72 34.33 54.00
N PRO C 141 -38.47 34.84 53.91
CA PRO C 141 -37.22 34.12 53.61
C PRO C 141 -36.68 33.40 54.79
N LYS C 142 -35.51 32.76 54.66
CA LYS C 142 -34.98 32.02 55.82
C LYS C 142 -34.15 32.84 56.78
N ASP C 143 -33.73 34.05 56.40
CA ASP C 143 -33.13 34.97 57.37
C ASP C 143 -34.21 35.08 58.48
N ILE C 144 -33.88 34.65 59.70
CA ILE C 144 -34.80 34.81 60.84
C ILE C 144 -34.04 34.82 62.18
N ASN C 145 -34.47 35.69 63.08
CA ASN C 145 -33.76 35.96 64.32
C ASN C 145 -34.66 35.60 65.50
N VAL C 146 -34.14 34.86 66.48
CA VAL C 146 -34.97 34.37 67.58
C VAL C 146 -34.43 34.73 68.98
N LYS C 147 -35.13 35.60 69.72
CA LYS C 147 -34.71 35.91 71.09
C LYS C 147 -35.58 35.18 72.11
N TRP C 148 -34.92 34.55 73.08
CA TRP C 148 -35.55 34.08 74.30
C TRP C 148 -35.41 35.15 75.39
N LYS C 149 -36.53 35.38 76.09
CA LYS C 149 -36.58 36.32 77.22
C LYS C 149 -37.12 35.55 78.43
N ILE C 150 -36.50 35.75 79.59
CA ILE C 150 -37.00 35.15 80.82
C ILE C 150 -37.24 36.32 81.77
N ASP C 151 -38.50 36.55 82.13
CA ASP C 151 -38.85 37.73 82.95
C ASP C 151 -38.21 39.02 82.43
N GLY C 152 -38.28 39.23 81.13
CA GLY C 152 -37.76 40.42 80.47
C GLY C 152 -36.27 40.44 80.11
N SER C 153 -35.48 39.51 80.63
CA SER C 153 -34.03 39.56 80.44
C SER C 153 -33.65 38.48 79.44
N GLU C 154 -33.33 38.91 78.22
CA GLU C 154 -33.01 37.95 77.17
C GLU C 154 -31.90 37.03 77.65
N ARG C 155 -32.09 35.74 77.38
CA ARG C 155 -31.13 34.67 77.70
C ARG C 155 -30.66 34.01 76.47
N GLN C 156 -29.35 33.73 76.35
CA GLN C 156 -28.95 32.89 75.26
C GLN C 156 -27.84 31.87 75.58
N ASN C 157 -27.85 31.29 76.78
CA ASN C 157 -27.16 30.01 77.03
C ASN C 157 -28.23 28.93 77.08
N GLY C 158 -27.93 27.73 76.59
CA GLY C 158 -28.90 26.62 76.61
C GLY C 158 -29.96 26.73 75.52
N VAL C 159 -29.62 27.42 74.43
CA VAL C 159 -30.54 27.54 73.32
C VAL C 159 -29.94 26.77 72.14
N LEU C 160 -30.64 25.69 71.77
CA LEU C 160 -30.35 24.88 70.62
C LEU C 160 -31.40 25.17 69.55
N ASN C 161 -30.97 25.31 68.31
CA ASN C 161 -31.86 25.65 67.21
C ASN C 161 -31.72 24.62 66.07
N SER C 162 -32.74 24.50 65.23
CA SER C 162 -32.79 23.45 64.23
C SER C 162 -33.70 23.93 63.11
N TRP C 163 -33.17 23.93 61.88
CA TRP C 163 -33.91 24.32 60.66
C TRP C 163 -34.16 23.11 59.80
N THR C 164 -35.35 23.02 59.24
CA THR C 164 -35.58 22.04 58.18
C THR C 164 -34.98 22.56 56.88
N ASP C 165 -34.64 21.69 55.96
CA ASP C 165 -34.26 22.15 54.63
C ASP C 165 -35.46 22.82 53.97
N GLN C 166 -35.24 23.72 53.04
CA GLN C 166 -36.34 24.25 52.27
C GLN C 166 -37.28 23.13 51.83
N ASP C 167 -38.57 23.35 52.07
CA ASP C 167 -39.65 22.54 51.56
C ASP C 167 -39.70 22.44 50.02
N SER C 168 -39.90 21.23 49.52
CA SER C 168 -39.91 20.96 48.08
C SER C 168 -41.21 21.24 47.39
N LYS C 169 -42.29 21.30 48.14
CA LYS C 169 -43.57 21.75 47.59
C LYS C 169 -43.80 23.28 47.76
N ASP C 170 -43.60 23.86 48.94
CA ASP C 170 -43.98 25.27 49.11
C ASP C 170 -42.80 26.21 49.37
N SER C 171 -41.60 25.66 49.36
CA SER C 171 -40.42 26.49 49.38
C SER C 171 -40.28 27.35 50.63
N THR C 172 -41.01 26.99 51.68
CA THR C 172 -40.92 27.66 52.96
C THR C 172 -39.91 26.96 53.87
N TYR C 173 -39.59 27.62 54.99
CA TYR C 173 -38.65 27.10 55.99
C TYR C 173 -39.37 27.04 57.29
N SER C 174 -38.91 26.15 58.14
CA SER C 174 -39.44 26.01 59.47
C SER C 174 -38.24 25.86 60.39
N MET C 175 -38.38 26.29 61.62
CA MET C 175 -37.33 26.15 62.62
C MET C 175 -37.98 25.85 63.95
N SER C 176 -37.28 25.08 64.77
CA SER C 176 -37.63 25.03 66.17
C SER C 176 -36.48 25.55 67.01
N SER C 177 -36.82 26.03 68.19
CA SER C 177 -35.82 26.55 69.12
C SER C 177 -36.20 26.10 70.54
N THR C 178 -35.22 25.52 71.26
CA THR C 178 -35.45 24.84 72.54
C THR C 178 -34.55 25.41 73.60
N LEU C 179 -35.19 25.94 74.66
CA LEU C 179 -34.48 26.48 75.81
C LEU C 179 -34.38 25.40 76.90
N THR C 180 -33.20 24.90 77.19
CA THR C 180 -33.09 23.87 78.21
C THR C 180 -32.47 24.51 79.44
N LEU C 181 -33.18 24.38 80.56
CA LEU C 181 -32.71 24.84 81.85
C LEU C 181 -32.67 23.65 82.78
N THR C 182 -32.26 23.86 84.03
CA THR C 182 -32.57 22.91 85.10
C THR C 182 -33.95 23.27 85.64
N LYS C 183 -34.54 22.35 86.38
CA LYS C 183 -35.86 22.51 86.94
C LYS C 183 -35.88 23.59 88.05
N ASP C 184 -34.79 23.70 88.83
CA ASP C 184 -34.56 24.86 89.70
C ASP C 184 -34.59 26.16 88.91
N GLU C 185 -33.77 26.27 87.89
CA GLU C 185 -33.67 27.49 87.13
C GLU C 185 -35.05 27.84 86.66
N TYR C 186 -35.66 26.88 85.98
CA TYR C 186 -36.95 27.09 85.38
C TYR C 186 -37.94 27.60 86.40
N GLU C 187 -37.94 26.97 87.58
CA GLU C 187 -38.96 27.26 88.62
C GLU C 187 -38.73 28.51 89.39
N ARG C 188 -37.63 29.21 89.13
CA ARG C 188 -37.32 30.50 89.78
C ARG C 188 -37.65 31.70 88.89
N HIS C 189 -38.32 31.44 87.77
CA HIS C 189 -38.78 32.51 86.95
C HIS C 189 -40.23 32.26 86.58
N ASN C 190 -40.90 33.32 86.14
CA ASN C 190 -42.34 33.29 85.91
C ASN C 190 -42.64 33.32 84.43
N SER C 191 -42.11 34.32 83.74
CA SER C 191 -42.47 34.60 82.35
C SER C 191 -41.43 34.09 81.32
N TYR C 192 -41.90 33.42 80.27
CA TYR C 192 -41.02 32.87 79.23
C TYR C 192 -41.53 33.35 77.87
N THR C 193 -40.67 34.05 77.14
CA THR C 193 -41.00 34.73 75.89
C THR C 193 -40.13 34.22 74.71
N CYS C 194 -40.84 33.91 73.62
CA CYS C 194 -40.25 33.48 72.34
C CYS C 194 -40.52 34.59 71.34
N GLU C 195 -39.46 35.31 71.00
CA GLU C 195 -39.52 36.53 70.20
C GLU C 195 -38.82 36.31 68.86
N ALA C 196 -39.57 36.39 67.78
CA ALA C 196 -39.07 36.13 66.42
C ALA C 196 -39.10 37.40 65.55
N THR C 197 -37.94 37.78 65.02
CA THR C 197 -37.77 38.91 64.12
C THR C 197 -37.54 38.43 62.68
N HIS C 198 -38.42 38.89 61.79
CA HIS C 198 -38.50 38.43 60.39
C HIS C 198 -38.83 39.59 59.46
N LYS C 199 -38.32 39.50 58.24
CA LYS C 199 -38.52 40.52 57.19
C LYS C 199 -39.95 41.04 57.04
N THR C 200 -40.92 40.17 57.33
CA THR C 200 -42.34 40.37 56.95
C THR C 200 -43.06 41.38 57.83
N SER C 201 -42.62 41.58 59.07
CA SER C 201 -43.11 42.68 59.86
C SER C 201 -41.97 43.53 60.41
N THR C 202 -42.32 44.77 60.77
CA THR C 202 -41.40 45.71 61.42
C THR C 202 -41.40 45.45 62.93
N SER C 203 -42.31 44.58 63.36
CA SER C 203 -42.55 44.35 64.76
C SER C 203 -42.35 42.88 65.00
N PRO C 204 -41.58 42.53 66.03
CA PRO C 204 -41.33 41.14 66.35
C PRO C 204 -42.63 40.36 66.57
N ILE C 205 -42.67 39.09 66.16
CA ILE C 205 -43.76 38.22 66.59
C ILE C 205 -43.39 37.64 67.95
N VAL C 206 -44.21 37.94 68.96
CA VAL C 206 -43.94 37.52 70.33
C VAL C 206 -44.97 36.45 70.77
N LYS C 207 -44.48 35.37 71.38
CA LYS C 207 -45.34 34.41 72.08
C LYS C 207 -44.72 34.09 73.39
N SER C 208 -45.48 34.32 74.47
CA SER C 208 -45.04 33.88 75.79
C SER C 208 -46.09 33.12 76.59
N PHE C 209 -45.70 32.71 77.78
CA PHE C 209 -46.60 32.15 78.73
C PHE C 209 -46.09 32.55 80.11
N ASN C 210 -47.01 32.67 81.04
CA ASN C 210 -46.67 33.01 82.39
C ASN C 210 -46.85 31.77 83.19
N ARG C 211 -45.97 31.54 84.15
CA ARG C 211 -46.08 30.29 84.87
C ARG C 211 -47.25 30.29 85.89
N ASN C 212 -47.58 31.42 86.54
CA ASN C 212 -48.78 31.47 87.40
C ASN C 212 -50.09 30.92 86.81
N GLU C 213 -50.07 30.55 85.54
CA GLU C 213 -51.02 29.57 84.99
C GLU C 213 -50.18 28.36 84.46
N VAL D 2 -28.41 28.05 -10.71
CA VAL D 2 -28.89 27.97 -9.31
C VAL D 2 -28.80 29.32 -8.60
N GLN D 3 -29.93 29.79 -8.07
CA GLN D 3 -29.96 31.00 -7.27
C GLN D 3 -30.54 30.74 -5.89
N LEU D 4 -30.03 31.47 -4.89
CA LEU D 4 -30.55 31.37 -3.54
C LEU D 4 -31.07 32.73 -3.09
N GLN D 5 -32.38 32.89 -3.19
CA GLN D 5 -33.01 34.19 -2.99
C GLN D 5 -33.22 34.45 -1.51
N GLN D 6 -32.52 35.45 -1.01
CA GLN D 6 -32.64 35.90 0.37
C GLN D 6 -33.06 37.37 0.41
N SER D 7 -33.10 37.93 1.61
CA SER D 7 -33.42 39.34 1.80
C SER D 7 -32.19 40.06 2.34
N GLY D 8 -32.11 41.37 2.12
CA GLY D 8 -30.96 42.19 2.55
C GLY D 8 -30.79 42.26 4.06
N ALA D 9 -31.89 42.56 4.76
CA ALA D 9 -31.90 42.67 6.22
C ALA D 9 -33.29 42.71 6.82
N GLU D 10 -33.36 42.48 8.12
CA GLU D 10 -34.60 42.52 8.88
C GLU D 10 -34.28 43.09 10.27
N LEU D 11 -35.03 44.13 10.66
CA LEU D 11 -34.89 44.70 11.99
C LEU D 11 -35.78 43.94 12.97
N VAL D 12 -35.25 43.62 14.16
CA VAL D 12 -36.02 42.88 15.16
C VAL D 12 -35.81 43.36 16.61
N LYS D 13 -36.92 43.46 17.34
CA LYS D 13 -36.89 43.90 18.75
C LYS D 13 -36.33 42.81 19.66
N PRO D 14 -35.73 43.21 20.80
CA PRO D 14 -35.02 42.26 21.65
C PRO D 14 -35.98 41.51 22.56
N GLY D 15 -36.05 40.20 22.36
CA GLY D 15 -37.07 39.35 22.98
C GLY D 15 -37.97 38.73 21.92
N ALA D 16 -38.08 39.41 20.77
CA ALA D 16 -38.94 38.95 19.67
C ALA D 16 -38.42 37.69 18.99
N SER D 17 -39.20 37.17 18.04
CA SER D 17 -38.91 35.92 17.35
C SER D 17 -39.04 36.09 15.82
N VAL D 18 -37.95 35.85 15.10
CA VAL D 18 -37.86 36.16 13.67
C VAL D 18 -37.75 34.90 12.81
N LYS D 19 -38.34 34.94 11.62
CA LYS D 19 -38.32 33.81 10.68
C LYS D 19 -37.70 34.24 9.34
N LEU D 20 -36.53 33.67 9.03
CA LEU D 20 -35.78 33.98 7.80
C LEU D 20 -36.14 33.03 6.68
N SER D 21 -35.97 33.45 5.42
CA SER D 21 -36.39 32.62 4.28
C SER D 21 -35.35 32.56 3.17
N CYS D 22 -35.47 31.51 2.35
CA CYS D 22 -34.48 31.24 1.29
C CYS D 22 -35.10 30.47 0.09
N LYS D 23 -35.49 31.22 -0.93
CA LYS D 23 -36.14 30.65 -2.12
C LYS D 23 -35.09 30.17 -3.13
N ALA D 24 -35.29 28.98 -3.70
CA ALA D 24 -34.33 28.40 -4.67
C ALA D 24 -34.93 28.21 -6.06
N SER D 25 -34.06 28.20 -7.08
CA SER D 25 -34.45 27.85 -8.45
C SER D 25 -33.32 27.12 -9.17
N GLY D 26 -33.68 26.27 -10.14
CA GLY D 26 -32.72 25.61 -11.02
C GLY D 26 -32.72 24.10 -10.88
N TYR D 27 -32.43 23.63 -9.66
CA TYR D 27 -32.43 22.21 -9.32
C TYR D 27 -33.74 21.90 -8.60
N THR D 28 -34.13 20.62 -8.55
CA THR D 28 -35.33 20.23 -7.83
C THR D 28 -35.02 20.15 -6.33
N PHE D 29 -35.83 20.86 -5.56
CA PHE D 29 -35.57 21.09 -4.14
C PHE D 29 -35.10 19.83 -3.39
N THR D 30 -35.94 18.79 -3.39
CA THR D 30 -35.71 17.57 -2.59
C THR D 30 -34.46 16.73 -2.97
N SER D 31 -33.67 17.22 -3.92
CA SER D 31 -32.43 16.53 -4.31
C SER D 31 -31.23 16.92 -3.44
N HIS D 32 -31.33 18.03 -2.71
CA HIS D 32 -30.18 18.56 -1.96
C HIS D 32 -30.50 19.03 -0.53
N TRP D 33 -29.46 19.13 0.28
CA TRP D 33 -29.59 19.58 1.69
C TRP D 33 -29.39 21.08 1.78
N MET D 34 -30.06 21.70 2.75
CA MET D 34 -29.96 23.13 2.93
C MET D 34 -29.31 23.44 4.25
N HIS D 35 -28.20 24.16 4.20
CA HIS D 35 -27.43 24.54 5.37
C HIS D 35 -27.61 26.02 5.68
N TRP D 36 -27.59 26.36 6.97
CA TRP D 36 -27.48 27.75 7.40
C TRP D 36 -26.17 28.00 8.15
N VAL D 37 -25.56 29.14 7.90
CA VAL D 37 -24.40 29.58 8.61
C VAL D 37 -24.59 31.00 9.11
N LYS D 38 -24.02 31.30 10.28
CA LYS D 38 -24.08 32.61 10.92
C LYS D 38 -22.70 33.25 10.97
N GLN D 39 -22.68 34.57 10.90
CA GLN D 39 -21.46 35.35 10.93
C GLN D 39 -21.76 36.67 11.58
N ARG D 40 -21.08 37.00 12.67
CA ARG D 40 -21.23 38.31 13.31
C ARG D 40 -20.34 39.36 12.60
N PRO D 41 -20.62 40.67 12.79
CA PRO D 41 -19.81 41.67 12.09
C PRO D 41 -18.29 41.43 12.22
N GLY D 42 -17.59 41.36 11.09
CA GLY D 42 -16.15 41.13 11.09
C GLY D 42 -15.67 39.78 11.62
N GLN D 43 -16.51 39.07 12.36
CA GLN D 43 -16.15 37.82 13.03
C GLN D 43 -16.10 36.64 12.04
N GLY D 44 -15.84 35.44 12.57
CA GLY D 44 -15.76 34.20 11.77
C GLY D 44 -17.12 33.60 11.47
N LEU D 45 -17.11 32.37 10.93
CA LEU D 45 -18.32 31.68 10.49
C LEU D 45 -18.71 30.55 11.48
N GLU D 46 -20.01 30.38 11.69
CA GLU D 46 -20.54 29.33 12.56
C GLU D 46 -21.69 28.60 11.90
N TRP D 47 -21.67 27.28 12.01
CA TRP D 47 -22.64 26.43 11.32
C TRP D 47 -23.81 26.16 12.24
N ILE D 48 -25.02 26.39 11.74
CA ILE D 48 -26.22 26.27 12.57
C ILE D 48 -26.77 24.89 12.41
N GLY D 49 -27.12 24.55 11.18
CA GLY D 49 -27.71 23.28 10.94
C GLY D 49 -27.95 23.00 9.50
N GLU D 50 -28.88 22.07 9.29
CA GLU D 50 -29.01 21.35 8.03
C GLU D 50 -30.42 20.80 7.94
N ILE D 51 -30.97 20.71 6.74
CA ILE D 51 -32.28 20.08 6.55
C ILE D 51 -32.36 19.37 5.21
N ASP D 52 -33.09 18.26 5.20
CA ASP D 52 -33.30 17.46 4.01
C ASP D 52 -34.75 17.62 3.64
N PRO D 53 -35.04 18.40 2.59
CA PRO D 53 -36.40 18.71 2.17
C PRO D 53 -37.37 17.52 2.04
N SER D 54 -36.91 16.39 1.50
CA SER D 54 -37.83 15.29 1.18
C SER D 54 -38.52 14.69 2.42
N ASP D 55 -37.80 14.60 3.53
CA ASP D 55 -38.34 14.03 4.78
C ASP D 55 -38.21 14.96 6.01
N SER D 56 -37.69 16.16 5.79
CA SER D 56 -37.45 17.14 6.85
C SER D 56 -36.54 16.63 7.97
N TYR D 57 -35.56 15.81 7.59
CA TYR D 57 -34.53 15.37 8.53
C TYR D 57 -33.59 16.54 8.79
N ILE D 58 -33.51 16.96 10.06
CA ILE D 58 -32.72 18.10 10.48
C ILE D 58 -31.52 17.69 11.33
N ASN D 59 -30.37 18.27 11.05
CA ASN D 59 -29.21 18.19 11.94
C ASN D 59 -28.87 19.60 12.44
N TYR D 60 -28.96 19.83 13.74
CA TYR D 60 -28.59 21.11 14.32
C TYR D 60 -27.19 21.05 14.92
N ASN D 61 -26.63 22.24 15.21
CA ASN D 61 -25.46 22.38 16.07
C ASN D 61 -26.03 22.58 17.45
N GLN D 62 -25.71 21.69 18.39
CA GLN D 62 -26.31 21.72 19.71
C GLN D 62 -26.36 23.14 20.21
N ILE D 63 -25.26 23.85 20.01
CA ILE D 63 -25.16 25.27 20.36
C ILE D 63 -26.40 26.10 20.02
N PHE D 64 -27.07 25.81 18.90
CA PHE D 64 -28.24 26.58 18.45
C PHE D 64 -29.59 25.88 18.61
N GLU D 65 -29.68 24.75 19.31
CA GLU D 65 -30.94 23.99 19.39
C GLU D 65 -32.08 24.63 20.21
N GLY D 66 -31.75 25.45 21.22
CA GLY D 66 -32.75 26.19 21.96
C GLY D 66 -33.02 27.57 21.34
N LYS D 67 -32.56 27.76 20.11
CA LYS D 67 -32.62 29.07 19.43
C LYS D 67 -33.10 28.96 17.97
N ALA D 68 -32.54 28.01 17.24
CA ALA D 68 -32.87 27.79 15.84
C ALA D 68 -33.92 26.69 15.59
N THR D 69 -34.85 26.95 14.68
CA THR D 69 -35.70 25.92 14.06
C THR D 69 -35.59 26.00 12.53
N LEU D 70 -35.37 24.86 11.87
CA LEU D 70 -35.38 24.80 10.42
C LEU D 70 -36.63 24.08 9.96
N THR D 71 -37.21 24.56 8.87
CA THR D 71 -38.38 23.92 8.26
C THR D 71 -38.28 24.12 6.75
N VAL D 72 -39.29 23.67 6.00
CA VAL D 72 -39.30 23.78 4.55
C VAL D 72 -40.71 23.96 4.03
N ASP D 73 -40.83 24.38 2.77
CA ASP D 73 -42.11 24.39 2.09
C ASP D 73 -41.93 23.67 0.77
N LYS D 74 -42.58 22.52 0.63
CA LYS D 74 -42.50 21.72 -0.58
C LYS D 74 -43.31 22.33 -1.74
N SER D 75 -44.40 23.04 -1.42
CA SER D 75 -45.25 23.63 -2.46
C SER D 75 -44.55 24.75 -3.24
N SER D 76 -43.78 25.58 -2.55
CA SER D 76 -43.06 26.69 -3.19
C SER D 76 -41.54 26.65 -2.95
N THR D 77 -41.03 25.46 -2.66
CA THR D 77 -39.57 25.16 -2.56
C THR D 77 -38.72 26.19 -1.77
N THR D 78 -39.26 26.64 -0.64
CA THR D 78 -38.59 27.62 0.20
C THR D 78 -38.04 26.98 1.47
N ALA D 79 -36.83 27.41 1.85
CA ALA D 79 -36.16 26.92 3.04
C ALA D 79 -36.21 27.98 4.13
N TYR D 80 -36.78 27.65 5.28
CA TYR D 80 -36.93 28.58 6.38
C TYR D 80 -35.98 28.26 7.53
N LEU D 81 -35.46 29.30 8.15
CA LEU D 81 -34.85 29.23 9.48
C LEU D 81 -35.60 30.19 10.41
N GLN D 82 -36.17 29.66 11.49
CA GLN D 82 -36.84 30.47 12.49
C GLN D 82 -35.98 30.56 13.76
N LEU D 83 -35.45 31.75 14.01
CA LEU D 83 -34.79 32.08 15.29
C LEU D 83 -35.88 32.58 16.27
N SER D 84 -35.64 32.46 17.57
CA SER D 84 -36.60 32.97 18.54
C SER D 84 -35.95 33.48 19.83
N SER D 85 -36.57 34.49 20.45
CA SER D 85 -36.15 35.03 21.76
C SER D 85 -34.75 35.65 21.65
N LEU D 86 -34.64 36.75 20.93
CA LEU D 86 -33.35 37.26 20.48
C LEU D 86 -32.63 38.12 21.52
N THR D 87 -31.31 38.22 21.39
CA THR D 87 -30.50 39.19 22.14
C THR D 87 -29.53 39.88 21.19
N SER D 88 -28.79 40.84 21.73
CA SER D 88 -27.73 41.50 20.97
C SER D 88 -26.86 40.48 20.26
N GLU D 89 -26.52 39.38 20.95
CA GLU D 89 -25.54 38.40 20.43
C GLU D 89 -26.00 37.63 19.18
N ASP D 90 -27.31 37.55 18.97
CA ASP D 90 -27.88 36.97 17.76
C ASP D 90 -27.73 37.93 16.55
N SER D 91 -27.34 39.18 16.78
CA SER D 91 -27.11 40.14 15.68
C SER D 91 -25.97 39.64 14.80
N ALA D 92 -26.26 39.49 13.52
CA ALA D 92 -25.32 38.89 12.58
C ALA D 92 -26.02 38.69 11.24
N VAL D 93 -25.24 38.30 10.24
CA VAL D 93 -25.78 37.90 8.94
C VAL D 93 -26.00 36.39 8.93
N TYR D 94 -27.11 35.95 8.38
CA TYR D 94 -27.45 34.54 8.34
C TYR D 94 -27.59 34.06 6.91
N TYR D 95 -26.73 33.13 6.52
CA TYR D 95 -26.71 32.65 5.15
C TYR D 95 -27.45 31.33 5.07
N CYS D 96 -28.17 31.11 3.95
CA CYS D 96 -28.55 29.78 3.53
C CYS D 96 -27.56 29.41 2.43
N ALA D 97 -27.36 28.13 2.21
CA ALA D 97 -26.44 27.63 1.20
C ALA D 97 -26.85 26.23 0.89
N ARG D 98 -26.51 25.74 -0.29
CA ARG D 98 -26.86 24.37 -0.64
C ARG D 98 -25.62 23.52 -0.73
N THR D 99 -25.82 22.22 -0.59
CA THR D 99 -24.76 21.22 -0.70
C THR D 99 -24.68 20.76 -2.16
N ALA D 100 -23.50 20.35 -2.62
CA ALA D 100 -23.31 19.91 -4.01
C ALA D 100 -23.83 18.48 -4.28
N GLY D 101 -24.11 17.72 -3.22
CA GLY D 101 -24.79 16.44 -3.38
C GLY D 101 -24.72 15.56 -2.16
N LEU D 102 -23.61 15.00 -1.77
CA LEU D 102 -23.56 14.02 -0.67
C LEU D 102 -22.08 13.84 -0.48
N LEU D 103 -21.59 14.21 0.69
CA LEU D 103 -20.16 14.28 0.95
C LEU D 103 -19.52 15.31 0.03
N ALA D 104 -20.26 16.36 -0.27
CA ALA D 104 -19.80 17.42 -1.17
C ALA D 104 -20.01 18.79 -0.50
N PRO D 105 -19.19 19.77 -0.85
CA PRO D 105 -19.19 21.06 -0.17
C PRO D 105 -20.37 21.95 -0.53
N MET D 106 -20.56 23.00 0.28
CA MET D 106 -21.58 24.02 0.02
C MET D 106 -21.15 24.89 -1.16
N ASP D 107 -21.79 24.69 -2.32
CA ASP D 107 -21.38 25.36 -3.53
C ASP D 107 -22.08 26.68 -3.74
N TYR D 108 -23.41 26.69 -3.73
CA TYR D 108 -24.17 27.91 -3.94
C TYR D 108 -24.73 28.48 -2.65
N TRP D 109 -24.63 29.79 -2.51
CA TRP D 109 -24.95 30.49 -1.29
C TRP D 109 -25.85 31.70 -1.58
N GLY D 110 -26.67 32.05 -0.60
CA GLY D 110 -27.44 33.29 -0.65
C GLY D 110 -26.58 34.52 -0.38
N GLN D 111 -27.15 35.68 -0.68
CA GLN D 111 -26.48 36.95 -0.45
C GLN D 111 -26.30 37.22 1.05
N GLY D 112 -27.22 36.68 1.87
CA GLY D 112 -27.20 36.85 3.32
C GLY D 112 -28.19 37.89 3.86
N THR D 113 -29.02 37.48 4.81
CA THR D 113 -29.89 38.40 5.54
C THR D 113 -29.17 38.95 6.76
N SER D 114 -29.04 40.27 6.84
CA SER D 114 -28.41 40.93 7.99
C SER D 114 -29.44 41.14 9.09
N VAL D 115 -29.10 40.74 10.31
CA VAL D 115 -30.04 40.75 11.42
C VAL D 115 -29.58 41.64 12.58
N THR D 116 -30.43 42.61 12.91
CA THR D 116 -30.14 43.63 13.90
C THR D 116 -31.10 43.46 15.06
N VAL D 117 -30.56 43.35 16.27
CA VAL D 117 -31.38 43.19 17.46
C VAL D 117 -31.26 44.43 18.34
N SER D 118 -32.34 45.21 18.42
CA SER D 118 -32.37 46.44 19.19
C SER D 118 -33.80 46.93 19.32
N SER D 119 -34.03 47.80 20.30
CA SER D 119 -35.34 48.40 20.50
C SER D 119 -35.45 49.76 19.86
N ALA D 120 -34.35 50.21 19.26
CA ALA D 120 -34.28 51.56 18.69
C ALA D 120 -35.24 51.75 17.51
N LYS D 121 -35.61 53.00 17.30
CA LYS D 121 -36.59 53.40 16.29
C LYS D 121 -35.94 53.43 14.89
N THR D 122 -36.67 52.91 13.89
CA THR D 122 -36.23 52.95 12.49
C THR D 122 -36.31 54.37 11.95
N THR D 123 -35.21 54.86 11.38
CA THR D 123 -35.11 56.24 10.93
C THR D 123 -34.55 56.32 9.50
N PRO D 124 -35.10 57.23 8.67
CA PRO D 124 -34.58 57.44 7.31
C PRO D 124 -33.39 58.37 7.28
N PRO D 125 -32.58 58.30 6.21
CA PRO D 125 -31.34 59.10 6.14
C PRO D 125 -31.53 60.54 5.69
N SER D 126 -30.76 61.42 6.30
CA SER D 126 -30.48 62.72 5.74
C SER D 126 -29.44 62.49 4.66
N VAL D 127 -29.70 62.98 3.46
CA VAL D 127 -28.77 62.87 2.34
C VAL D 127 -28.35 64.26 1.87
N TYR D 128 -27.05 64.53 1.99
CA TYR D 128 -26.48 65.84 1.63
C TYR D 128 -25.41 65.70 0.52
N PRO D 129 -25.50 66.53 -0.53
CA PRO D 129 -24.47 66.55 -1.56
C PRO D 129 -23.18 67.24 -1.07
N LEU D 130 -22.04 66.78 -1.57
CA LEU D 130 -20.75 67.37 -1.25
C LEU D 130 -20.06 67.82 -2.53
N ALA D 131 -19.94 69.14 -2.70
CA ALA D 131 -19.34 69.73 -3.89
C ALA D 131 -18.23 70.67 -3.45
N PRO D 132 -17.20 70.85 -4.29
CA PRO D 132 -16.07 71.73 -3.92
C PRO D 132 -16.46 73.22 -3.87
N SER D 140 -7.02 67.92 -13.84
CA SER D 140 -7.86 67.23 -14.82
C SER D 140 -8.75 66.12 -14.21
N MET D 141 -8.93 66.18 -12.89
CA MET D 141 -9.80 65.27 -12.14
C MET D 141 -10.55 66.10 -11.11
N VAL D 142 -11.85 65.86 -10.94
CA VAL D 142 -12.65 66.53 -9.89
C VAL D 142 -13.37 65.51 -8.98
N THR D 143 -12.99 65.48 -7.70
CA THR D 143 -13.60 64.55 -6.74
C THR D 143 -14.90 65.14 -6.19
N LEU D 144 -15.94 64.31 -6.08
CA LEU D 144 -17.24 64.73 -5.56
C LEU D 144 -17.60 63.86 -4.35
N GLY D 145 -18.79 64.09 -3.77
CA GLY D 145 -19.16 63.44 -2.53
C GLY D 145 -20.65 63.41 -2.21
N CYS D 146 -21.01 62.45 -1.36
CA CYS D 146 -22.40 62.28 -0.93
C CYS D 146 -22.34 61.96 0.56
N LEU D 147 -22.99 62.78 1.39
CA LEU D 147 -22.99 62.56 2.83
C LEU D 147 -24.34 62.02 3.25
N VAL D 148 -24.34 60.79 3.76
CA VAL D 148 -25.55 60.09 4.22
C VAL D 148 -25.50 59.93 5.74
N LYS D 149 -26.35 60.69 6.43
CA LYS D 149 -26.22 60.91 7.87
C LYS D 149 -27.49 60.57 8.66
N GLY D 150 -27.30 59.97 9.83
CA GLY D 150 -28.34 59.89 10.86
C GLY D 150 -29.44 58.87 10.64
N TYR D 151 -29.06 57.66 10.22
CA TYR D 151 -30.04 56.61 9.91
C TYR D 151 -29.90 55.42 10.81
N PHE D 152 -30.98 54.63 10.86
CA PHE D 152 -31.00 53.36 11.58
C PHE D 152 -32.06 52.47 10.94
N PRO D 153 -31.77 51.16 10.78
CA PRO D 153 -30.51 50.47 11.04
C PRO D 153 -29.67 50.32 9.78
N GLU D 154 -28.56 49.59 9.88
CA GLU D 154 -27.82 49.14 8.70
C GLU D 154 -28.79 48.32 7.82
N PRO D 155 -28.53 48.23 6.50
CA PRO D 155 -27.53 48.93 5.71
C PRO D 155 -28.16 49.82 4.63
N VAL D 156 -27.33 50.65 4.00
CA VAL D 156 -27.74 51.55 2.92
C VAL D 156 -27.03 51.20 1.62
N THR D 157 -27.77 51.36 0.52
CA THR D 157 -27.22 51.26 -0.83
C THR D 157 -27.09 52.67 -1.42
N VAL D 158 -25.89 53.02 -1.87
CA VAL D 158 -25.62 54.31 -2.50
C VAL D 158 -25.20 54.07 -3.93
N THR D 159 -25.89 54.73 -4.87
CA THR D 159 -25.63 54.57 -6.30
C THR D 159 -25.32 55.90 -6.98
N TRP D 160 -24.58 55.83 -8.07
CA TRP D 160 -24.16 57.01 -8.84
C TRP D 160 -24.78 57.05 -10.25
N ASN D 161 -25.65 58.04 -10.46
CA ASN D 161 -26.57 58.09 -11.60
C ASN D 161 -27.44 56.82 -11.64
N SER D 162 -27.89 56.37 -10.46
CA SER D 162 -28.73 55.16 -10.31
C SER D 162 -28.09 53.87 -10.82
N GLY D 163 -26.77 53.74 -10.63
CA GLY D 163 -26.06 52.50 -10.92
C GLY D 163 -25.07 52.58 -12.07
N SER D 164 -25.16 53.64 -12.87
CA SER D 164 -24.15 53.89 -13.89
C SER D 164 -22.83 54.09 -13.17
N LEU D 165 -21.75 54.27 -13.94
CA LEU D 165 -20.39 54.41 -13.40
C LEU D 165 -20.14 53.98 -11.94
N SER D 166 -19.27 52.98 -11.79
CA SER D 166 -18.97 52.40 -10.50
C SER D 166 -17.47 52.18 -10.24
N SER D 167 -16.62 52.74 -11.09
CA SER D 167 -15.19 52.78 -10.81
C SER D 167 -14.85 54.20 -10.39
N GLY D 168 -13.73 54.37 -9.70
CA GLY D 168 -13.36 55.66 -9.13
C GLY D 168 -14.32 56.11 -8.03
N VAL D 169 -15.21 55.18 -7.63
CA VAL D 169 -16.24 55.40 -6.62
C VAL D 169 -15.79 54.72 -5.35
N HIS D 170 -16.12 55.32 -4.23
CA HIS D 170 -15.77 54.77 -2.95
C HIS D 170 -16.93 54.97 -1.99
N THR D 171 -17.26 53.95 -1.22
CA THR D 171 -18.31 54.10 -0.21
C THR D 171 -17.78 53.59 1.14
N PHE D 172 -17.67 54.53 2.07
CA PHE D 172 -17.01 54.30 3.34
C PHE D 172 -17.95 53.64 4.35
N PRO D 173 -17.43 52.70 5.16
CA PRO D 173 -18.21 52.05 6.20
C PRO D 173 -18.94 53.01 7.13
N ALA D 174 -20.17 52.67 7.47
CA ALA D 174 -20.95 53.50 8.39
C ALA D 174 -20.31 53.48 9.77
N VAL D 175 -20.53 54.54 10.52
CA VAL D 175 -20.16 54.59 11.94
C VAL D 175 -21.37 54.98 12.81
N LEU D 176 -21.51 54.32 13.95
CA LEU D 176 -22.61 54.60 14.87
C LEU D 176 -22.30 55.85 15.70
N GLN D 177 -23.31 56.69 15.91
CA GLN D 177 -23.27 57.66 17.02
C GLN D 177 -24.67 57.83 17.57
N SER D 178 -24.81 57.61 18.89
CA SER D 178 -26.08 57.74 19.62
C SER D 178 -27.28 57.18 18.83
N ASP D 179 -27.23 55.87 18.56
CA ASP D 179 -28.34 55.14 17.91
C ASP D 179 -28.62 55.53 16.45
N LEU D 180 -27.67 56.15 15.78
CA LEU D 180 -27.78 56.38 14.34
C LEU D 180 -26.43 56.22 13.69
N TYR D 181 -26.42 55.66 12.48
CA TYR D 181 -25.19 55.47 11.72
C TYR D 181 -24.98 56.64 10.74
N THR D 182 -23.73 56.85 10.33
CA THR D 182 -23.36 57.89 9.35
C THR D 182 -22.29 57.38 8.41
N LEU D 183 -22.46 57.63 7.11
CA LEU D 183 -21.41 57.32 6.12
C LEU D 183 -21.30 58.34 4.99
N SER D 184 -20.18 58.24 4.27
CA SER D 184 -19.89 59.07 3.12
C SER D 184 -19.48 58.24 1.90
N SER D 185 -19.69 58.80 0.73
CA SER D 185 -19.29 58.18 -0.52
C SER D 185 -18.72 59.25 -1.44
N SER D 186 -17.60 58.93 -2.08
CA SER D 186 -16.91 59.86 -2.96
C SER D 186 -16.88 59.27 -4.35
N VAL D 187 -16.87 60.13 -5.35
CA VAL D 187 -16.61 59.73 -6.73
C VAL D 187 -15.71 60.74 -7.36
N THR D 188 -14.62 60.28 -7.97
CA THR D 188 -13.79 61.14 -8.77
C THR D 188 -14.07 60.86 -10.23
N VAL D 189 -14.40 61.92 -10.97
CA VAL D 189 -14.60 61.88 -12.41
C VAL D 189 -13.59 62.81 -13.07
N PRO D 190 -13.26 62.58 -14.35
CA PRO D 190 -12.51 63.61 -15.06
C PRO D 190 -13.24 64.94 -14.99
N SER D 191 -12.50 66.04 -14.91
CA SER D 191 -13.13 67.37 -14.78
C SER D 191 -13.75 67.86 -16.09
N SER D 192 -13.57 67.08 -17.16
CA SER D 192 -14.27 67.34 -18.42
C SER D 192 -15.76 66.94 -18.37
N THR D 193 -16.12 66.04 -17.45
CA THR D 193 -17.52 65.65 -17.28
C THR D 193 -18.29 66.68 -16.43
N TRP D 194 -17.92 66.83 -15.17
CA TRP D 194 -18.65 67.71 -14.26
C TRP D 194 -18.26 69.17 -14.44
N PRO D 195 -19.25 70.10 -14.58
CA PRO D 195 -20.70 69.96 -14.43
C PRO D 195 -21.48 69.84 -15.73
N SER D 196 -20.82 69.83 -16.89
CA SER D 196 -21.53 69.70 -18.15
C SER D 196 -22.45 68.47 -18.13
N GLU D 197 -22.05 67.48 -17.34
CA GLU D 197 -22.84 66.26 -17.16
C GLU D 197 -23.53 66.22 -15.78
N THR D 198 -24.63 65.46 -15.72
CA THR D 198 -25.54 65.49 -14.59
C THR D 198 -25.24 64.36 -13.60
N VAL D 199 -24.55 64.70 -12.50
CA VAL D 199 -24.16 63.71 -11.48
C VAL D 199 -25.14 63.71 -10.30
N THR D 200 -25.57 62.51 -9.89
CA THR D 200 -26.62 62.33 -8.87
C THR D 200 -26.32 61.11 -7.99
N CYS D 201 -26.21 61.29 -6.68
CA CYS D 201 -26.15 60.12 -5.77
C CYS D 201 -27.55 59.78 -5.34
N ASN D 202 -27.94 58.54 -5.59
CA ASN D 202 -29.23 58.02 -5.17
C ASN D 202 -28.98 57.16 -3.94
N VAL D 203 -29.91 57.18 -3.00
CA VAL D 203 -29.76 56.42 -1.76
C VAL D 203 -31.06 55.72 -1.42
N ALA D 204 -30.99 54.40 -1.26
CA ALA D 204 -32.15 53.60 -0.89
C ALA D 204 -32.02 53.15 0.55
N HIS D 205 -33.10 53.28 1.31
CA HIS D 205 -33.16 52.79 2.69
C HIS D 205 -34.30 51.76 2.84
N PRO D 206 -34.03 50.50 2.46
CA PRO D 206 -35.04 49.43 2.57
C PRO D 206 -35.82 49.43 3.87
N ALA D 207 -35.15 49.80 4.98
CA ALA D 207 -35.77 49.81 6.31
C ALA D 207 -37.08 50.60 6.35
N SER D 208 -37.11 51.75 5.69
CA SER D 208 -38.28 52.64 5.71
C SER D 208 -38.85 52.96 4.32
N SER D 209 -38.45 52.19 3.30
CA SER D 209 -38.95 52.36 1.93
C SER D 209 -38.70 53.78 1.40
N THR D 210 -37.47 54.26 1.54
CA THR D 210 -37.07 55.60 1.10
C THR D 210 -36.26 55.54 -0.19
N LYS D 211 -36.29 56.63 -0.97
CA LYS D 211 -35.37 56.80 -2.10
C LYS D 211 -35.27 58.28 -2.53
N VAL D 212 -34.09 58.88 -2.31
CA VAL D 212 -33.83 60.29 -2.63
C VAL D 212 -32.88 60.43 -3.83
N ASP D 213 -33.22 61.28 -4.79
CA ASP D 213 -32.35 61.58 -5.92
C ASP D 213 -31.67 62.94 -5.72
N LYS D 214 -30.57 62.96 -4.99
CA LYS D 214 -29.87 64.21 -4.68
C LYS D 214 -28.84 64.53 -5.74
N LYS D 215 -29.13 65.53 -6.56
CA LYS D 215 -28.21 66.00 -7.60
C LYS D 215 -27.05 66.74 -6.94
N ILE D 216 -25.94 66.93 -7.66
CA ILE D 216 -24.77 67.63 -7.11
C ILE D 216 -24.50 68.96 -7.81
N VAL D 217 -25.20 70.01 -7.34
CA VAL D 217 -25.04 71.37 -7.86
C VAL D 217 -23.58 71.88 -7.74
N PRO D 218 -23.17 72.83 -8.61
CA PRO D 218 -21.82 73.44 -8.61
C PRO D 218 -21.25 73.79 -7.24
N ASP E 1 -17.29 18.63 19.11
CA ASP E 1 -16.88 19.46 17.93
C ASP E 1 -15.40 19.24 17.57
N ILE E 2 -15.08 19.30 16.26
CA ILE E 2 -13.70 19.37 15.77
C ILE E 2 -13.18 20.84 15.66
N VAL E 3 -12.01 21.11 16.25
CA VAL E 3 -11.42 22.45 16.21
C VAL E 3 -10.42 22.64 15.05
N MET E 4 -10.75 23.54 14.14
CA MET E 4 -9.81 23.95 13.09
C MET E 4 -8.94 25.07 13.65
N THR E 5 -7.63 24.83 13.72
CA THR E 5 -6.69 25.91 13.97
C THR E 5 -6.11 26.33 12.64
N GLN E 6 -6.21 27.63 12.37
CA GLN E 6 -5.74 28.24 11.14
C GLN E 6 -4.66 29.26 11.47
N SER E 7 -3.70 29.46 10.58
CA SER E 7 -2.64 30.47 10.81
C SER E 7 -1.71 30.72 9.59
N PRO E 8 -1.06 31.90 9.53
CA PRO E 8 -1.29 33.06 10.41
C PRO E 8 -2.58 33.74 10.03
N SER E 9 -3.10 34.58 10.93
CA SER E 9 -4.39 35.22 10.69
C SER E 9 -4.28 36.47 9.80
N SER E 10 -3.05 36.94 9.55
CA SER E 10 -2.80 38.08 8.65
C SER E 10 -1.51 37.87 7.81
N LEU E 11 -1.58 38.26 6.54
CA LEU E 11 -0.50 37.97 5.59
C LEU E 11 -0.38 39.06 4.53
N THR E 12 0.62 39.93 4.69
CA THR E 12 0.95 40.92 3.66
C THR E 12 2.06 40.38 2.75
N VAL E 13 1.82 40.43 1.44
CA VAL E 13 2.82 40.02 0.44
C VAL E 13 2.64 40.79 -0.87
N THR E 14 3.72 40.94 -1.62
CA THR E 14 3.68 41.66 -2.90
C THR E 14 3.04 40.80 -4.00
N ALA E 15 2.36 41.45 -4.94
CA ALA E 15 1.61 40.77 -6.00
C ALA E 15 2.53 40.02 -6.96
N GLY E 16 2.68 38.72 -6.74
CA GLY E 16 3.60 37.91 -7.55
C GLY E 16 4.29 36.76 -6.82
N GLU E 17 4.33 36.81 -5.49
CA GLU E 17 5.05 35.81 -4.69
C GLU E 17 4.08 34.72 -4.28
N LYS E 18 4.62 33.56 -3.93
CA LYS E 18 3.79 32.44 -3.44
C LYS E 18 3.39 32.68 -1.99
N VAL E 19 2.27 32.09 -1.58
CA VAL E 19 1.75 32.30 -0.23
C VAL E 19 1.26 30.99 0.36
N THR E 20 1.59 30.78 1.64
CA THR E 20 1.33 29.52 2.34
C THR E 20 0.41 29.73 3.54
N MET E 21 -0.78 29.13 3.47
CA MET E 21 -1.72 29.09 4.58
C MET E 21 -1.77 27.68 5.12
N THR E 22 -1.97 27.55 6.43
CA THR E 22 -2.09 26.23 7.06
C THR E 22 -3.34 26.11 7.92
N CYS E 23 -3.95 24.94 7.85
CA CYS E 23 -5.11 24.58 8.66
C CYS E 23 -4.73 23.32 9.42
N LYS E 24 -4.84 23.36 10.75
CA LYS E 24 -4.54 22.19 11.59
C LYS E 24 -5.80 21.77 12.34
N SER E 25 -6.26 20.55 12.04
CA SER E 25 -7.46 19.99 12.65
C SER E 25 -7.12 19.33 13.98
N SER E 26 -8.10 19.23 14.89
CA SER E 26 -7.85 18.63 16.20
C SER E 26 -8.07 17.11 16.16
N GLN E 27 -9.04 16.70 15.35
CA GLN E 27 -9.33 15.29 15.07
C GLN E 27 -9.02 15.08 13.59
N SER E 28 -8.95 13.86 13.11
CA SER E 28 -8.61 13.63 11.70
C SER E 28 -9.83 13.64 10.75
N LEU E 29 -9.65 14.29 9.61
CA LEU E 29 -10.69 14.37 8.58
C LEU E 29 -10.57 13.29 7.50
N PHE E 30 -9.63 12.37 7.69
CA PHE E 30 -9.40 11.29 6.73
C PHE E 30 -10.44 10.20 6.94
N ASN E 31 -11.02 9.73 5.85
CA ASN E 31 -11.85 8.53 5.85
C ASN E 31 -11.18 7.44 4.98
N SER E 32 -11.52 6.18 5.20
CA SER E 32 -10.89 5.07 4.50
C SER E 32 -11.76 4.45 3.42
N GLY E 33 -12.99 4.09 3.79
CA GLY E 33 -13.91 3.40 2.88
C GLY E 33 -14.03 4.02 1.50
N ASN E 34 -14.24 5.34 1.48
CA ASN E 34 -14.03 6.15 0.29
C ASN E 34 -13.16 7.31 0.73
N GLN E 35 -11.87 7.19 0.38
CA GLN E 35 -10.79 7.92 1.05
C GLN E 35 -10.36 9.24 0.42
N LYS E 36 -11.02 10.30 0.86
CA LYS E 36 -10.62 11.66 0.59
C LYS E 36 -10.54 12.32 1.97
N ASN E 37 -9.66 13.31 2.13
CA ASN E 37 -9.63 14.10 3.35
C ASN E 37 -10.69 15.18 3.23
N PHE E 38 -11.64 15.20 4.16
CA PHE E 38 -12.85 15.99 3.99
C PHE E 38 -12.71 17.37 4.55
N LEU E 39 -11.89 18.17 3.88
CA LEU E 39 -11.60 19.55 4.25
C LEU E 39 -11.83 20.46 3.04
N THR E 40 -12.55 21.56 3.29
CA THR E 40 -12.93 22.52 2.27
C THR E 40 -12.34 23.88 2.56
N TRP E 41 -11.78 24.50 1.52
CA TRP E 41 -11.26 25.88 1.61
C TRP E 41 -12.22 26.91 1.02
N TYR E 42 -12.50 27.97 1.76
CA TYR E 42 -13.44 29.03 1.30
C TYR E 42 -12.78 30.39 1.13
N GLN E 43 -13.26 31.15 0.16
CA GLN E 43 -12.76 32.51 -0.05
C GLN E 43 -13.89 33.52 0.13
N GLN E 44 -13.74 34.42 1.09
CA GLN E 44 -14.74 35.46 1.32
C GLN E 44 -14.19 36.82 0.98
N ILE E 45 -14.87 37.48 0.03
CA ILE E 45 -14.66 38.88 -0.30
C ILE E 45 -15.56 39.73 0.61
N PRO E 46 -15.01 40.84 1.15
CA PRO E 46 -15.79 41.66 2.07
C PRO E 46 -17.20 41.97 1.56
N GLY E 47 -18.17 41.84 2.46
CA GLY E 47 -19.57 42.10 2.15
C GLY E 47 -20.08 41.24 1.01
N GLN E 48 -19.93 39.93 1.18
CA GLN E 48 -20.38 38.93 0.20
C GLN E 48 -20.15 37.52 0.77
N PRO E 49 -20.84 36.50 0.21
CA PRO E 49 -20.79 35.19 0.87
C PRO E 49 -19.46 34.47 0.69
N PRO E 50 -19.20 33.45 1.52
CA PRO E 50 -18.03 32.61 1.27
C PRO E 50 -18.11 31.89 -0.09
N LYS E 51 -17.05 31.95 -0.88
CA LYS E 51 -17.04 31.31 -2.18
C LYS E 51 -16.14 30.07 -2.18
N LEU E 52 -16.69 28.94 -2.60
CA LEU E 52 -15.95 27.69 -2.60
C LEU E 52 -14.71 27.82 -3.45
N LEU E 53 -13.58 27.34 -2.94
CA LEU E 53 -12.37 27.17 -3.72
C LEU E 53 -12.11 25.70 -3.93
N ILE E 54 -11.93 25.00 -2.82
CA ILE E 54 -11.40 23.65 -2.85
C ILE E 54 -12.23 22.72 -1.97
N TYR E 55 -12.48 21.51 -2.46
CA TYR E 55 -13.07 20.45 -1.66
C TYR E 55 -12.21 19.20 -1.68
N TRP E 56 -12.38 18.36 -0.66
CA TRP E 56 -11.60 17.13 -0.50
C TRP E 56 -10.08 17.41 -0.48
N ALA E 57 -9.72 18.51 0.19
CA ALA E 57 -8.32 18.94 0.39
C ALA E 57 -7.60 19.49 -0.85
N SER E 58 -7.85 18.90 -2.03
CA SER E 58 -7.06 19.20 -3.23
C SER E 58 -7.86 19.54 -4.49
N THR E 59 -9.09 19.02 -4.60
CA THR E 59 -9.91 19.24 -5.81
C THR E 59 -10.31 20.70 -5.93
N ARG E 60 -10.10 21.27 -7.11
CA ARG E 60 -10.53 22.63 -7.41
C ARG E 60 -11.96 22.62 -7.92
N ASP E 61 -12.77 23.54 -7.43
CA ASP E 61 -14.13 23.71 -7.95
C ASP E 61 -14.03 24.19 -9.38
N SER E 62 -14.95 23.69 -10.19
CA SER E 62 -15.16 24.17 -11.55
C SER E 62 -15.07 25.70 -11.61
N GLY E 63 -14.36 26.23 -12.59
CA GLY E 63 -14.18 27.69 -12.72
C GLY E 63 -12.91 28.17 -12.03
N VAL E 64 -12.83 27.95 -10.72
CA VAL E 64 -11.66 28.34 -9.90
C VAL E 64 -10.31 28.11 -10.60
N PRO E 65 -9.49 29.17 -10.72
CA PRO E 65 -8.24 29.08 -11.50
C PRO E 65 -7.17 28.19 -10.86
N ASP E 66 -6.28 27.66 -11.69
CA ASP E 66 -5.31 26.63 -11.26
C ASP E 66 -4.16 27.14 -10.37
N ARG E 67 -4.01 28.46 -10.28
CA ARG E 67 -3.02 29.08 -9.37
C ARG E 67 -3.20 28.65 -7.91
N PHE E 68 -4.45 28.43 -7.50
CA PHE E 68 -4.76 27.95 -6.14
C PHE E 68 -4.54 26.45 -6.10
N THR E 69 -3.88 25.95 -5.05
CA THR E 69 -3.67 24.49 -4.88
C THR E 69 -3.63 24.07 -3.39
N GLY E 70 -4.22 22.93 -3.07
CA GLY E 70 -4.34 22.48 -1.66
C GLY E 70 -3.73 21.10 -1.40
N SER E 71 -2.83 21.01 -0.41
CA SER E 71 -2.11 19.77 -0.16
C SER E 71 -2.03 19.38 1.33
N GLY E 72 -1.63 18.13 1.58
CA GLY E 72 -1.53 17.59 2.93
C GLY E 72 -2.73 16.71 3.23
N SER E 73 -2.67 16.01 4.37
CA SER E 73 -3.74 15.09 4.78
C SER E 73 -3.71 14.71 6.26
N GLY E 74 -4.89 14.34 6.77
CA GLY E 74 -5.03 13.83 8.12
C GLY E 74 -5.43 14.94 9.05
N THR E 75 -4.42 15.57 9.65
CA THR E 75 -4.63 16.69 10.57
C THR E 75 -3.88 17.97 10.15
N ASP E 76 -3.04 17.90 9.13
CA ASP E 76 -2.30 19.07 8.62
C ASP E 76 -2.67 19.36 7.15
N PHE E 77 -2.93 20.64 6.85
CA PHE E 77 -3.39 21.05 5.51
C PHE E 77 -2.77 22.37 5.03
N THR E 78 -2.58 22.47 3.72
CA THR E 78 -1.91 23.63 3.11
C THR E 78 -2.74 24.24 1.99
N LEU E 79 -2.96 25.55 2.05
CA LEU E 79 -3.47 26.31 0.91
C LEU E 79 -2.34 27.15 0.34
N THR E 80 -1.98 26.86 -0.91
CA THR E 80 -0.90 27.53 -1.61
C THR E 80 -1.47 28.35 -2.74
N ILE E 81 -0.99 29.59 -2.88
CA ILE E 81 -1.38 30.44 -4.01
C ILE E 81 -0.15 30.84 -4.80
N SER E 82 0.06 30.16 -5.92
CA SER E 82 1.19 30.43 -6.79
C SER E 82 1.01 31.77 -7.48
N SER E 83 1.87 32.74 -7.12
CA SER E 83 1.78 34.13 -7.60
C SER E 83 0.42 34.76 -7.29
N VAL E 84 0.37 35.49 -6.17
CA VAL E 84 -0.86 36.14 -5.72
C VAL E 84 -1.25 37.25 -6.71
N GLN E 85 -2.52 37.67 -6.67
CA GLN E 85 -3.03 38.76 -7.51
C GLN E 85 -3.92 39.75 -6.74
N ALA E 86 -4.33 40.81 -7.44
CA ALA E 86 -5.21 41.86 -6.89
C ALA E 86 -6.65 41.41 -6.61
N GLU E 87 -7.13 40.43 -7.38
CA GLU E 87 -8.45 39.83 -7.16
C GLU E 87 -8.50 38.90 -5.96
N ASP E 88 -7.33 38.62 -5.37
CA ASP E 88 -7.21 37.60 -4.35
C ASP E 88 -7.31 38.12 -2.92
N LEU E 89 -7.41 39.43 -2.72
CA LEU E 89 -7.55 39.95 -1.36
C LEU E 89 -8.84 39.39 -0.77
N ALA E 90 -8.70 38.70 0.35
CA ALA E 90 -9.87 38.09 0.99
C ALA E 90 -9.48 37.52 2.34
N VAL E 91 -10.48 37.05 3.07
CA VAL E 91 -10.22 36.19 4.20
C VAL E 91 -10.40 34.76 3.70
N TYR E 92 -9.40 33.92 3.89
CA TYR E 92 -9.48 32.54 3.45
C TYR E 92 -9.82 31.67 4.66
N TYR E 93 -10.90 30.90 4.54
CA TYR E 93 -11.44 30.09 5.62
C TYR E 93 -11.31 28.61 5.31
N CYS E 94 -10.77 27.82 6.23
CA CYS E 94 -10.83 26.35 6.09
C CYS E 94 -12.01 25.83 6.91
N GLN E 95 -12.59 24.72 6.45
CA GLN E 95 -13.79 24.14 7.09
C GLN E 95 -13.70 22.62 7.23
N ASN E 96 -13.98 22.14 8.44
CA ASN E 96 -14.23 20.72 8.66
C ASN E 96 -15.50 20.38 7.90
N ASP E 97 -15.34 19.60 6.83
CA ASP E 97 -16.46 19.16 6.03
C ASP E 97 -16.72 17.67 6.22
N TYR E 98 -16.33 17.13 7.37
CA TYR E 98 -16.35 15.70 7.59
C TYR E 98 -17.55 15.28 8.43
N THR E 99 -17.55 15.67 9.71
CA THR E 99 -18.54 15.27 10.69
C THR E 99 -19.24 16.45 11.34
N TYR E 100 -20.53 16.27 11.61
CA TYR E 100 -21.33 17.19 12.39
C TYR E 100 -20.68 17.40 13.78
N PRO E 101 -20.61 18.64 14.29
CA PRO E 101 -20.99 19.87 13.62
C PRO E 101 -19.91 20.29 12.64
N LEU E 102 -20.30 20.82 11.50
CA LEU E 102 -19.31 21.29 10.55
C LEU E 102 -18.70 22.48 11.24
N THR E 103 -17.39 22.66 11.14
CA THR E 103 -16.78 23.81 11.81
C THR E 103 -15.85 24.56 10.90
N PHE E 104 -15.64 25.83 11.20
CA PHE E 104 -14.75 26.68 10.44
C PHE E 104 -13.55 27.12 11.28
N GLY E 105 -12.48 27.54 10.59
CA GLY E 105 -11.32 28.15 11.24
C GLY E 105 -11.53 29.65 11.39
N VAL E 106 -10.63 30.31 12.09
CA VAL E 106 -10.74 31.74 12.34
C VAL E 106 -10.62 32.53 11.05
N GLY E 107 -9.82 32.00 10.12
CA GLY E 107 -9.58 32.64 8.84
C GLY E 107 -8.21 33.29 8.80
N THR E 108 -7.66 33.39 7.58
CA THR E 108 -6.41 34.09 7.32
C THR E 108 -6.69 35.28 6.43
N LYS E 109 -6.24 36.47 6.82
CA LYS E 109 -6.40 37.67 6.02
C LYS E 109 -5.27 37.83 5.03
N LEU E 110 -5.62 37.87 3.75
CA LEU E 110 -4.63 38.07 2.70
C LEU E 110 -4.66 39.51 2.26
N GLU E 111 -3.68 40.27 2.75
CA GLU E 111 -3.53 41.68 2.41
C GLU E 111 -2.36 41.87 1.44
N LEU E 112 -2.64 42.52 0.30
CA LEU E 112 -1.64 42.75 -0.75
C LEU E 112 -0.62 43.82 -0.34
N LYS E 113 0.60 43.68 -0.85
CA LYS E 113 1.63 44.70 -0.66
C LYS E 113 1.91 45.34 -2.01
N ARG E 114 2.49 46.54 -1.96
CA ARG E 114 2.46 47.48 -3.07
C ARG E 114 3.44 48.62 -2.82
N ALA E 115 3.84 49.33 -3.86
CA ALA E 115 4.67 50.52 -3.72
C ALA E 115 3.85 51.67 -3.13
N ASP E 116 4.54 52.63 -2.51
CA ASP E 116 3.89 53.72 -1.79
C ASP E 116 3.33 54.77 -2.75
N ALA E 117 2.07 55.14 -2.52
CA ALA E 117 1.40 56.17 -3.29
C ALA E 117 0.71 57.13 -2.31
N ALA E 118 0.98 58.43 -2.45
CA ALA E 118 0.38 59.46 -1.59
C ALA E 118 -1.11 59.65 -1.92
N PRO E 119 -1.91 60.13 -0.95
CA PRO E 119 -3.35 60.32 -1.20
C PRO E 119 -3.71 61.56 -2.01
N THR E 120 -4.87 61.50 -2.65
CA THR E 120 -5.51 62.65 -3.28
C THR E 120 -6.61 63.19 -2.34
N VAL E 121 -6.34 64.36 -1.77
CA VAL E 121 -7.15 64.96 -0.71
C VAL E 121 -8.18 65.95 -1.25
N SER E 122 -9.42 65.75 -0.82
CA SER E 122 -10.54 66.61 -1.20
C SER E 122 -11.32 66.98 0.05
N ILE E 123 -11.26 68.26 0.41
CA ILE E 123 -12.03 68.78 1.53
C ILE E 123 -13.33 69.33 0.99
N PHE E 124 -14.38 69.31 1.80
CA PHE E 124 -15.71 69.74 1.38
C PHE E 124 -16.38 70.50 2.48
N PRO E 125 -16.84 71.73 2.20
CA PRO E 125 -17.60 72.44 3.22
C PRO E 125 -18.96 71.77 3.50
N PRO E 126 -19.65 72.16 4.58
CA PRO E 126 -20.96 71.59 4.78
C PRO E 126 -21.87 72.10 3.70
N SER E 127 -22.86 71.28 3.33
CA SER E 127 -23.80 71.67 2.32
C SER E 127 -24.72 72.72 2.88
N SER E 128 -25.29 73.50 1.97
CA SER E 128 -26.34 74.48 2.25
C SER E 128 -27.61 73.82 2.81
N GLU E 129 -27.94 72.63 2.30
CA GLU E 129 -29.15 71.91 2.75
C GLU E 129 -29.06 71.45 4.21
N GLN E 130 -27.86 71.06 4.62
CA GLN E 130 -27.57 70.63 6.00
C GLN E 130 -27.59 71.81 6.98
N LEU E 131 -26.95 72.91 6.59
CA LEU E 131 -26.93 74.12 7.42
C LEU E 131 -28.36 74.56 7.73
N THR E 132 -29.19 74.52 6.71
CA THR E 132 -30.63 74.80 6.83
C THR E 132 -31.32 74.09 8.03
N SER E 133 -30.96 72.83 8.27
CA SER E 133 -31.58 72.05 9.37
C SER E 133 -30.92 72.28 10.75
N GLY E 134 -29.69 72.76 10.77
CA GLY E 134 -29.01 73.13 12.01
C GLY E 134 -27.75 72.36 12.39
N GLY E 135 -27.31 71.44 11.53
CA GLY E 135 -26.09 70.67 11.77
C GLY E 135 -25.05 71.06 10.75
N ALA E 136 -23.80 70.66 10.95
CA ALA E 136 -22.72 71.12 10.05
C ALA E 136 -21.49 70.19 10.02
N SER E 137 -21.36 69.39 8.95
CA SER E 137 -20.31 68.39 8.83
C SER E 137 -19.31 68.79 7.76
N VAL E 138 -18.05 68.88 8.17
CA VAL E 138 -16.97 69.10 7.23
C VAL E 138 -16.34 67.76 6.96
N VAL E 139 -16.26 67.40 5.69
CA VAL E 139 -15.76 66.11 5.25
C VAL E 139 -14.48 66.26 4.43
N CYS E 140 -13.45 65.52 4.85
CA CYS E 140 -12.19 65.40 4.11
C CYS E 140 -12.01 63.96 3.65
N PHE E 141 -11.86 63.77 2.35
CA PHE E 141 -11.49 62.45 1.83
C PHE E 141 -9.97 62.36 1.67
N LEU E 142 -9.46 61.14 1.82
CA LEU E 142 -8.07 60.81 1.51
C LEU E 142 -8.09 59.52 0.70
N ASN E 143 -7.89 59.64 -0.61
CA ASN E 143 -8.17 58.56 -1.53
C ASN E 143 -6.96 57.90 -2.16
N ASN E 144 -7.12 56.64 -2.51
CA ASN E 144 -6.12 55.84 -3.18
C ASN E 144 -4.69 56.11 -2.72
N PHE E 145 -4.36 55.61 -1.54
CA PHE E 145 -3.01 55.72 -0.99
C PHE E 145 -2.47 54.40 -0.44
N TYR E 146 -1.22 54.42 0.04
CA TYR E 146 -0.58 53.23 0.59
C TYR E 146 0.70 53.60 1.37
N PRO E 147 0.89 53.03 2.58
CA PRO E 147 0.09 52.02 3.28
C PRO E 147 -1.04 52.56 4.19
N LYS E 148 -1.65 51.65 4.95
CA LYS E 148 -2.74 51.95 5.90
C LYS E 148 -2.43 53.08 6.88
N ASP E 149 -1.20 53.10 7.39
CA ASP E 149 -0.75 54.06 8.40
C ASP E 149 -0.85 55.51 7.90
N ILE E 150 -1.87 56.23 8.36
CA ILE E 150 -2.06 57.63 7.98
C ILE E 150 -2.71 58.47 9.09
N ASN E 151 -2.07 59.59 9.43
CA ASN E 151 -2.59 60.50 10.45
C ASN E 151 -3.10 61.76 9.78
N VAL E 152 -4.40 62.02 9.95
CA VAL E 152 -5.03 63.25 9.46
C VAL E 152 -5.25 64.22 10.63
N LYS E 153 -5.05 65.51 10.36
CA LYS E 153 -5.21 66.56 11.36
C LYS E 153 -6.24 67.58 10.87
N TRP E 154 -6.96 68.19 11.80
CA TRP E 154 -7.92 69.24 11.46
C TRP E 154 -7.55 70.54 12.15
N LYS E 155 -7.37 71.59 11.35
CA LYS E 155 -7.18 72.94 11.86
C LYS E 155 -8.44 73.76 11.59
N ILE E 156 -8.83 74.56 12.57
CA ILE E 156 -9.94 75.50 12.47
C ILE E 156 -9.36 76.83 12.84
N ASP E 157 -9.39 77.78 11.90
CA ASP E 157 -8.73 79.07 12.10
C ASP E 157 -7.26 78.86 12.54
N GLY E 158 -6.59 77.92 11.87
CA GLY E 158 -5.20 77.57 12.15
C GLY E 158 -4.97 76.76 13.42
N SER E 159 -6.01 76.67 14.26
CA SER E 159 -5.88 76.12 15.61
C SER E 159 -6.25 74.63 15.61
N GLU E 160 -5.40 73.83 16.25
CA GLU E 160 -5.58 72.38 16.36
C GLU E 160 -6.94 72.01 16.94
N ARG E 161 -7.57 70.98 16.38
CA ARG E 161 -8.87 70.47 16.88
C ARG E 161 -8.98 68.94 16.81
N GLN E 162 -9.11 68.29 17.97
CA GLN E 162 -9.22 66.83 18.04
C GLN E 162 -10.64 66.29 18.28
N ASP E 163 -11.41 66.92 19.18
CA ASP E 163 -12.77 66.46 19.51
C ASP E 163 -13.75 66.64 18.32
N GLY E 164 -14.60 65.63 18.11
CA GLY E 164 -15.67 65.67 17.08
C GLY E 164 -15.35 64.98 15.76
N VAL E 165 -14.22 64.28 15.69
CA VAL E 165 -13.70 63.76 14.42
C VAL E 165 -13.87 62.26 14.31
N LEU E 166 -14.55 61.81 13.24
CA LEU E 166 -14.81 60.39 13.00
C LEU E 166 -14.22 59.95 11.65
N ASP E 167 -13.43 58.89 11.69
CA ASP E 167 -12.81 58.33 10.49
C ASP E 167 -13.59 57.12 10.00
N SER E 168 -13.22 56.70 8.79
CA SER E 168 -13.69 55.42 8.24
C SER E 168 -12.77 55.02 7.12
N TRP E 169 -12.09 53.88 7.28
CA TRP E 169 -11.31 53.27 6.19
C TRP E 169 -12.19 52.32 5.38
N THR E 170 -11.92 52.21 4.08
CA THR E 170 -12.53 51.18 3.26
C THR E 170 -11.66 49.91 3.33
N ASP E 171 -12.01 48.88 2.59
CA ASP E 171 -11.12 47.75 2.40
C ASP E 171 -10.20 48.08 1.22
N GLN E 172 -9.12 47.32 1.07
CA GLN E 172 -8.16 47.53 -0.03
C GLN E 172 -8.86 47.31 -1.37
N ASP E 173 -8.43 48.02 -2.41
CA ASP E 173 -9.15 47.98 -3.67
C ASP E 173 -8.92 46.69 -4.45
N SER E 174 -10.00 46.04 -4.85
CA SER E 174 -9.93 44.80 -5.64
C SER E 174 -9.19 44.94 -6.98
N LYS E 175 -9.14 46.16 -7.53
CA LYS E 175 -8.57 46.40 -8.86
C LYS E 175 -7.14 46.93 -8.77
N ASP E 176 -6.95 48.09 -8.16
CA ASP E 176 -5.61 48.74 -8.15
C ASP E 176 -4.89 48.73 -6.79
N SER E 177 -5.39 47.91 -5.86
CA SER E 177 -4.69 47.61 -4.59
C SER E 177 -4.40 48.79 -3.63
N THR E 178 -4.92 49.98 -3.93
CA THR E 178 -4.83 51.11 -3.00
C THR E 178 -5.86 51.02 -1.87
N TYR E 179 -5.67 51.82 -0.82
CA TYR E 179 -6.70 52.03 0.20
C TYR E 179 -7.34 53.40 -0.01
N SER E 180 -8.29 53.76 0.86
CA SER E 180 -8.87 55.11 0.87
C SER E 180 -9.55 55.39 2.22
N MET E 181 -9.57 56.67 2.61
CA MET E 181 -10.04 57.09 3.93
C MET E 181 -10.96 58.30 3.84
N SER E 182 -11.80 58.49 4.85
CA SER E 182 -12.54 59.73 4.98
C SER E 182 -12.52 60.17 6.43
N SER E 183 -12.53 61.48 6.63
CA SER E 183 -12.63 62.10 7.96
C SER E 183 -13.81 63.08 8.03
N THR E 184 -14.49 63.12 9.18
CA THR E 184 -15.68 63.94 9.32
C THR E 184 -15.68 64.65 10.67
N LEU E 185 -15.37 65.95 10.58
CA LEU E 185 -15.41 66.84 11.73
C LEU E 185 -16.81 67.43 11.82
N THR E 186 -17.56 67.01 12.84
CA THR E 186 -18.90 67.52 13.06
C THR E 186 -18.92 68.60 14.14
N LEU E 187 -19.66 69.69 13.87
CA LEU E 187 -19.90 70.78 14.80
C LEU E 187 -21.40 71.14 14.71
N THR E 188 -21.89 72.03 15.55
CA THR E 188 -23.22 72.62 15.32
C THR E 188 -23.14 73.79 14.32
N LYS E 189 -24.28 74.12 13.69
CA LYS E 189 -24.33 75.24 12.74
C LYS E 189 -23.72 76.50 13.35
N ASP E 190 -24.06 76.75 14.61
CA ASP E 190 -23.52 77.89 15.35
C ASP E 190 -22.00 77.82 15.33
N GLU E 191 -21.45 76.73 15.87
CA GLU E 191 -20.00 76.60 16.07
C GLU E 191 -19.24 76.73 14.75
N TYR E 192 -19.84 76.27 13.68
CA TYR E 192 -19.25 76.36 12.36
C TYR E 192 -19.26 77.82 11.94
N GLU E 193 -20.41 78.46 12.09
CA GLU E 193 -20.60 79.84 11.67
C GLU E 193 -19.73 80.87 12.39
N ARG E 194 -18.93 80.44 13.36
CA ARG E 194 -18.13 81.39 14.13
C ARG E 194 -16.61 81.27 13.91
N HIS E 195 -16.22 80.47 12.93
CA HIS E 195 -14.84 80.44 12.47
C HIS E 195 -14.89 80.50 10.96
N ASN E 196 -13.74 80.73 10.33
CA ASN E 196 -13.72 81.06 8.92
C ASN E 196 -12.84 80.18 8.05
N SER E 197 -11.74 79.70 8.63
CA SER E 197 -10.79 78.88 7.91
C SER E 197 -10.81 77.44 8.42
N TYR E 198 -10.98 76.49 7.51
CA TYR E 198 -10.99 75.06 7.83
C TYR E 198 -9.94 74.34 6.99
N THR E 199 -9.06 73.63 7.67
CA THR E 199 -7.93 72.96 7.03
C THR E 199 -7.97 71.46 7.39
N CYS E 200 -7.61 70.63 6.41
CA CYS E 200 -7.46 69.17 6.58
C CYS E 200 -6.06 68.78 6.12
N GLU E 201 -5.15 68.49 7.06
CA GLU E 201 -3.74 68.17 6.78
C GLU E 201 -3.43 66.69 6.90
N ALA E 202 -3.11 66.04 5.78
CA ALA E 202 -2.71 64.63 5.79
C ALA E 202 -1.19 64.46 5.92
N THR E 203 -0.76 63.62 6.86
CA THR E 203 0.67 63.37 7.11
C THR E 203 1.01 61.90 6.89
N HIS E 204 2.13 61.65 6.19
CA HIS E 204 2.49 60.30 5.73
C HIS E 204 3.98 59.95 5.96
N LYS E 205 4.38 58.82 5.37
CA LYS E 205 5.74 58.28 5.44
C LYS E 205 6.57 58.76 4.23
N THR E 206 5.90 58.91 3.09
CA THR E 206 6.50 59.41 1.85
C THR E 206 6.80 60.92 1.85
N SER E 207 6.07 61.67 2.67
CA SER E 207 6.10 63.12 2.63
C SER E 207 6.54 63.73 3.97
N THR E 208 7.79 64.21 4.01
CA THR E 208 8.26 65.01 5.15
C THR E 208 7.46 66.32 5.27
N SER E 209 6.86 66.74 4.16
CA SER E 209 5.87 67.82 4.15
C SER E 209 4.46 67.26 4.31
N PRO E 210 3.59 67.96 5.06
CA PRO E 210 2.18 67.56 5.09
C PRO E 210 1.42 67.94 3.82
N ILE E 211 0.46 67.09 3.42
CA ILE E 211 -0.42 67.36 2.28
C ILE E 211 -1.64 68.11 2.80
N VAL E 212 -1.84 69.33 2.30
CA VAL E 212 -2.75 70.31 2.89
C VAL E 212 -3.92 70.69 1.95
N LYS E 213 -5.16 70.56 2.42
CA LYS E 213 -6.29 71.16 1.70
C LYS E 213 -7.21 71.98 2.62
N SER E 214 -7.34 73.28 2.31
CA SER E 214 -8.14 74.22 3.11
C SER E 214 -9.38 74.76 2.39
N PHE E 215 -10.27 75.39 3.15
CA PHE E 215 -11.27 76.25 2.54
C PHE E 215 -11.68 77.37 3.49
N ASN E 216 -12.16 78.47 2.93
CA ASN E 216 -12.77 79.55 3.70
C ASN E 216 -14.30 79.40 3.64
N ARG E 217 -14.97 79.58 4.78
CA ARG E 217 -16.41 79.45 4.90
C ARG E 217 -17.19 80.34 3.96
N ASN E 218 -16.63 81.50 3.63
CA ASN E 218 -17.35 82.49 2.83
C ASN E 218 -16.78 82.62 1.44
N GLU E 219 -16.18 81.53 1.01
CA GLU E 219 -15.47 81.43 -0.24
C GLU E 219 -16.44 81.11 -1.36
N CYS E 220 -16.07 81.56 -2.55
CA CYS E 220 -16.88 81.36 -3.74
C CYS E 220 -16.10 81.76 -4.99
N SER F 8 26.30 -35.41 1.39
CA SER F 8 24.94 -35.09 0.85
C SER F 8 23.77 -35.70 1.67
N GLN F 9 22.80 -34.85 2.04
CA GLN F 9 21.52 -35.28 2.67
C GLN F 9 20.80 -36.30 1.77
N PRO F 10 20.40 -37.46 2.33
CA PRO F 10 19.78 -38.40 1.41
C PRO F 10 18.29 -38.00 1.26
N ASP F 11 17.61 -38.54 0.25
CA ASP F 11 16.23 -38.11 -0.05
C ASP F 11 15.19 -38.52 1.02
N PRO F 12 13.96 -37.94 0.94
CA PRO F 12 12.93 -38.20 1.93
C PRO F 12 12.26 -39.54 1.73
N LYS F 13 12.41 -40.37 2.77
CA LYS F 13 11.75 -41.66 2.90
C LYS F 13 10.23 -41.58 2.79
N PRO F 14 9.58 -42.74 2.52
CA PRO F 14 8.13 -42.62 2.44
C PRO F 14 7.55 -42.32 3.82
N ASP F 15 6.46 -41.56 3.84
CA ASP F 15 5.83 -41.05 5.10
C ASP F 15 6.60 -39.86 5.67
N GLU F 16 7.93 -39.94 5.78
CA GLU F 16 8.71 -38.87 6.42
C GLU F 16 8.28 -37.44 6.06
N LEU F 17 7.96 -37.18 4.79
CA LEU F 17 7.42 -35.87 4.37
C LEU F 17 6.12 -35.55 5.14
N HIS F 18 6.00 -34.31 5.61
CA HIS F 18 4.81 -33.87 6.36
C HIS F 18 3.61 -33.70 5.45
N LYS F 19 2.43 -33.97 5.99
CA LYS F 19 1.21 -33.94 5.21
C LYS F 19 0.28 -32.87 5.71
N SER F 20 -0.27 -32.11 4.77
CA SER F 20 -1.07 -30.95 5.11
C SER F 20 -2.45 -31.35 5.65
N SER F 21 -3.01 -32.45 5.15
CA SER F 21 -4.24 -33.02 5.71
C SER F 21 -4.10 -33.60 7.14
N LYS F 22 -2.88 -33.89 7.56
CA LYS F 22 -2.59 -34.23 8.97
C LYS F 22 -2.26 -33.01 9.83
N PHE F 23 -2.33 -31.81 9.24
CA PHE F 23 -2.22 -30.56 9.96
C PHE F 23 -3.62 -30.03 10.09
N THR F 24 -4.09 -29.86 11.32
CA THR F 24 -5.43 -29.39 11.57
C THR F 24 -5.44 -27.95 12.09
N GLY F 25 -4.26 -27.38 12.37
CA GLY F 25 -4.10 -25.99 12.72
C GLY F 25 -4.38 -25.11 11.51
N LEU F 26 -3.90 -23.86 11.56
CA LEU F 26 -4.25 -22.87 10.52
C LEU F 26 -3.11 -22.57 9.60
N MET F 27 -3.30 -22.82 8.32
CA MET F 27 -2.18 -22.74 7.37
C MET F 27 -1.60 -21.33 7.28
N GLU F 28 -2.41 -20.33 7.61
CA GLU F 28 -1.94 -18.95 7.75
C GLU F 28 -0.77 -18.76 8.71
N ASN F 29 -0.54 -19.75 9.57
CA ASN F 29 0.52 -19.67 10.53
C ASN F 29 1.85 -19.89 9.83
N MET F 30 1.80 -20.58 8.70
CA MET F 30 2.99 -20.88 7.86
C MET F 30 3.09 -19.89 6.67
N LYS F 31 1.95 -19.60 6.04
CA LYS F 31 1.87 -18.67 4.93
C LYS F 31 2.59 -17.36 5.25
N VAL F 32 2.46 -16.92 6.49
CA VAL F 32 2.95 -15.62 6.89
C VAL F 32 4.48 -15.56 6.92
N LEU F 33 5.11 -16.68 7.23
CA LEU F 33 6.56 -16.76 7.25
C LEU F 33 7.11 -16.50 5.85
N TYR F 34 6.26 -16.68 4.83
CA TYR F 34 6.65 -16.50 3.43
C TYR F 34 5.86 -15.41 2.69
N ASP F 35 5.15 -14.58 3.44
CA ASP F 35 4.37 -13.37 2.97
C ASP F 35 5.30 -12.19 2.62
N ASP F 36 4.79 -10.99 2.37
CA ASP F 36 5.67 -9.86 2.06
C ASP F 36 6.70 -9.53 3.15
N ASN F 37 6.25 -9.36 4.38
CA ASN F 37 7.18 -9.00 5.50
C ASN F 37 8.24 -10.12 5.68
N HIS F 38 9.48 -9.70 5.97
CA HIS F 38 10.66 -10.55 6.26
C HIS F 38 11.80 -9.63 6.71
N VAL F 39 12.89 -10.18 7.21
CA VAL F 39 13.99 -9.35 7.70
C VAL F 39 15.00 -9.27 6.58
N SER F 40 15.52 -8.08 6.35
CA SER F 40 16.54 -7.84 5.31
C SER F 40 17.32 -6.54 5.54
N ALA F 41 18.59 -6.71 5.92
CA ALA F 41 19.44 -5.61 6.32
C ALA F 41 20.77 -5.81 5.64
N ILE F 42 21.40 -4.69 5.31
CA ILE F 42 22.58 -4.66 4.48
C ILE F 42 23.71 -3.97 5.24
N ASN F 43 24.88 -4.62 5.25
CA ASN F 43 26.08 -4.09 5.90
C ASN F 43 25.83 -3.63 7.33
N VAL F 44 25.62 -4.59 8.23
CA VAL F 44 25.39 -4.31 9.66
C VAL F 44 26.36 -5.13 10.50
N LYS F 45 26.56 -4.69 11.74
CA LYS F 45 27.41 -5.42 12.71
C LYS F 45 26.66 -5.61 14.01
N SER F 46 26.93 -6.74 14.66
CA SER F 46 26.23 -7.14 15.88
C SER F 46 26.64 -6.29 17.07
N ILE F 47 25.65 -5.85 17.84
CA ILE F 47 25.89 -4.98 18.99
C ILE F 47 25.77 -5.71 20.33
N ASP F 48 25.26 -6.95 20.30
CA ASP F 48 24.96 -7.68 21.55
C ASP F 48 24.87 -9.20 21.28
N GLN F 49 24.59 -9.96 22.34
CA GLN F 49 24.54 -11.42 22.30
C GLN F 49 23.79 -11.96 23.53
N PHE F 50 22.60 -12.53 23.32
CA PHE F 50 21.80 -13.04 24.44
C PHE F 50 22.41 -14.33 25.00
N LEU F 51 22.47 -15.36 24.16
CA LEU F 51 23.08 -16.63 24.56
C LEU F 51 24.25 -16.98 23.63
N TYR F 52 24.99 -18.05 23.97
CA TYR F 52 26.23 -18.43 23.25
C TYR F 52 26.03 -18.55 21.73
N PHE F 53 24.85 -19.03 21.34
CA PHE F 53 24.57 -19.35 19.96
C PHE F 53 23.87 -18.23 19.20
N ASP F 54 23.87 -17.01 19.72
CA ASP F 54 23.19 -15.94 18.99
C ASP F 54 23.92 -14.59 18.96
N LEU F 55 23.43 -13.74 18.07
CA LEU F 55 23.93 -12.40 17.88
C LEU F 55 22.75 -11.46 17.76
N ILE F 56 22.88 -10.24 18.30
CA ILE F 56 21.80 -9.26 18.23
C ILE F 56 22.15 -8.04 17.35
N TYR F 57 21.16 -7.63 16.55
CA TYR F 57 21.33 -6.53 15.59
C TYR F 57 20.29 -5.46 15.83
N SER F 58 20.59 -4.23 15.45
CA SER F 58 19.55 -3.19 15.38
C SER F 58 19.39 -2.75 13.91
N ILE F 59 18.23 -3.05 13.35
CA ILE F 59 17.94 -2.92 11.93
C ILE F 59 16.66 -2.12 11.75
N LYS F 60 16.68 -1.09 10.89
CA LYS F 60 15.49 -0.23 10.79
C LYS F 60 14.38 -0.84 9.88
N ASP F 61 13.14 -0.74 10.36
CA ASP F 61 11.95 -1.10 9.57
C ASP F 61 10.69 -0.33 10.06
N THR F 62 10.89 0.89 10.60
CA THR F 62 9.77 1.85 10.84
C THR F 62 9.00 2.09 9.54
N LYS F 63 9.61 1.65 8.44
CA LYS F 63 8.92 1.25 7.21
C LYS F 63 7.68 0.40 7.56
N ASP F 68 12.89 -3.50 15.22
CA ASP F 68 14.17 -2.80 15.31
C ASP F 68 15.27 -3.68 15.86
N ASN F 69 14.95 -4.51 16.84
CA ASN F 69 15.87 -5.52 17.38
C ASN F 69 15.60 -6.88 16.76
N VAL F 70 16.66 -7.46 16.19
CA VAL F 70 16.60 -8.79 15.62
C VAL F 70 17.68 -9.64 16.24
N ARG F 71 17.24 -10.71 16.90
CA ARG F 71 18.12 -11.74 17.46
C ARG F 71 18.27 -12.91 16.48
N VAL F 72 19.47 -13.05 15.93
CA VAL F 72 19.82 -14.17 15.01
C VAL F 72 20.43 -15.31 15.82
N GLU F 73 19.86 -16.50 15.73
CA GLU F 73 20.35 -17.67 16.45
C GLU F 73 21.00 -18.67 15.48
N PHE F 74 22.21 -19.11 15.78
CA PHE F 74 22.85 -20.15 15.00
C PHE F 74 22.69 -21.51 15.67
N LYS F 75 23.06 -22.57 14.96
CA LYS F 75 22.98 -23.90 15.54
C LYS F 75 24.13 -24.12 16.53
N ASN F 76 25.20 -23.34 16.43
CA ASN F 76 26.32 -23.51 17.35
C ASN F 76 27.13 -22.25 17.61
N LYS F 77 28.06 -22.37 18.56
CA LYS F 77 28.91 -21.25 19.00
C LYS F 77 29.85 -20.74 17.90
N ASP F 78 30.61 -21.65 17.29
CA ASP F 78 31.53 -21.28 16.21
C ASP F 78 30.91 -20.27 15.22
N LEU F 79 29.68 -20.54 14.75
CA LEU F 79 28.97 -19.63 13.83
C LEU F 79 28.72 -18.28 14.47
N ALA F 80 28.14 -18.29 15.68
CA ALA F 80 27.91 -17.06 16.41
C ALA F 80 29.20 -16.27 16.51
N ASP F 81 30.23 -16.89 17.08
CA ASP F 81 31.54 -16.25 17.23
C ASP F 81 32.12 -15.82 15.88
N LYS F 82 31.84 -16.57 14.83
CA LYS F 82 32.42 -16.28 13.52
C LYS F 82 31.97 -14.94 12.92
N TYR F 83 30.71 -14.58 13.11
CA TYR F 83 30.19 -13.38 12.44
C TYR F 83 29.98 -12.19 13.36
N LYS F 84 30.26 -12.34 14.66
CA LYS F 84 30.36 -11.16 15.53
C LYS F 84 31.63 -10.44 15.13
N ASP F 85 31.62 -9.12 15.22
CA ASP F 85 32.79 -8.33 14.84
C ASP F 85 33.08 -8.53 13.36
N LYS F 86 32.01 -8.82 12.60
CA LYS F 86 32.06 -8.82 11.15
C LYS F 86 30.87 -8.07 10.60
N TYR F 87 31.11 -7.36 9.51
CA TYR F 87 30.05 -6.65 8.83
C TYR F 87 29.45 -7.61 7.85
N VAL F 88 28.13 -7.77 7.93
CA VAL F 88 27.44 -8.83 7.26
C VAL F 88 26.13 -8.34 6.65
N ASP F 89 25.61 -9.09 5.71
CA ASP F 89 24.25 -8.94 5.26
C ASP F 89 23.39 -10.00 5.99
N VAL F 90 22.13 -9.68 6.24
CA VAL F 90 21.24 -10.52 7.02
C VAL F 90 19.92 -10.59 6.30
N PHE F 91 19.48 -11.81 5.99
CA PHE F 91 18.22 -12.03 5.26
C PHE F 91 17.56 -13.30 5.73
N GLY F 92 16.27 -13.20 6.05
CA GLY F 92 15.47 -14.38 6.34
C GLY F 92 14.11 -14.12 6.97
N ALA F 93 13.46 -15.23 7.29
CA ALA F 93 12.12 -15.25 7.85
C ALA F 93 12.20 -15.14 9.37
N ASN F 94 11.45 -14.21 9.91
CA ASN F 94 11.46 -13.94 11.34
C ASN F 94 10.12 -14.28 11.98
N TYR F 95 10.11 -14.26 13.31
CA TYR F 95 8.92 -14.57 14.10
C TYR F 95 8.85 -13.69 15.40
N TYR F 96 7.65 -13.54 15.94
CA TYR F 96 7.39 -12.65 17.10
C TYR F 96 6.96 -13.42 18.36
N TYR F 97 6.37 -14.59 18.13
CA TYR F 97 5.71 -15.33 19.17
C TYR F 97 6.71 -16.23 19.85
N GLN F 98 6.65 -16.32 21.17
CA GLN F 98 7.62 -17.08 21.93
C GLN F 98 9.03 -16.72 21.46
N CYS F 99 9.28 -15.42 21.37
CA CYS F 99 10.60 -14.89 21.02
C CYS F 99 11.15 -14.12 22.21
N TYR F 100 12.44 -14.30 22.48
CA TYR F 100 13.03 -13.83 23.74
C TYR F 100 14.36 -13.11 23.54
N PHE F 101 14.53 -12.01 24.27
CA PHE F 101 15.81 -11.31 24.33
C PHE F 101 16.31 -11.30 25.76
N SER F 102 15.65 -12.12 26.60
CA SER F 102 15.92 -12.20 28.04
C SER F 102 15.50 -13.57 28.56
N ARG F 116 8.81 -5.01 17.05
CA ARG F 116 9.79 -4.14 17.73
C ARG F 116 11.10 -4.88 18.09
N LYS F 117 10.93 -6.08 18.62
CA LYS F 117 11.99 -7.02 18.93
C LYS F 117 11.56 -8.28 18.19
N THR F 118 12.48 -8.98 17.52
CA THR F 118 12.10 -10.15 16.71
C THR F 118 13.23 -11.19 16.55
N CYS F 119 12.85 -12.44 16.30
CA CYS F 119 13.80 -13.57 16.24
C CYS F 119 13.94 -14.22 14.84
N MET F 120 15.11 -14.79 14.55
CA MET F 120 15.27 -15.64 13.37
C MET F 120 16.46 -16.59 13.50
N TYR F 121 16.62 -17.51 12.53
CA TYR F 121 17.79 -18.42 12.48
C TYR F 121 18.69 -18.17 11.26
N GLY F 122 20.00 -18.23 11.44
CA GLY F 122 20.93 -18.20 10.31
C GLY F 122 20.74 -16.98 9.42
N GLY F 123 20.73 -17.18 8.12
CA GLY F 123 20.47 -16.07 7.20
C GLY F 123 21.54 -14.96 7.09
N VAL F 124 22.72 -15.20 7.70
CA VAL F 124 23.83 -14.26 7.72
C VAL F 124 24.87 -14.58 6.66
N THR F 125 25.32 -13.56 5.95
CA THR F 125 26.48 -13.70 5.05
C THR F 125 27.38 -12.50 5.16
N GLU F 126 28.68 -12.71 4.94
CA GLU F 126 29.70 -11.64 5.04
C GLU F 126 29.43 -10.64 3.93
N HIS F 127 29.50 -9.35 4.24
CA HIS F 127 29.16 -8.30 3.27
C HIS F 127 30.30 -8.09 2.28
N ASN F 128 31.46 -7.67 2.80
CA ASN F 128 32.58 -7.29 1.94
C ASN F 128 33.06 -8.46 1.10
N GLY F 129 33.26 -8.22 -0.19
CA GLY F 129 33.70 -9.25 -1.12
C GLY F 129 32.66 -10.24 -1.64
N ASN F 130 31.41 -10.13 -1.19
CA ASN F 130 30.35 -11.06 -1.56
C ASN F 130 29.27 -10.41 -2.41
N GLN F 131 29.53 -9.24 -2.98
CA GLN F 131 28.48 -8.49 -3.68
C GLN F 131 28.62 -8.50 -5.21
N LEU F 132 27.51 -8.69 -5.90
CA LEU F 132 27.42 -8.52 -7.35
C LEU F 132 26.78 -7.16 -7.68
N ASP F 133 27.21 -6.51 -8.75
CA ASP F 133 26.63 -5.21 -9.11
C ASP F 133 25.34 -5.36 -9.92
N LYS F 134 25.01 -6.58 -10.32
CA LYS F 134 23.69 -6.86 -10.90
C LYS F 134 23.11 -8.10 -10.25
N TYR F 135 21.90 -8.48 -10.62
CA TYR F 135 21.28 -9.67 -10.02
C TYR F 135 21.57 -10.94 -10.82
N ARG F 136 21.89 -12.03 -10.14
CA ARG F 136 21.86 -13.34 -10.77
C ARG F 136 20.43 -13.83 -10.74
N SER F 137 20.06 -14.58 -11.76
CA SER F 137 18.82 -15.31 -11.77
C SER F 137 19.14 -16.78 -11.62
N ILE F 138 18.47 -17.40 -10.66
CA ILE F 138 18.41 -18.85 -10.57
C ILE F 138 17.01 -19.29 -10.94
N THR F 139 16.91 -20.27 -11.85
CA THR F 139 15.61 -20.80 -12.28
C THR F 139 15.13 -21.80 -11.28
N VAL F 140 13.90 -21.65 -10.84
CA VAL F 140 13.29 -22.65 -10.01
C VAL F 140 12.40 -23.46 -10.90
N ARG F 141 12.46 -24.78 -10.72
CA ARG F 141 11.63 -25.72 -11.46
C ARG F 141 10.64 -26.34 -10.48
N VAL F 142 9.35 -26.25 -10.80
CA VAL F 142 8.27 -26.72 -9.92
C VAL F 142 7.51 -27.83 -10.58
N PHE F 143 7.40 -28.96 -9.89
CA PHE F 143 6.69 -30.14 -10.40
C PHE F 143 5.50 -30.48 -9.50
N GLU F 144 4.47 -31.09 -10.08
CA GLU F 144 3.24 -31.42 -9.35
C GLU F 144 2.82 -32.84 -9.75
N ASP F 145 2.82 -33.78 -8.79
CA ASP F 145 2.48 -35.21 -9.05
C ASP F 145 3.39 -35.79 -10.14
N GLY F 146 4.62 -35.28 -10.18
CA GLY F 146 5.61 -35.65 -11.17
C GLY F 146 5.61 -34.89 -12.49
N LYS F 147 4.56 -34.11 -12.76
CA LYS F 147 4.46 -33.37 -14.04
C LYS F 147 5.11 -32.06 -13.87
N ASN F 148 5.37 -31.39 -14.96
CA ASN F 148 6.00 -30.10 -14.92
C ASN F 148 4.88 -29.11 -14.73
N LEU F 149 4.92 -28.36 -13.60
CA LEU F 149 3.88 -27.37 -13.26
C LEU F 149 4.25 -25.98 -13.77
N LEU F 150 5.38 -25.45 -13.33
CA LEU F 150 6.01 -24.31 -14.02
C LEU F 150 7.44 -24.02 -13.56
N SER F 151 8.02 -23.02 -14.20
CA SER F 151 9.30 -22.45 -13.82
C SER F 151 9.23 -20.93 -13.74
N PHE F 152 10.01 -20.37 -12.87
CA PHE F 152 10.15 -18.93 -12.74
C PHE F 152 11.54 -18.66 -12.20
N ASP F 153 11.98 -17.41 -12.24
CA ASP F 153 13.30 -17.06 -11.70
C ASP F 153 13.19 -16.43 -10.29
N VAL F 154 14.22 -16.60 -9.47
CA VAL F 154 14.45 -15.74 -8.32
C VAL F 154 15.78 -14.98 -8.51
N GLN F 155 15.98 -13.89 -7.77
CA GLN F 155 17.09 -12.98 -7.97
C GLN F 155 17.89 -12.73 -6.69
N THR F 156 19.21 -12.64 -6.83
CA THR F 156 20.10 -12.40 -5.70
C THR F 156 21.36 -11.67 -6.11
N ASN F 157 21.75 -10.66 -5.35
CA ASN F 157 22.94 -9.90 -5.70
C ASN F 157 24.16 -10.34 -4.89
N LYS F 158 24.13 -11.57 -4.42
CA LYS F 158 25.24 -12.14 -3.66
C LYS F 158 26.00 -13.22 -4.42
N LYS F 159 27.31 -13.20 -4.31
CA LYS F 159 28.13 -14.31 -4.82
C LYS F 159 27.73 -15.58 -4.08
N LYS F 160 27.83 -15.57 -2.77
CA LYS F 160 27.33 -16.66 -1.92
C LYS F 160 26.05 -16.20 -1.22
N VAL F 161 25.00 -17.02 -1.25
CA VAL F 161 23.68 -16.66 -0.72
C VAL F 161 23.19 -17.82 0.14
N THR F 162 22.45 -17.53 1.19
CA THR F 162 21.94 -18.59 2.06
C THR F 162 20.75 -19.29 1.38
N ALA F 163 20.71 -20.61 1.54
CA ALA F 163 19.57 -21.40 1.14
C ALA F 163 18.26 -20.83 1.72
N GLN F 164 18.28 -20.38 2.96
CA GLN F 164 17.13 -19.67 3.52
C GLN F 164 16.59 -18.57 2.58
N GLU F 165 17.45 -17.65 2.15
CA GLU F 165 17.04 -16.56 1.29
C GLU F 165 16.34 -17.12 0.07
N LEU F 166 16.98 -18.10 -0.58
CA LEU F 166 16.48 -18.66 -1.84
C LEU F 166 15.17 -19.38 -1.61
N ASP F 167 15.07 -20.18 -0.54
CA ASP F 167 13.81 -20.80 -0.12
C ASP F 167 12.71 -19.79 -0.03
N TYR F 168 12.97 -18.69 0.68
CA TYR F 168 11.98 -17.65 0.88
C TYR F 168 11.64 -16.90 -0.41
N LEU F 169 12.60 -16.66 -1.28
CA LEU F 169 12.23 -16.06 -2.54
C LEU F 169 11.31 -17.04 -3.27
N THR F 170 11.65 -18.33 -3.20
CA THR F 170 10.93 -19.35 -3.94
C THR F 170 9.50 -19.45 -3.42
N ARG F 171 9.34 -19.62 -2.13
CA ARG F 171 8.01 -19.86 -1.59
C ARG F 171 7.12 -18.64 -1.75
N HIS F 172 7.72 -17.48 -1.58
CA HIS F 172 7.01 -16.25 -1.72
C HIS F 172 6.34 -16.18 -3.06
N TYR F 173 7.09 -16.34 -4.13
CA TYR F 173 6.50 -16.41 -5.47
C TYR F 173 5.35 -17.41 -5.53
N LEU F 174 5.59 -18.60 -4.99
CA LEU F 174 4.56 -19.67 -4.99
C LEU F 174 3.26 -19.32 -4.19
N VAL F 175 3.44 -18.56 -3.12
CA VAL F 175 2.30 -18.09 -2.39
C VAL F 175 1.53 -17.06 -3.22
N LYS F 176 2.20 -16.06 -3.80
CA LYS F 176 1.48 -15.07 -4.61
C LYS F 176 0.77 -15.66 -5.83
N ASN F 177 1.41 -16.65 -6.45
CA ASN F 177 1.00 -17.08 -7.79
C ASN F 177 0.41 -18.48 -7.93
N LYS F 178 0.71 -19.40 -7.02
CA LYS F 178 0.21 -20.78 -7.12
C LYS F 178 -0.50 -21.30 -5.87
N LYS F 179 -0.93 -20.40 -5.02
CA LYS F 179 -1.70 -20.76 -3.83
C LYS F 179 -1.04 -21.90 -3.01
N LEU F 180 0.29 -21.90 -2.93
CA LEU F 180 1.01 -22.95 -2.19
C LEU F 180 0.60 -23.01 -0.72
N TYR F 181 0.41 -21.85 -0.11
CA TYR F 181 -0.15 -21.78 1.22
C TYR F 181 -1.31 -20.83 1.10
N GLU F 182 -2.44 -21.22 1.69
CA GLU F 182 -3.56 -20.34 1.83
C GLU F 182 -3.92 -20.14 3.29
N PHE F 183 -4.85 -19.24 3.54
CA PHE F 183 -5.27 -18.92 4.89
C PHE F 183 -5.60 -20.19 5.68
N ASN F 184 -6.57 -20.97 5.18
CA ASN F 184 -7.11 -22.10 5.94
C ASN F 184 -6.29 -23.37 5.78
N ASN F 185 -6.04 -23.75 4.54
CA ASN F 185 -5.32 -24.98 4.27
C ASN F 185 -4.38 -24.79 3.07
N SER F 186 -3.87 -25.88 2.49
CA SER F 186 -3.10 -25.83 1.24
C SER F 186 -3.67 -26.85 0.27
N PRO F 187 -3.68 -26.52 -1.03
CA PRO F 187 -4.15 -27.51 -1.98
C PRO F 187 -3.14 -28.66 -2.19
N TYR F 188 -1.87 -28.45 -1.84
CA TYR F 188 -0.86 -29.51 -1.92
C TYR F 188 -0.83 -30.32 -0.66
N GLU F 189 -0.42 -31.58 -0.79
CA GLU F 189 -0.43 -32.55 0.33
C GLU F 189 0.93 -32.65 0.99
N THR F 190 1.98 -32.88 0.19
CA THR F 190 3.37 -32.76 0.63
C THR F 190 4.05 -31.83 -0.32
N GLY F 191 5.24 -31.41 0.07
CA GLY F 191 6.08 -30.59 -0.79
C GLY F 191 7.45 -30.49 -0.16
N TYR F 192 8.51 -30.71 -0.95
CA TYR F 192 9.85 -30.40 -0.50
C TYR F 192 10.59 -29.61 -1.54
N ILE F 193 11.62 -28.91 -1.09
CA ILE F 193 12.38 -28.02 -1.93
C ILE F 193 13.84 -28.53 -1.94
N LYS F 194 14.37 -28.86 -3.12
CA LYS F 194 15.67 -29.49 -3.24
C LYS F 194 16.71 -28.56 -3.85
N PHE F 195 17.88 -28.50 -3.23
CA PHE F 195 18.93 -27.62 -3.69
C PHE F 195 20.05 -28.48 -4.17
N ILE F 196 20.52 -28.31 -5.40
CA ILE F 196 21.68 -29.04 -5.86
C ILE F 196 22.76 -28.06 -6.33
N GLU F 197 23.97 -28.18 -5.80
CA GLU F 197 25.10 -27.37 -6.24
C GLU F 197 26.23 -28.30 -6.56
N ASN F 198 26.86 -28.05 -7.71
CA ASN F 198 27.63 -29.05 -8.41
C ASN F 198 26.94 -30.41 -8.26
N GLU F 199 27.38 -31.14 -7.22
CA GLU F 199 27.07 -32.54 -7.03
C GLU F 199 26.67 -32.93 -5.60
N ASN F 200 26.43 -31.94 -4.75
CA ASN F 200 25.88 -32.17 -3.43
C ASN F 200 24.48 -31.65 -3.47
N SER F 201 23.64 -32.13 -2.57
CA SER F 201 22.28 -31.67 -2.52
C SER F 201 21.72 -31.79 -1.11
N PHE F 202 20.75 -30.93 -0.81
CA PHE F 202 20.02 -30.99 0.44
C PHE F 202 18.60 -30.49 0.22
N TRP F 203 17.69 -30.83 1.13
CA TRP F 203 16.26 -30.51 0.95
C TRP F 203 15.54 -30.04 2.23
N TYR F 204 14.48 -29.27 2.04
CA TYR F 204 13.58 -28.89 3.15
C TYR F 204 12.16 -29.31 2.91
N ASP F 205 11.54 -29.83 3.93
CA ASP F 205 10.13 -30.16 3.89
C ASP F 205 9.38 -28.83 3.96
N MET F 206 8.30 -28.68 3.18
CA MET F 206 7.59 -27.37 3.13
C MET F 206 6.29 -27.33 3.91
N MET F 207 5.95 -28.41 4.58
CA MET F 207 4.68 -28.47 5.27
C MET F 207 4.87 -28.58 6.79
N PRO F 208 3.88 -28.09 7.54
CA PRO F 208 3.98 -28.12 8.97
C PRO F 208 3.83 -29.54 9.49
N ALA F 209 4.48 -29.81 10.61
CA ALA F 209 4.43 -31.13 11.23
C ALA F 209 3.02 -31.39 11.73
N PRO F 210 2.66 -32.67 11.88
CA PRO F 210 1.26 -32.97 12.21
C PRO F 210 0.80 -32.35 13.54
N GLY F 211 -0.52 -32.27 13.75
CA GLY F 211 -1.08 -31.67 14.95
C GLY F 211 -1.95 -30.48 14.62
N ASP F 212 -2.63 -29.94 15.64
CA ASP F 212 -3.56 -28.81 15.47
C ASP F 212 -2.95 -27.43 15.77
N LYS F 213 -1.62 -27.33 15.85
CA LYS F 213 -0.99 -26.03 16.09
C LYS F 213 0.48 -25.93 15.63
N PHE F 214 0.68 -25.12 14.59
CA PHE F 214 1.97 -24.72 14.09
C PHE F 214 2.77 -23.84 15.07
N ASP F 215 4.04 -24.18 15.21
CA ASP F 215 5.04 -23.44 15.97
C ASP F 215 6.05 -22.91 14.94
N GLN F 216 6.09 -21.60 14.76
CA GLN F 216 6.97 -20.98 13.77
C GLN F 216 8.42 -21.13 14.17
N SER F 217 8.68 -20.94 15.45
CA SER F 217 10.03 -21.00 16.01
C SER F 217 10.70 -22.37 15.88
N LYS F 218 9.89 -23.42 15.88
CA LYS F 218 10.39 -24.77 15.83
C LYS F 218 10.71 -25.08 14.39
N TYR F 219 9.78 -24.74 13.50
CA TYR F 219 9.95 -24.90 12.08
C TYR F 219 11.15 -24.18 11.53
N LEU F 220 11.24 -22.89 11.80
CA LEU F 220 12.34 -22.07 11.26
C LEU F 220 13.73 -22.55 11.70
N MET F 221 13.80 -23.36 12.76
CA MET F 221 15.08 -23.82 13.31
C MET F 221 15.94 -24.57 12.30
N MET F 222 15.31 -25.12 11.28
CA MET F 222 16.01 -25.84 10.25
C MET F 222 17.12 -25.02 9.58
N TYR F 223 16.95 -23.69 9.56
CA TYR F 223 17.90 -22.79 8.92
C TYR F 223 19.09 -22.35 9.80
N ASN F 224 19.22 -22.88 11.01
CA ASN F 224 20.27 -22.38 11.90
C ASN F 224 21.71 -22.86 11.59
N ASP F 225 21.86 -23.87 10.73
CA ASP F 225 23.19 -24.23 10.21
C ASP F 225 23.77 -23.16 9.31
N ASN F 226 22.93 -22.18 8.94
CA ASN F 226 23.36 -21.08 8.08
C ASN F 226 23.87 -21.55 6.72
N LYS F 227 23.21 -22.55 6.13
CA LYS F 227 23.72 -23.18 4.90
C LYS F 227 23.80 -22.17 3.77
N MET F 228 24.92 -22.19 3.06
CA MET F 228 25.24 -21.25 2.00
C MET F 228 25.37 -21.98 0.69
N VAL F 229 24.94 -21.33 -0.39
CA VAL F 229 25.19 -21.89 -1.70
C VAL F 229 25.77 -20.84 -2.57
N ASP F 230 26.49 -21.28 -3.56
CA ASP F 230 27.09 -20.39 -4.51
C ASP F 230 26.05 -20.12 -5.59
N SER F 231 25.70 -18.85 -5.79
CA SER F 231 24.60 -18.47 -6.69
C SER F 231 24.78 -18.80 -8.17
N LYS F 232 26.02 -18.80 -8.67
CA LYS F 232 26.23 -18.98 -10.08
C LYS F 232 25.90 -20.42 -10.42
N ASP F 233 26.00 -21.30 -9.41
CA ASP F 233 25.96 -22.78 -9.61
C ASP F 233 24.70 -23.50 -9.05
N VAL F 234 23.96 -22.85 -8.20
CA VAL F 234 22.83 -23.54 -7.55
C VAL F 234 21.69 -23.87 -8.52
N LYS F 235 21.15 -25.07 -8.42
CA LYS F 235 19.90 -25.41 -9.10
C LYS F 235 18.90 -25.64 -8.00
N ILE F 236 17.64 -25.23 -8.20
CA ILE F 236 16.56 -25.49 -7.23
C ILE F 236 15.39 -26.21 -7.89
N GLU F 237 14.90 -27.30 -7.31
CA GLU F 237 13.69 -27.98 -7.80
C GLU F 237 12.63 -28.13 -6.69
N VAL F 238 11.36 -27.92 -7.01
CA VAL F 238 10.31 -27.96 -6.04
C VAL F 238 9.36 -29.09 -6.42
N TYR F 239 9.09 -30.00 -5.48
CA TYR F 239 8.25 -31.19 -5.69
C TYR F 239 7.02 -31.27 -4.78
N LEU F 240 5.86 -31.02 -5.38
CA LEU F 240 4.60 -31.01 -4.72
C LEU F 240 3.72 -32.17 -5.19
N THR F 241 3.00 -32.79 -4.27
CA THR F 241 1.94 -33.74 -4.65
C THR F 241 0.63 -33.08 -4.34
N THR F 242 -0.45 -33.63 -4.88
CA THR F 242 -1.81 -33.21 -4.51
C THR F 242 -2.50 -34.41 -3.93
N LYS F 243 -3.58 -34.14 -3.18
CA LYS F 243 -4.34 -35.16 -2.43
C LYS F 243 -5.51 -35.69 -3.23
N LYS F 244 -5.51 -36.97 -3.58
CA LYS F 244 -6.71 -37.53 -4.21
C LYS F 244 -7.99 -37.01 -3.52
N GLU G 1 25.40 -46.95 -5.22
CA GLU G 1 25.16 -46.43 -6.58
C GLU G 1 23.82 -46.79 -7.09
N VAL G 2 23.36 -45.99 -8.05
CA VAL G 2 22.05 -46.18 -8.66
C VAL G 2 22.03 -47.39 -9.61
N ASN G 3 21.48 -48.52 -9.17
CA ASN G 3 21.28 -49.68 -10.05
C ASN G 3 19.84 -49.82 -10.55
N LEU G 4 19.69 -50.28 -11.77
CA LEU G 4 18.38 -50.57 -12.36
C LEU G 4 18.51 -51.85 -13.18
N ILE G 5 17.94 -52.95 -12.72
CA ILE G 5 18.21 -54.24 -13.36
C ILE G 5 16.92 -54.85 -13.89
N GLU G 6 16.58 -54.58 -15.15
CA GLU G 6 15.35 -55.09 -15.74
C GLU G 6 15.40 -56.61 -15.87
N SER G 7 14.22 -57.21 -15.83
CA SER G 7 14.06 -58.59 -16.24
C SER G 7 12.63 -58.82 -16.72
N GLY G 8 12.48 -59.96 -17.39
CA GLY G 8 11.17 -60.49 -17.68
C GLY G 8 10.90 -60.57 -19.16
N GLY G 9 11.79 -59.97 -19.94
CA GLY G 9 11.70 -60.00 -21.38
C GLY G 9 11.51 -61.39 -21.88
N ASP G 10 10.73 -61.54 -22.93
CA ASP G 10 10.45 -62.89 -23.45
C ASP G 10 9.80 -62.81 -24.83
N LEU G 11 9.67 -63.96 -25.49
CA LEU G 11 8.81 -64.05 -26.66
C LEU G 11 7.40 -64.36 -26.22
N VAL G 12 6.45 -63.66 -26.78
CA VAL G 12 5.05 -63.88 -26.49
C VAL G 12 4.21 -63.88 -27.77
N LYS G 13 3.03 -64.49 -27.69
CA LYS G 13 2.11 -64.48 -28.81
C LYS G 13 1.32 -63.19 -28.86
N PRO G 14 0.99 -62.73 -30.08
CA PRO G 14 -0.01 -61.65 -30.21
C PRO G 14 -1.20 -61.94 -29.38
N GLY G 15 -1.57 -60.98 -28.52
CA GLY G 15 -2.70 -61.13 -27.61
C GLY G 15 -2.35 -61.58 -26.20
N GLY G 16 -1.10 -61.99 -25.99
CA GLY G 16 -0.67 -62.50 -24.68
C GLY G 16 -0.30 -61.43 -23.64
N SER G 17 0.36 -61.88 -22.57
CA SER G 17 0.72 -61.00 -21.45
C SER G 17 2.16 -61.19 -20.99
N LEU G 18 2.76 -60.13 -20.47
CA LEU G 18 4.08 -60.25 -19.91
C LEU G 18 4.22 -59.30 -18.74
N LYS G 19 5.02 -59.67 -17.74
CA LYS G 19 5.31 -58.80 -16.60
C LYS G 19 6.78 -58.51 -16.59
N LEU G 20 7.15 -57.24 -16.74
CA LEU G 20 8.56 -56.85 -16.67
C LEU G 20 8.89 -56.33 -15.25
N SER G 21 10.15 -56.45 -14.83
CA SER G 21 10.57 -55.99 -13.49
C SER G 21 11.82 -55.17 -13.52
N CYS G 22 12.05 -54.39 -12.47
CA CYS G 22 13.25 -53.60 -12.34
C CYS G 22 13.63 -53.57 -10.84
N ALA G 23 14.53 -54.44 -10.43
CA ALA G 23 15.09 -54.40 -9.09
C ALA G 23 15.93 -53.15 -9.03
N THR G 24 15.61 -52.22 -8.15
CA THR G 24 16.39 -51.00 -8.05
C THR G 24 17.26 -51.06 -6.81
N SER G 25 18.30 -50.24 -6.76
CA SER G 25 19.04 -50.03 -5.52
C SER G 25 19.86 -48.76 -5.54
N GLY G 26 20.37 -48.37 -4.39
CA GLY G 26 21.26 -47.26 -4.25
C GLY G 26 20.54 -45.94 -4.13
N PHE G 27 19.23 -45.95 -4.05
CA PHE G 27 18.54 -44.71 -3.88
C PHE G 27 17.23 -44.96 -3.16
N THR G 28 16.69 -43.92 -2.52
CA THR G 28 15.37 -44.03 -1.94
C THR G 28 14.34 -44.21 -3.03
N PHE G 29 13.84 -45.44 -3.13
CA PHE G 29 12.88 -45.87 -4.17
C PHE G 29 11.60 -45.03 -4.32
N SER G 30 11.10 -44.50 -3.24
CA SER G 30 9.77 -43.92 -3.29
C SER G 30 9.80 -42.49 -3.77
N ALA G 31 10.99 -41.92 -3.84
CA ALA G 31 11.21 -40.49 -4.02
C ALA G 31 11.45 -40.09 -5.48
N TYR G 32 11.24 -41.00 -6.42
CA TYR G 32 11.69 -40.76 -7.82
C TYR G 32 10.65 -41.10 -8.86
N GLY G 33 10.62 -40.27 -9.89
CA GLY G 33 9.89 -40.54 -11.09
C GLY G 33 10.65 -41.69 -11.70
N LEU G 34 9.91 -42.76 -11.98
CA LEU G 34 10.43 -43.97 -12.58
C LEU G 34 9.54 -44.27 -13.78
N SER G 35 10.13 -44.64 -14.89
CA SER G 35 9.36 -44.77 -16.14
C SER G 35 9.94 -45.91 -16.92
N TRP G 36 9.16 -46.44 -17.86
CA TRP G 36 9.66 -47.35 -18.89
C TRP G 36 9.71 -46.60 -20.20
N VAL G 37 10.84 -46.72 -20.89
CA VAL G 37 10.95 -46.30 -22.27
C VAL G 37 11.39 -47.49 -23.10
N ARG G 38 10.79 -47.65 -24.28
CA ARG G 38 11.24 -48.71 -25.19
C ARG G 38 11.90 -48.26 -26.50
N GLN G 39 12.70 -49.19 -27.03
CA GLN G 39 13.38 -48.98 -28.29
C GLN G 39 12.93 -49.97 -29.33
N THR G 40 12.31 -49.47 -30.39
CA THR G 40 11.71 -50.30 -31.44
C THR G 40 12.82 -50.87 -32.32
N PRO G 41 12.51 -51.82 -33.19
CA PRO G 41 13.56 -52.38 -34.02
C PRO G 41 14.07 -51.40 -35.09
N GLU G 42 13.26 -50.37 -35.39
CA GLU G 42 13.71 -49.26 -36.24
C GLU G 42 14.47 -48.18 -35.45
N ARG G 43 14.78 -48.45 -34.18
CA ARG G 43 15.57 -47.55 -33.40
C ARG G 43 14.81 -46.28 -33.01
N ARG G 44 13.51 -46.34 -32.86
CA ARG G 44 12.78 -45.25 -32.24
C ARG G 44 12.66 -45.48 -30.74
N LEU G 45 12.88 -44.42 -29.96
CA LEU G 45 12.57 -44.46 -28.56
C LEU G 45 11.12 -43.99 -28.40
N GLU G 46 10.31 -44.64 -27.58
CA GLU G 46 8.98 -44.13 -27.24
C GLU G 46 8.74 -44.26 -25.74
N TRP G 47 8.23 -43.19 -25.14
CA TRP G 47 7.81 -43.23 -23.74
C TRP G 47 6.59 -44.12 -23.63
N VAL G 48 6.58 -44.98 -22.60
CA VAL G 48 5.64 -46.06 -22.47
C VAL G 48 4.77 -45.93 -21.22
N ALA G 49 5.35 -45.43 -20.13
CA ALA G 49 4.63 -45.32 -18.86
C ALA G 49 5.53 -44.68 -17.80
N SER G 50 4.92 -43.91 -16.91
CA SER G 50 5.60 -43.25 -15.79
C SER G 50 4.84 -43.43 -14.50
N ILE G 51 5.59 -43.50 -13.40
CA ILE G 51 5.01 -43.47 -12.04
C ILE G 51 5.74 -42.44 -11.15
N SER G 52 5.01 -41.43 -10.68
CA SER G 52 5.60 -40.39 -9.85
C SER G 52 5.97 -40.95 -8.48
N GLY G 53 6.87 -40.26 -7.78
CA GLY G 53 7.23 -40.70 -6.43
C GLY G 53 6.02 -40.98 -5.55
N GLY G 54 4.95 -40.23 -5.81
CA GLY G 54 3.76 -40.25 -4.96
C GLY G 54 2.70 -41.19 -5.44
N GLY G 55 2.96 -41.92 -6.53
CA GLY G 55 2.06 -43.00 -7.02
C GLY G 55 1.12 -42.69 -8.18
N SER G 56 1.26 -41.51 -8.76
CA SER G 56 0.46 -41.12 -9.90
C SER G 56 1.06 -41.77 -11.15
N VAL G 57 0.21 -42.33 -11.99
CA VAL G 57 0.65 -43.05 -13.12
C VAL G 57 0.31 -42.26 -14.37
N TYR G 58 1.14 -42.38 -15.41
CA TYR G 58 0.81 -41.76 -16.70
C TYR G 58 1.12 -42.66 -17.89
N TYR G 59 0.27 -42.60 -18.92
CA TYR G 59 0.42 -43.42 -20.13
C TYR G 59 0.13 -42.66 -21.41
N PRO G 60 0.83 -43.01 -22.53
CA PRO G 60 0.48 -42.53 -23.88
C PRO G 60 -0.77 -43.23 -24.40
N ASP G 61 -1.58 -42.56 -25.19
CA ASP G 61 -2.87 -43.11 -25.56
C ASP G 61 -2.72 -44.56 -26.07
N SER G 62 -1.65 -44.82 -26.80
CA SER G 62 -1.52 -46.10 -27.49
C SER G 62 -1.35 -47.32 -26.56
N VAL G 63 -1.02 -47.14 -25.29
CA VAL G 63 -0.93 -48.29 -24.38
C VAL G 63 -2.00 -48.26 -23.31
N LYS G 64 -2.78 -47.21 -23.21
CA LYS G 64 -3.65 -47.18 -22.05
C LYS G 64 -4.69 -48.28 -22.15
N GLY G 65 -5.12 -48.78 -21.00
CA GLY G 65 -6.05 -49.90 -20.92
C GLY G 65 -5.39 -51.25 -21.07
N ARG G 66 -4.18 -51.27 -21.66
CA ARG G 66 -3.41 -52.52 -21.84
C ARG G 66 -2.19 -52.61 -20.91
N PHE G 67 -1.56 -51.50 -20.59
CA PHE G 67 -0.34 -51.53 -19.78
C PHE G 67 -0.59 -50.94 -18.36
N THR G 68 0.16 -51.44 -17.39
CA THR G 68 0.06 -51.01 -16.01
C THR G 68 1.43 -51.05 -15.36
N ILE G 69 1.86 -49.87 -14.93
CA ILE G 69 3.11 -49.66 -14.22
C ILE G 69 2.79 -49.64 -12.76
N SER G 70 3.63 -50.26 -11.96
CA SER G 70 3.39 -50.34 -10.50
C SER G 70 4.65 -50.61 -9.74
N ARG G 71 4.58 -50.40 -8.43
CA ARG G 71 5.72 -50.46 -7.54
C ARG G 71 5.44 -51.41 -6.37
N ASP G 72 6.45 -52.25 -6.08
CA ASP G 72 6.57 -53.00 -4.83
C ASP G 72 7.49 -52.20 -3.90
N THR G 73 6.90 -51.45 -2.96
CA THR G 73 7.66 -50.50 -2.16
C THR G 73 8.50 -51.19 -1.06
N ALA G 74 8.15 -52.43 -0.75
CA ALA G 74 8.90 -53.22 0.24
C ALA G 74 10.24 -53.71 -0.35
N GLY G 75 10.24 -54.00 -1.66
CA GLY G 75 11.33 -54.70 -2.31
C GLY G 75 12.06 -53.88 -3.37
N ASP G 76 11.63 -52.64 -3.55
CA ASP G 76 12.20 -51.72 -4.54
C ASP G 76 12.05 -52.26 -5.94
N ILE G 77 10.92 -52.86 -6.27
CA ILE G 77 10.75 -53.39 -7.61
C ILE G 77 9.72 -52.57 -8.40
N LEU G 78 10.15 -52.07 -9.55
CA LEU G 78 9.27 -51.37 -10.49
C LEU G 78 8.79 -52.40 -11.50
N PHE G 79 7.48 -52.51 -11.69
CA PHE G 79 6.88 -53.50 -12.62
C PHE G 79 6.15 -52.83 -13.80
N LEU G 80 6.16 -53.46 -14.97
CA LEU G 80 5.31 -53.07 -16.09
C LEU G 80 4.53 -54.30 -16.50
N GLN G 81 3.24 -54.30 -16.21
CA GLN G 81 2.38 -55.36 -16.70
C GLN G 81 1.84 -54.97 -18.07
N MET G 82 1.97 -55.88 -19.00
CA MET G 82 1.56 -55.66 -20.38
C MET G 82 0.57 -56.73 -20.79
N ASN G 83 -0.63 -56.30 -21.17
CA ASN G 83 -1.68 -57.20 -21.63
C ASN G 83 -2.06 -56.90 -23.06
N SER G 84 -2.63 -57.87 -23.75
CA SER G 84 -3.08 -57.71 -25.15
C SER G 84 -2.00 -57.14 -26.10
N LEU G 85 -0.83 -57.77 -26.10
CA LEU G 85 0.31 -57.29 -26.87
C LEU G 85 0.12 -57.48 -28.37
N ARG G 86 0.75 -56.57 -29.11
CA ARG G 86 0.68 -56.54 -30.57
C ARG G 86 2.10 -56.61 -31.09
N SER G 87 2.27 -56.96 -32.37
CA SER G 87 3.61 -56.93 -33.01
C SER G 87 4.34 -55.63 -32.73
N GLU G 88 3.66 -54.53 -32.94
CA GLU G 88 4.18 -53.19 -32.64
C GLU G 88 4.74 -52.99 -31.24
N ASP G 89 4.34 -53.81 -30.28
CA ASP G 89 4.92 -53.71 -28.92
C ASP G 89 6.34 -54.35 -28.80
N SER G 90 6.84 -55.00 -29.85
CA SER G 90 8.19 -55.58 -29.85
C SER G 90 9.35 -54.57 -29.77
N ALA G 91 10.21 -54.69 -28.77
CA ALA G 91 11.22 -53.66 -28.50
C ALA G 91 12.16 -54.03 -27.33
N ILE G 92 13.21 -53.23 -27.16
CA ILE G 92 14.00 -53.27 -25.91
C ILE G 92 13.30 -52.35 -24.96
N TYR G 93 12.95 -52.85 -23.78
CA TYR G 93 12.20 -52.06 -22.78
C TYR G 93 13.17 -51.64 -21.71
N TYR G 94 13.28 -50.33 -21.50
CA TYR G 94 14.24 -49.80 -20.54
C TYR G 94 13.58 -49.24 -19.32
N CYS G 95 14.13 -49.56 -18.18
CA CYS G 95 13.74 -48.96 -16.92
C CYS G 95 14.58 -47.70 -16.73
N VAL G 96 13.92 -46.60 -16.35
CA VAL G 96 14.62 -45.31 -16.16
C VAL G 96 14.25 -44.52 -14.91
N ARG G 97 15.17 -43.70 -14.42
CA ARG G 97 14.93 -42.86 -13.22
C ARG G 97 15.30 -41.41 -13.46
N ASP G 98 14.58 -40.50 -12.81
CA ASP G 98 14.87 -39.07 -12.89
C ASP G 98 16.20 -38.72 -12.30
N LEU G 99 16.66 -37.52 -12.61
CA LEU G 99 17.96 -37.05 -12.14
C LEU G 99 17.95 -36.67 -10.67
N TYR G 100 16.90 -35.95 -10.22
CA TYR G 100 16.85 -35.38 -8.83
C TYR G 100 15.69 -35.78 -7.91
N GLY G 101 14.50 -35.96 -8.47
CA GLY G 101 13.34 -36.35 -7.68
C GLY G 101 12.05 -36.59 -8.43
N ASP G 102 10.97 -36.05 -7.92
CA ASP G 102 9.66 -36.38 -8.40
C ASP G 102 9.40 -35.66 -9.73
N TYR G 103 9.86 -36.22 -10.84
CA TYR G 103 9.62 -35.60 -12.17
C TYR G 103 9.69 -36.75 -13.07
N VAL G 104 8.63 -36.99 -13.84
CA VAL G 104 8.61 -38.22 -14.64
C VAL G 104 9.04 -38.10 -16.11
N GLY G 105 9.71 -37.01 -16.48
CA GLY G 105 10.10 -36.78 -17.88
C GLY G 105 11.56 -36.47 -18.18
N ARG G 106 12.47 -36.96 -17.34
CA ARG G 106 13.92 -36.77 -17.59
C ARG G 106 14.71 -38.02 -17.27
N TYR G 107 15.22 -38.73 -18.26
CA TYR G 107 15.77 -40.10 -18.05
C TYR G 107 17.27 -40.09 -17.83
N ALA G 108 17.65 -39.97 -16.58
CA ALA G 108 19.05 -39.77 -16.19
C ALA G 108 19.78 -41.07 -15.90
N TYR G 109 19.06 -42.15 -15.61
CA TYR G 109 19.67 -43.44 -15.30
C TYR G 109 18.89 -44.47 -16.02
N TRP G 110 19.57 -45.34 -16.76
CA TRP G 110 18.89 -46.31 -17.61
C TRP G 110 19.39 -47.66 -17.26
N GLY G 111 18.52 -48.65 -17.24
CA GLY G 111 18.91 -50.03 -17.15
C GLY G 111 19.44 -50.52 -18.49
N GLN G 112 20.06 -51.70 -18.50
CA GLN G 112 20.55 -52.34 -19.72
C GLN G 112 19.39 -52.84 -20.59
N GLY G 113 18.19 -52.82 -20.07
CA GLY G 113 17.02 -53.19 -20.85
C GLY G 113 16.74 -54.69 -20.96
N THR G 114 15.62 -54.99 -21.61
CA THR G 114 15.09 -56.32 -21.67
C THR G 114 14.24 -56.49 -22.97
N LEU G 115 14.72 -57.39 -23.83
CA LEU G 115 14.07 -57.70 -25.08
C LEU G 115 12.65 -58.29 -24.93
N VAL G 116 11.68 -57.68 -25.57
CA VAL G 116 10.36 -58.28 -25.65
C VAL G 116 10.07 -58.48 -27.11
N ILE G 117 9.70 -59.72 -27.47
CA ILE G 117 9.32 -60.07 -28.85
C ILE G 117 7.88 -60.60 -28.90
N VAL G 118 7.01 -59.96 -29.67
CA VAL G 118 5.62 -60.38 -29.81
C VAL G 118 5.41 -60.93 -31.21
N SER G 119 5.19 -62.23 -31.28
CA SER G 119 5.19 -62.93 -32.54
C SER G 119 4.54 -64.31 -32.38
N ALA G 120 3.92 -64.78 -33.46
CA ALA G 120 3.39 -66.16 -33.58
C ALA G 120 4.41 -67.20 -34.05
N ALA G 121 5.65 -66.82 -34.31
CA ALA G 121 6.71 -67.76 -34.70
C ALA G 121 7.11 -68.69 -33.55
N LYS G 122 7.70 -69.83 -33.90
CA LYS G 122 7.96 -70.87 -32.92
C LYS G 122 9.44 -70.87 -32.61
N THR G 123 9.76 -70.97 -31.31
CA THR G 123 11.12 -71.05 -30.81
C THR G 123 11.81 -72.20 -31.51
N THR G 124 12.99 -71.93 -32.07
CA THR G 124 13.79 -72.93 -32.74
C THR G 124 15.22 -72.73 -32.30
N PRO G 125 15.89 -73.81 -31.85
CA PRO G 125 17.33 -73.73 -31.52
C PRO G 125 18.17 -73.58 -32.78
N PRO G 126 19.37 -72.99 -32.66
CA PRO G 126 20.20 -72.82 -33.85
C PRO G 126 21.02 -74.05 -34.20
N SER G 127 21.27 -74.21 -35.48
CA SER G 127 22.31 -75.07 -35.95
C SER G 127 23.59 -74.24 -35.95
N VAL G 128 24.65 -74.78 -35.40
CA VAL G 128 25.95 -74.08 -35.39
C VAL G 128 27.00 -74.79 -36.24
N TYR G 129 27.54 -74.05 -37.21
CA TYR G 129 28.42 -74.60 -38.20
C TYR G 129 29.76 -73.91 -38.20
N PRO G 130 30.83 -74.69 -38.15
CA PRO G 130 32.18 -74.12 -38.27
C PRO G 130 32.44 -73.60 -39.68
N LEU G 131 33.22 -72.51 -39.78
CA LEU G 131 33.70 -71.95 -41.03
C LEU G 131 35.21 -71.88 -40.98
N ALA G 132 35.84 -72.91 -41.53
CA ALA G 132 37.29 -73.08 -41.67
C ALA G 132 37.63 -72.87 -43.09
N PRO G 133 38.86 -72.36 -43.39
CA PRO G 133 39.32 -72.42 -44.75
C PRO G 133 39.21 -73.84 -45.26
N SER G 141 49.82 -64.71 -42.32
CA SER G 141 50.29 -64.61 -40.89
C SER G 141 49.23 -64.34 -39.78
N MET G 142 48.05 -63.87 -40.11
CA MET G 142 46.88 -64.11 -39.31
C MET G 142 45.95 -65.04 -40.12
N VAL G 143 45.09 -65.83 -39.47
CA VAL G 143 43.99 -66.51 -40.16
C VAL G 143 42.61 -66.06 -39.67
N THR G 144 41.64 -66.12 -40.56
CA THR G 144 40.28 -65.86 -40.17
C THR G 144 39.51 -67.17 -40.15
N LEU G 145 38.93 -67.47 -38.99
CA LEU G 145 38.00 -68.54 -38.87
C LEU G 145 36.62 -67.92 -38.60
N GLY G 146 35.56 -68.70 -38.73
CA GLY G 146 34.23 -68.19 -38.41
C GLY G 146 33.33 -69.28 -37.90
N CYS G 147 32.22 -68.89 -37.28
CA CYS G 147 31.11 -69.83 -37.26
C CYS G 147 29.78 -69.18 -37.65
N LEU G 148 28.90 -70.01 -38.19
CA LEU G 148 27.64 -69.58 -38.73
C LEU G 148 26.53 -70.12 -37.85
N VAL G 149 25.70 -69.25 -37.33
CA VAL G 149 24.62 -69.67 -36.44
C VAL G 149 23.32 -69.41 -37.18
N LYS G 150 22.67 -70.50 -37.54
CA LYS G 150 21.64 -70.46 -38.55
C LYS G 150 20.35 -71.09 -38.10
N GLY G 151 19.24 -70.48 -38.49
CA GLY G 151 17.92 -71.05 -38.24
C GLY G 151 17.40 -71.01 -36.82
N TYR G 152 17.64 -69.92 -36.08
CA TYR G 152 17.07 -69.79 -34.72
C TYR G 152 15.97 -68.75 -34.61
N PHE G 153 15.18 -68.86 -33.55
CA PHE G 153 14.23 -67.84 -33.18
C PHE G 153 13.86 -68.05 -31.75
N PRO G 154 13.65 -66.97 -31.00
CA PRO G 154 13.85 -65.60 -31.35
C PRO G 154 15.28 -65.18 -31.04
N GLU G 155 15.53 -63.89 -31.04
CA GLU G 155 16.80 -63.34 -30.57
C GLU G 155 16.82 -63.27 -29.07
N PRO G 156 18.01 -63.28 -28.49
CA PRO G 156 19.25 -63.35 -29.18
C PRO G 156 20.03 -64.64 -28.98
N VAL G 157 21.10 -64.75 -29.74
CA VAL G 157 22.20 -65.66 -29.42
C VAL G 157 23.32 -64.76 -28.99
N THR G 158 24.18 -65.26 -28.12
CA THR G 158 25.48 -64.63 -27.92
C THR G 158 26.52 -65.61 -28.38
N VAL G 159 27.60 -65.09 -28.95
CA VAL G 159 28.71 -65.89 -29.45
C VAL G 159 29.97 -65.46 -28.74
N THR G 160 30.77 -66.40 -28.28
CA THR G 160 32.12 -66.06 -27.80
C THR G 160 33.09 -67.02 -28.40
N TRP G 161 34.39 -66.68 -28.30
CA TRP G 161 35.49 -67.51 -28.81
C TRP G 161 36.49 -67.86 -27.70
N ASN G 162 36.84 -69.15 -27.64
CA ASN G 162 37.59 -69.70 -26.52
C ASN G 162 37.22 -69.01 -25.20
N SER G 163 35.90 -68.90 -24.95
CA SER G 163 35.32 -68.18 -23.79
C SER G 163 35.96 -66.80 -23.63
N GLY G 164 35.88 -65.95 -24.64
CA GLY G 164 36.45 -64.61 -24.52
C GLY G 164 37.98 -64.49 -24.57
N SER G 165 38.71 -65.59 -24.29
CA SER G 165 40.20 -65.54 -24.32
C SER G 165 40.63 -64.78 -25.57
N LEU G 166 39.97 -65.07 -26.66
CA LEU G 166 40.01 -64.25 -27.87
C LEU G 166 38.89 -63.21 -27.76
N SER G 167 39.19 -61.97 -28.12
CA SER G 167 38.16 -60.91 -28.07
C SER G 167 38.69 -59.75 -28.94
N SER G 168 39.98 -59.50 -28.83
CA SER G 168 40.65 -58.86 -29.92
C SER G 168 40.21 -59.48 -31.25
N GLY G 169 39.84 -58.62 -32.18
CA GLY G 169 39.67 -59.12 -33.55
C GLY G 169 38.57 -60.15 -33.62
N VAL G 170 37.46 -59.98 -32.88
CA VAL G 170 36.24 -60.71 -33.21
C VAL G 170 35.26 -59.80 -33.94
N HIS G 171 34.46 -60.37 -34.83
CA HIS G 171 33.39 -59.64 -35.44
C HIS G 171 32.12 -60.46 -35.37
N THR G 172 31.11 -59.92 -34.71
CA THR G 172 29.82 -60.59 -34.63
C THR G 172 28.74 -59.72 -35.26
N PHE G 173 28.15 -60.18 -36.36
CA PHE G 173 27.27 -59.36 -37.19
C PHE G 173 25.83 -59.46 -36.74
N PRO G 174 25.08 -58.37 -36.90
CA PRO G 174 23.64 -58.49 -36.65
C PRO G 174 23.03 -59.66 -37.41
N ALA G 175 22.24 -60.45 -36.70
CA ALA G 175 21.40 -61.46 -37.31
C ALA G 175 20.46 -60.85 -38.31
N VAL G 176 19.98 -61.69 -39.22
CA VAL G 176 19.01 -61.26 -40.19
C VAL G 176 17.96 -62.35 -40.32
N LEU G 177 16.71 -61.90 -40.50
CA LEU G 177 15.49 -62.74 -40.41
C LEU G 177 15.12 -63.19 -41.81
N GLN G 178 14.67 -64.44 -41.94
CA GLN G 178 14.37 -65.01 -43.26
C GLN G 178 13.47 -66.19 -43.04
N SER G 179 12.28 -66.10 -43.61
CA SER G 179 11.25 -67.10 -43.44
C SER G 179 11.08 -67.46 -41.97
N ASP G 180 10.97 -66.47 -41.11
CA ASP G 180 10.70 -66.72 -39.67
C ASP G 180 11.87 -67.29 -38.84
N LEU G 181 13.05 -67.48 -39.45
CA LEU G 181 14.24 -67.87 -38.68
C LEU G 181 15.34 -66.83 -38.87
N TYR G 182 16.14 -66.59 -37.83
CA TYR G 182 17.33 -65.71 -37.89
C TYR G 182 18.63 -66.45 -38.24
N THR G 183 19.60 -65.73 -38.79
CA THR G 183 20.97 -66.21 -39.04
C THR G 183 21.99 -65.10 -38.73
N LEU G 184 23.03 -65.43 -37.98
CA LEU G 184 24.14 -64.51 -37.90
C LEU G 184 25.46 -65.24 -38.13
N SER G 185 26.51 -64.45 -38.33
CA SER G 185 27.82 -65.01 -38.50
C SER G 185 28.75 -64.33 -37.55
N SER G 186 29.85 -65.02 -37.27
CA SER G 186 30.86 -64.50 -36.37
C SER G 186 32.21 -64.86 -36.91
N SER G 187 33.15 -63.93 -36.86
CA SER G 187 34.50 -64.14 -37.37
C SER G 187 35.49 -63.82 -36.32
N VAL G 188 36.59 -64.57 -36.35
CA VAL G 188 37.73 -64.33 -35.48
C VAL G 188 39.03 -64.42 -36.30
N THR G 189 39.98 -63.55 -35.98
CA THR G 189 41.33 -63.68 -36.48
C THR G 189 42.23 -64.27 -35.39
N VAL G 190 43.15 -65.14 -35.78
CA VAL G 190 44.18 -65.62 -34.85
C VAL G 190 45.49 -65.64 -35.59
N PRO G 191 46.62 -65.63 -34.84
CA PRO G 191 47.93 -65.75 -35.54
C PRO G 191 47.92 -67.10 -36.22
N SER G 192 48.29 -67.14 -37.48
CA SER G 192 48.25 -68.36 -38.25
C SER G 192 49.31 -69.39 -37.86
N SER G 193 50.30 -69.03 -37.07
CA SER G 193 51.22 -70.06 -36.64
C SER G 193 50.73 -70.90 -35.48
N THR G 194 49.51 -70.57 -34.96
CA THR G 194 48.90 -71.29 -33.82
C THR G 194 47.81 -72.29 -34.21
N TRP G 195 47.09 -72.00 -35.27
CA TRP G 195 45.90 -72.80 -35.60
C TRP G 195 46.26 -73.66 -36.76
N PRO G 196 45.81 -74.92 -36.79
CA PRO G 196 44.92 -75.69 -35.93
C PRO G 196 45.55 -76.44 -34.72
N SER G 197 46.86 -76.41 -34.57
CA SER G 197 47.52 -77.02 -33.41
C SER G 197 46.93 -76.58 -32.07
N GLU G 198 46.66 -75.29 -31.97
CA GLU G 198 45.89 -74.76 -30.86
C GLU G 198 44.42 -74.53 -31.22
N THR G 199 43.56 -75.12 -30.41
CA THR G 199 42.12 -75.20 -30.70
C THR G 199 41.41 -73.86 -30.65
N VAL G 200 40.42 -73.71 -31.49
CA VAL G 200 39.63 -72.52 -31.54
C VAL G 200 38.17 -72.94 -31.60
N THR G 201 37.43 -72.59 -30.56
CA THR G 201 36.07 -73.06 -30.40
C THR G 201 35.21 -71.85 -30.43
N CYS G 202 34.06 -71.92 -31.08
CA CYS G 202 33.06 -70.91 -30.87
C CYS G 202 32.00 -71.46 -29.98
N ASN G 203 31.75 -70.73 -28.90
CA ASN G 203 30.70 -71.02 -27.92
C ASN G 203 29.49 -70.20 -28.32
N VAL G 204 28.42 -70.86 -28.73
CA VAL G 204 27.13 -70.20 -29.05
C VAL G 204 26.12 -70.54 -27.95
N ALA G 205 25.43 -69.51 -27.44
CA ALA G 205 24.36 -69.69 -26.42
C ALA G 205 23.05 -69.11 -26.91
N HIS G 206 21.94 -69.80 -26.65
CA HIS G 206 20.59 -69.34 -27.03
C HIS G 206 19.61 -69.69 -25.93
N PRO G 207 19.50 -68.83 -24.90
CA PRO G 207 18.75 -69.16 -23.70
C PRO G 207 17.31 -69.48 -24.00
N ALA G 208 16.72 -68.86 -25.03
CA ALA G 208 15.32 -69.14 -25.40
C ALA G 208 15.03 -70.66 -25.58
N SER G 209 16.07 -71.45 -25.87
CA SER G 209 15.96 -72.88 -26.07
C SER G 209 17.07 -73.62 -25.32
N SER G 210 17.49 -73.05 -24.17
CA SER G 210 18.48 -73.66 -23.26
C SER G 210 19.68 -74.30 -23.95
N THR G 211 20.18 -73.65 -24.98
CA THR G 211 21.25 -74.20 -25.78
C THR G 211 22.58 -73.57 -25.40
N LYS G 212 23.55 -74.41 -25.11
CA LYS G 212 24.95 -73.98 -25.18
C LYS G 212 25.69 -75.03 -25.99
N VAL G 213 26.48 -74.58 -26.95
CA VAL G 213 27.20 -75.49 -27.81
C VAL G 213 28.62 -75.00 -28.02
N ASP G 214 29.58 -75.92 -27.96
CA ASP G 214 31.01 -75.56 -28.13
C ASP G 214 31.60 -76.18 -29.39
N LYS G 215 31.61 -75.42 -30.49
CA LYS G 215 32.02 -75.94 -31.81
C LYS G 215 33.50 -75.73 -32.17
N LYS G 216 34.28 -76.79 -32.04
CA LYS G 216 35.71 -76.75 -32.37
C LYS G 216 35.82 -76.42 -33.83
N ILE G 217 36.67 -75.47 -34.20
CA ILE G 217 36.87 -75.12 -35.61
C ILE G 217 38.01 -75.99 -36.15
N VAL G 218 37.67 -77.06 -36.85
CA VAL G 218 38.63 -78.10 -37.27
C VAL G 218 38.95 -77.95 -38.77
N PRO G 219 40.22 -78.16 -39.18
CA PRO G 219 40.60 -77.91 -40.56
C PRO G 219 40.06 -78.95 -41.50
N ARG G 220 39.82 -78.52 -42.75
CA ARG G 220 39.52 -79.43 -43.87
C ARG G 220 40.88 -79.86 -44.46
N ASP H 1 -0.19 -34.88 -30.48
CA ASP H 1 1.07 -34.78 -29.72
C ASP H 1 2.03 -33.73 -30.33
N ILE H 2 3.07 -33.44 -29.56
CA ILE H 2 4.19 -32.61 -29.97
C ILE H 2 5.24 -33.44 -30.76
N VAL H 3 5.39 -33.16 -32.04
CA VAL H 3 6.31 -33.94 -32.86
C VAL H 3 7.67 -33.27 -32.86
N MET H 4 8.70 -34.02 -32.47
CA MET H 4 10.07 -33.56 -32.53
C MET H 4 10.67 -34.04 -33.85
N THR H 5 11.42 -33.17 -34.52
CA THR H 5 12.03 -33.45 -35.82
C THR H 5 13.49 -33.11 -35.76
N GLN H 6 14.35 -34.08 -36.01
CA GLN H 6 15.80 -33.83 -35.94
C GLN H 6 16.45 -33.63 -37.31
N SER H 7 17.53 -32.85 -37.33
CA SER H 7 18.23 -32.53 -38.55
C SER H 7 19.73 -32.46 -38.36
N PRO H 8 20.49 -32.87 -39.38
CA PRO H 8 20.07 -33.76 -40.44
C PRO H 8 19.87 -35.16 -39.84
N ALA H 9 19.45 -36.11 -40.67
CA ALA H 9 19.39 -37.52 -40.28
C ALA H 9 20.78 -38.17 -39.98
N THR H 10 21.77 -37.86 -40.79
CA THR H 10 23.15 -38.32 -40.56
C THR H 10 24.13 -37.13 -40.62
N LEU H 11 25.18 -37.21 -39.84
CA LEU H 11 26.29 -36.25 -39.89
C LEU H 11 27.54 -37.02 -40.16
N SER H 12 28.45 -36.44 -40.91
CA SER H 12 29.74 -37.07 -41.15
C SER H 12 30.83 -36.08 -40.76
N VAL H 13 31.46 -36.29 -39.61
CA VAL H 13 32.40 -35.27 -39.07
C VAL H 13 33.85 -35.74 -38.96
N THR H 14 34.77 -34.83 -39.18
CA THR H 14 36.16 -35.07 -38.99
C THR H 14 36.48 -34.87 -37.51
N PRO H 15 37.25 -35.77 -36.89
CA PRO H 15 37.60 -35.57 -35.50
C PRO H 15 38.24 -34.23 -35.32
N GLY H 16 37.93 -33.57 -34.21
CA GLY H 16 38.42 -32.22 -33.92
C GLY H 16 37.49 -31.08 -34.29
N ASP H 17 36.46 -31.36 -35.10
CA ASP H 17 35.59 -30.30 -35.63
C ASP H 17 34.54 -29.99 -34.61
N ARG H 18 33.98 -28.80 -34.74
CA ARG H 18 32.86 -28.33 -33.92
C ARG H 18 31.60 -28.51 -34.73
N VAL H 19 30.68 -29.28 -34.19
CA VAL H 19 29.58 -29.85 -34.94
C VAL H 19 28.23 -29.59 -34.27
N SER H 20 27.17 -29.57 -35.06
CA SER H 20 25.90 -29.05 -34.63
C SER H 20 24.75 -29.87 -35.13
N LEU H 21 23.85 -30.17 -34.21
CA LEU H 21 22.68 -30.98 -34.43
C LEU H 21 21.45 -30.16 -34.03
N SER H 22 20.41 -30.23 -34.83
CA SER H 22 19.24 -29.38 -34.66
C SER H 22 17.96 -30.19 -34.36
N CYS H 23 17.09 -29.60 -33.52
CA CYS H 23 15.80 -30.20 -33.14
C CYS H 23 14.74 -29.11 -33.17
N ARG H 24 13.71 -29.26 -34.01
CA ARG H 24 12.56 -28.35 -34.05
C ARG H 24 11.33 -29.06 -33.53
N ALA H 25 10.57 -28.42 -32.64
CA ALA H 25 9.32 -28.98 -32.08
C ALA H 25 8.13 -28.35 -32.75
N SER H 26 6.99 -29.03 -32.77
CA SER H 26 5.78 -28.53 -33.48
C SER H 26 4.98 -27.42 -32.74
N GLN H 27 5.13 -27.36 -31.43
CA GLN H 27 4.55 -26.33 -30.56
C GLN H 27 5.71 -25.90 -29.69
N SER H 28 5.52 -24.82 -28.93
CA SER H 28 6.54 -24.39 -27.98
C SER H 28 6.57 -25.37 -26.81
N ILE H 29 7.74 -25.58 -26.23
CA ILE H 29 7.92 -26.48 -25.10
C ILE H 29 8.85 -25.83 -24.09
N GLY H 30 8.95 -24.51 -24.17
CA GLY H 30 9.86 -23.77 -23.32
C GLY H 30 11.26 -24.29 -23.46
N ASP H 31 11.90 -24.59 -22.35
CA ASP H 31 13.16 -25.28 -22.39
C ASP H 31 13.08 -26.70 -21.79
N TYR H 32 11.87 -27.24 -21.72
CA TYR H 32 11.69 -28.65 -21.31
C TYR H 32 11.99 -29.66 -22.43
N LEU H 33 13.24 -29.61 -22.88
CA LEU H 33 13.81 -30.41 -23.97
C LEU H 33 15.11 -31.06 -23.49
N HIS H 34 15.19 -32.38 -23.49
CA HIS H 34 16.44 -33.03 -23.02
C HIS H 34 17.12 -33.77 -24.18
N TRP H 35 18.45 -33.88 -24.08
CA TRP H 35 19.25 -34.55 -25.11
C TRP H 35 19.88 -35.81 -24.59
N TYR H 36 19.91 -36.84 -25.45
CA TYR H 36 20.43 -38.17 -25.14
C TYR H 36 21.37 -38.69 -26.22
N GLN H 37 22.39 -39.39 -25.79
CA GLN H 37 23.33 -40.07 -26.69
C GLN H 37 23.21 -41.59 -26.48
N GLN H 38 23.13 -42.33 -27.58
CA GLN H 38 23.20 -43.79 -27.53
C GLN H 38 24.31 -44.30 -28.41
N LYS H 39 25.14 -45.17 -27.88
CA LYS H 39 26.30 -45.72 -28.57
C LYS H 39 26.04 -47.19 -28.85
N SER H 40 26.69 -47.78 -29.87
CA SER H 40 26.37 -49.15 -30.24
C SER H 40 26.43 -50.07 -29.05
N HIS H 41 25.43 -50.94 -28.97
CA HIS H 41 25.28 -51.92 -27.91
C HIS H 41 25.10 -51.35 -26.51
N GLU H 42 24.62 -50.11 -26.38
CA GLU H 42 24.53 -49.47 -25.07
C GLU H 42 23.19 -48.81 -24.87
N SER H 43 22.86 -48.55 -23.61
CA SER H 43 21.67 -47.78 -23.28
C SER H 43 21.90 -46.32 -23.60
N PRO H 44 20.84 -45.57 -23.96
CA PRO H 44 21.00 -44.15 -24.05
C PRO H 44 21.49 -43.55 -22.75
N ARG H 45 22.08 -42.38 -22.85
CA ARG H 45 22.67 -41.70 -21.73
C ARG H 45 22.23 -40.27 -21.82
N LEU H 46 21.81 -39.65 -20.71
CA LEU H 46 21.41 -38.23 -20.70
C LEU H 46 22.63 -37.35 -20.85
N LEU H 47 22.59 -36.46 -21.82
CA LEU H 47 23.64 -35.46 -22.04
C LEU H 47 23.33 -34.07 -21.53
N ILE H 48 22.11 -33.64 -21.79
CA ILE H 48 21.66 -32.27 -21.50
C ILE H 48 20.21 -32.24 -21.05
N ASN H 49 19.93 -31.53 -19.99
CA ASN H 49 18.55 -31.32 -19.58
C ASN H 49 18.18 -29.85 -19.59
N TYR H 50 16.89 -29.61 -19.75
CA TYR H 50 16.35 -28.28 -19.87
C TYR H 50 17.01 -27.46 -20.98
N ALA H 51 17.32 -28.09 -22.11
CA ALA H 51 17.83 -27.40 -23.30
C ALA H 51 19.30 -26.96 -23.20
N SER H 52 19.72 -26.54 -22.02
CA SER H 52 21.06 -25.97 -21.87
C SER H 52 21.75 -26.28 -20.56
N GLN H 53 21.02 -26.78 -19.56
CA GLN H 53 21.61 -27.02 -18.24
C GLN H 53 22.44 -28.29 -18.35
N SER H 54 23.72 -28.20 -18.04
CA SER H 54 24.58 -29.35 -18.14
C SER H 54 24.53 -30.23 -16.88
N ILE H 55 25.16 -31.41 -17.02
CA ILE H 55 24.98 -32.58 -16.17
C ILE H 55 26.34 -33.08 -15.72
N SER H 56 26.59 -33.00 -14.41
CA SER H 56 27.79 -33.58 -13.78
C SER H 56 28.29 -34.84 -14.51
N GLY H 57 29.53 -34.81 -14.95
CA GLY H 57 30.14 -36.01 -15.52
C GLY H 57 30.12 -36.03 -17.01
N ILE H 58 29.33 -35.15 -17.62
CA ILE H 58 29.37 -35.08 -19.09
C ILE H 58 30.58 -34.20 -19.53
N PRO H 59 31.36 -34.69 -20.50
CA PRO H 59 32.44 -33.84 -21.00
C PRO H 59 31.90 -32.46 -21.38
N SER H 60 32.63 -31.40 -21.09
CA SER H 60 32.07 -30.08 -21.34
C SER H 60 32.16 -29.66 -22.84
N ARG H 61 32.50 -30.61 -23.71
CA ARG H 61 32.42 -30.34 -25.14
C ARG H 61 30.97 -30.46 -25.66
N PHE H 62 30.09 -31.07 -24.88
CA PHE H 62 28.67 -31.08 -25.16
C PHE H 62 27.97 -29.86 -24.55
N SER H 63 27.24 -29.12 -25.37
CA SER H 63 26.40 -28.06 -24.86
C SER H 63 25.20 -27.85 -25.75
N GLY H 64 24.16 -27.24 -25.22
CA GLY H 64 22.92 -27.03 -25.96
C GLY H 64 22.43 -25.62 -25.82
N SER H 65 21.61 -25.17 -26.76
CA SER H 65 20.92 -23.89 -26.64
C SER H 65 19.55 -23.95 -27.30
N GLY H 66 18.77 -22.89 -27.13
CA GLY H 66 17.50 -22.75 -27.82
C GLY H 66 16.37 -22.75 -26.84
N SER H 67 15.21 -22.38 -27.31
CA SER H 67 14.07 -22.30 -26.42
C SER H 67 12.85 -22.10 -27.28
N GLY H 68 11.73 -22.68 -26.85
CA GLY H 68 10.51 -22.59 -27.61
C GLY H 68 10.40 -23.75 -28.55
N SER H 69 10.57 -23.51 -29.85
CA SER H 69 10.45 -24.58 -30.84
C SER H 69 11.77 -25.05 -31.50
N ASP H 70 12.86 -24.32 -31.32
CA ASP H 70 14.11 -24.56 -32.02
C ASP H 70 15.21 -24.83 -31.03
N PHE H 71 15.88 -25.95 -31.14
CA PHE H 71 16.95 -26.28 -30.23
C PHE H 71 18.17 -26.83 -30.97
N THR H 72 19.35 -26.68 -30.36
CA THR H 72 20.60 -27.07 -30.96
C THR H 72 21.54 -27.69 -29.93
N LEU H 73 22.10 -28.85 -30.26
CA LEU H 73 23.12 -29.51 -29.46
C LEU H 73 24.42 -29.27 -30.17
N ILE H 74 25.41 -28.75 -29.46
CA ILE H 74 26.72 -28.49 -30.05
C ILE H 74 27.73 -29.49 -29.48
N ILE H 75 28.53 -30.08 -30.34
CA ILE H 75 29.60 -30.93 -29.92
C ILE H 75 30.87 -30.23 -30.37
N ASN H 76 31.62 -29.80 -29.40
CA ASN H 76 32.83 -29.05 -29.65
C ASN H 76 33.98 -30.05 -29.71
N SER H 77 34.91 -29.89 -30.63
CA SER H 77 35.99 -30.89 -30.87
C SER H 77 35.46 -32.32 -30.70
N VAL H 78 34.78 -32.83 -31.74
CA VAL H 78 34.23 -34.19 -31.73
C VAL H 78 35.34 -35.21 -31.62
N GLU H 79 35.07 -36.34 -30.96
CA GLU H 79 36.08 -37.40 -30.79
C GLU H 79 35.59 -38.65 -31.48
N PRO H 80 36.51 -39.55 -31.86
CA PRO H 80 36.02 -40.74 -32.53
C PRO H 80 35.08 -41.54 -31.65
N GLU H 81 35.25 -41.45 -30.35
CA GLU H 81 34.37 -42.19 -29.44
C GLU H 81 32.93 -41.62 -29.38
N ASP H 82 32.63 -40.58 -30.16
CA ASP H 82 31.30 -39.98 -30.18
C ASP H 82 30.32 -40.60 -31.21
N VAL H 83 30.77 -41.57 -31.98
CA VAL H 83 29.86 -42.10 -32.97
C VAL H 83 28.68 -42.65 -32.23
N GLY H 84 27.51 -42.52 -32.83
CA GLY H 84 26.32 -43.11 -32.29
C GLY H 84 25.14 -42.29 -32.75
N VAL H 85 24.05 -42.37 -31.98
CA VAL H 85 22.81 -41.77 -32.37
C VAL H 85 22.41 -40.83 -31.24
N TYR H 86 21.92 -39.66 -31.62
CA TYR H 86 21.60 -38.60 -30.68
C TYR H 86 20.13 -38.25 -30.75
N TYR H 87 19.48 -38.18 -29.59
CA TYR H 87 18.02 -37.98 -29.51
C TYR H 87 17.65 -36.73 -28.70
N CYS H 88 16.62 -36.03 -29.16
CA CYS H 88 15.98 -35.00 -28.35
C CYS H 88 14.67 -35.54 -27.82
N GLN H 89 14.20 -34.97 -26.73
CA GLN H 89 12.97 -35.41 -26.07
C GLN H 89 12.13 -34.25 -25.51
N ASN H 90 10.86 -34.25 -25.85
CA ASN H 90 9.91 -33.33 -25.22
C ASN H 90 9.60 -33.85 -23.83
N GLY H 91 10.03 -33.11 -22.81
CA GLY H 91 9.74 -33.44 -21.40
C GLY H 91 8.82 -32.39 -20.78
N HIS H 92 8.16 -31.66 -21.65
CA HIS H 92 7.31 -30.55 -21.28
C HIS H 92 5.90 -30.98 -20.89
N SER H 93 5.27 -31.80 -21.72
CA SER H 93 3.86 -32.18 -21.59
C SER H 93 3.57 -33.55 -22.27
N PHE H 94 2.45 -34.20 -21.94
CA PHE H 94 2.14 -35.56 -22.41
C PHE H 94 1.47 -35.59 -23.78
N PRO H 95 1.80 -36.60 -24.60
CA PRO H 95 2.78 -37.61 -24.30
C PRO H 95 4.19 -37.11 -24.54
N TYR H 96 5.12 -37.50 -23.68
CA TYR H 96 6.51 -37.17 -23.91
C TYR H 96 6.92 -37.83 -25.21
N THR H 97 7.56 -37.09 -26.09
CA THR H 97 7.94 -37.60 -27.41
C THR H 97 9.43 -37.50 -27.65
N PHE H 98 9.95 -38.38 -28.47
CA PHE H 98 11.36 -38.32 -28.81
C PHE H 98 11.47 -37.97 -30.28
N GLY H 99 12.48 -37.17 -30.63
CA GLY H 99 12.86 -37.02 -32.05
C GLY H 99 13.42 -38.34 -32.61
N GLY H 100 13.46 -38.46 -33.93
CA GLY H 100 13.78 -39.75 -34.55
C GLY H 100 15.25 -40.15 -34.56
N GLY H 101 16.09 -39.34 -33.92
CA GLY H 101 17.51 -39.62 -33.86
C GLY H 101 18.27 -38.93 -34.96
N THR H 102 19.51 -38.56 -34.67
CA THR H 102 20.50 -38.19 -35.68
C THR H 102 21.74 -39.05 -35.52
N LYS H 103 22.16 -39.71 -36.61
CA LYS H 103 23.30 -40.63 -36.52
C LYS H 103 24.60 -39.89 -36.82
N LEU H 104 25.57 -39.98 -35.91
CA LEU H 104 26.86 -39.31 -36.12
C LEU H 104 27.87 -40.32 -36.55
N GLU H 105 28.64 -39.99 -37.58
CA GLU H 105 29.62 -40.89 -38.18
C GLU H 105 30.98 -40.18 -38.30
N ILE H 106 32.07 -40.90 -38.16
CA ILE H 106 33.39 -40.32 -38.09
C ILE H 106 34.05 -40.48 -39.41
N ARG H 107 34.89 -39.52 -39.79
CA ARG H 107 35.72 -39.65 -40.96
C ARG H 107 37.15 -40.08 -40.61
N ARG H 108 37.72 -40.95 -41.45
CA ARG H 108 39.09 -41.40 -41.27
C ARG H 108 39.78 -41.72 -42.58
N ALA H 109 41.02 -42.17 -42.48
CA ALA H 109 41.78 -42.69 -43.62
C ALA H 109 41.04 -43.87 -44.27
N ASP H 110 41.00 -43.88 -45.60
CA ASP H 110 40.46 -45.03 -46.34
C ASP H 110 41.23 -46.30 -45.99
N ALA H 111 40.50 -47.41 -46.01
CA ALA H 111 41.05 -48.71 -45.63
C ALA H 111 40.37 -49.78 -46.38
N ALA H 112 41.12 -50.57 -47.14
CA ALA H 112 40.58 -51.71 -47.90
C ALA H 112 40.17 -52.86 -46.97
N PRO H 113 39.07 -53.56 -47.29
CA PRO H 113 38.62 -54.70 -46.51
C PRO H 113 39.58 -55.85 -46.55
N THR H 114 39.42 -56.75 -45.59
CA THR H 114 40.11 -58.04 -45.58
C THR H 114 39.03 -59.02 -45.82
N VAL H 115 39.19 -59.77 -46.90
CA VAL H 115 38.16 -60.63 -47.41
C VAL H 115 38.55 -62.09 -47.21
N SER H 116 37.64 -62.82 -46.60
CA SER H 116 37.70 -64.25 -46.57
C SER H 116 36.38 -64.83 -47.05
N ILE H 117 36.47 -66.01 -47.61
CA ILE H 117 35.35 -66.73 -48.12
C ILE H 117 35.43 -68.13 -47.47
N PHE H 118 34.26 -68.70 -47.17
CA PHE H 118 34.21 -70.00 -46.56
C PHE H 118 33.17 -70.85 -47.26
N PRO H 119 33.53 -72.09 -47.60
CA PRO H 119 32.58 -73.06 -48.06
C PRO H 119 31.70 -73.52 -46.96
N PRO H 120 30.64 -74.22 -47.32
CA PRO H 120 29.82 -74.85 -46.35
C PRO H 120 30.60 -75.95 -45.61
N SER H 121 30.37 -76.04 -44.30
CA SER H 121 30.85 -77.15 -43.53
C SER H 121 30.23 -78.47 -43.97
N SER H 122 30.94 -79.54 -43.69
CA SER H 122 30.37 -80.86 -43.85
C SER H 122 29.11 -81.05 -43.03
N GLU H 123 29.12 -80.61 -41.78
CA GLU H 123 27.92 -80.75 -40.97
C GLU H 123 26.66 -80.14 -41.65
N GLN H 124 26.80 -79.00 -42.30
CA GLN H 124 25.64 -78.37 -42.96
C GLN H 124 25.17 -79.17 -44.18
N LEU H 125 26.13 -79.56 -45.00
CA LEU H 125 25.85 -80.38 -46.17
C LEU H 125 24.98 -81.60 -45.86
N THR H 126 25.13 -82.15 -44.67
CA THR H 126 24.37 -83.32 -44.23
C THR H 126 22.87 -83.02 -43.98
N SER H 127 22.53 -81.82 -43.51
CA SER H 127 21.10 -81.46 -43.29
C SER H 127 20.35 -81.29 -44.62
N GLY H 128 20.94 -80.51 -45.53
CA GLY H 128 20.37 -80.32 -46.88
C GLY H 128 20.46 -78.91 -47.44
N GLY H 129 21.01 -77.99 -46.67
CA GLY H 129 21.28 -76.66 -47.15
C GLY H 129 22.77 -76.44 -47.33
N ALA H 130 23.13 -75.32 -47.96
CA ALA H 130 24.55 -74.96 -48.09
C ALA H 130 24.67 -73.43 -48.10
N SER H 131 25.51 -72.90 -47.20
CA SER H 131 25.78 -71.49 -47.09
C SER H 131 27.24 -71.24 -47.41
N VAL H 132 27.52 -70.32 -48.32
CA VAL H 132 28.90 -69.86 -48.59
C VAL H 132 28.94 -68.50 -47.94
N VAL H 133 29.99 -68.21 -47.18
CA VAL H 133 30.03 -67.02 -46.33
C VAL H 133 31.24 -66.20 -46.63
N CYS H 134 31.05 -64.90 -46.75
CA CYS H 134 32.15 -64.02 -47.09
C CYS H 134 32.19 -62.91 -46.08
N PHE H 135 33.38 -62.66 -45.54
CA PHE H 135 33.54 -61.62 -44.54
C PHE H 135 34.36 -60.53 -45.15
N LEU H 136 33.85 -59.30 -45.10
CA LEU H 136 34.63 -58.12 -45.46
C LEU H 136 34.84 -57.28 -44.17
N ASN H 137 36.06 -57.25 -43.71
CA ASN H 137 36.31 -56.73 -42.42
C ASN H 137 37.14 -55.46 -42.42
N ASN H 138 36.81 -54.55 -41.52
CA ASN H 138 37.63 -53.44 -41.20
C ASN H 138 37.96 -52.48 -42.37
N PHE H 139 36.92 -51.99 -43.03
CA PHE H 139 37.09 -51.11 -44.14
C PHE H 139 36.45 -49.71 -43.98
N TYR H 140 36.90 -48.79 -44.82
CA TYR H 140 36.39 -47.45 -44.79
C TYR H 140 36.72 -46.82 -46.13
N PRO H 141 35.75 -46.16 -46.77
CA PRO H 141 34.43 -45.77 -46.27
C PRO H 141 33.47 -46.93 -46.27
N LYS H 142 32.23 -46.70 -45.88
CA LYS H 142 31.25 -47.83 -45.89
C LYS H 142 30.58 -48.06 -47.24
N ASP H 143 30.68 -47.14 -48.19
CA ASP H 143 30.18 -47.42 -49.54
C ASP H 143 30.97 -48.69 -49.96
N ILE H 144 30.28 -49.81 -50.15
CA ILE H 144 30.94 -51.05 -50.60
C ILE H 144 29.97 -51.96 -51.33
N ASN H 145 30.45 -52.55 -52.42
CA ASN H 145 29.63 -53.30 -53.36
C ASN H 145 30.11 -54.75 -53.38
N VAL H 146 29.19 -55.71 -53.31
CA VAL H 146 29.60 -57.13 -53.18
C VAL H 146 28.96 -58.06 -54.21
N LYS H 147 29.72 -58.56 -55.18
CA LYS H 147 29.15 -59.51 -56.16
C LYS H 147 29.48 -60.98 -55.84
N TRP H 148 28.46 -61.82 -55.79
CA TRP H 148 28.66 -63.25 -55.83
C TRP H 148 28.68 -63.76 -57.28
N LYS H 149 29.67 -64.59 -57.60
CA LYS H 149 29.76 -65.30 -58.89
C LYS H 149 29.77 -66.86 -58.66
N ILE H 150 29.03 -67.56 -59.51
CA ILE H 150 29.00 -69.01 -59.44
C ILE H 150 29.40 -69.48 -60.81
N ASP H 151 30.57 -70.13 -60.92
CA ASP H 151 31.12 -70.49 -62.25
C ASP H 151 31.05 -69.34 -63.25
N GLY H 152 31.43 -68.15 -62.82
CA GLY H 152 31.46 -66.97 -63.67
C GLY H 152 30.16 -66.20 -63.89
N SER H 153 29.04 -66.75 -63.44
CA SER H 153 27.76 -66.08 -63.66
C SER H 153 27.27 -65.48 -62.34
N GLU H 154 27.39 -64.18 -62.22
CA GLU H 154 26.99 -63.52 -61.01
C GLU H 154 25.54 -63.93 -60.67
N ARG H 155 25.34 -64.23 -59.39
CA ARG H 155 24.05 -64.59 -58.81
C ARG H 155 23.65 -63.58 -57.76
N GLN H 156 22.40 -63.20 -57.71
CA GLN H 156 21.99 -62.42 -56.55
C GLN H 156 20.56 -62.72 -56.05
N ASN H 157 20.15 -63.99 -56.07
CA ASN H 157 19.06 -64.49 -55.22
C ASN H 157 19.72 -65.30 -54.09
N GLY H 158 19.15 -65.20 -52.89
CA GLY H 158 19.68 -65.95 -51.74
C GLY H 158 20.92 -65.32 -51.13
N VAL H 159 21.08 -64.02 -51.34
CA VAL H 159 22.18 -63.28 -50.75
C VAL H 159 21.63 -62.31 -49.68
N LEU H 160 21.90 -62.65 -48.42
CA LEU H 160 21.64 -61.85 -47.26
C LEU H 160 22.91 -61.15 -46.85
N ASN H 161 22.82 -59.87 -46.48
CA ASN H 161 23.99 -59.08 -46.08
C ASN H 161 23.75 -58.42 -44.70
N SER H 162 24.84 -58.11 -43.99
CA SER H 162 24.77 -57.61 -42.62
C SER H 162 25.97 -56.72 -42.38
N TRP H 163 25.73 -55.49 -41.95
CA TRP H 163 26.76 -54.51 -41.56
C TRP H 163 26.78 -54.32 -40.06
N THR H 164 27.97 -54.24 -39.49
CA THR H 164 28.11 -53.76 -38.11
C THR H 164 28.01 -52.25 -38.14
N ASP H 165 27.64 -51.66 -37.02
CA ASP H 165 27.70 -50.20 -36.89
C ASP H 165 29.14 -49.76 -36.96
N GLN H 166 29.41 -48.55 -37.38
CA GLN H 166 30.77 -48.01 -37.26
C GLN H 166 31.39 -48.34 -35.90
N ASP H 167 32.59 -48.88 -35.93
CA ASP H 167 33.42 -49.12 -34.76
C ASP H 167 33.74 -47.84 -33.97
N SER H 168 33.65 -47.94 -32.66
CA SER H 168 33.85 -46.78 -31.77
C SER H 168 35.27 -46.48 -31.43
N LYS H 169 36.15 -47.44 -31.65
CA LYS H 169 37.59 -47.21 -31.50
C LYS H 169 38.30 -46.85 -32.82
N ASP H 170 38.05 -47.58 -33.91
CA ASP H 170 38.79 -47.35 -35.18
C ASP H 170 37.95 -46.84 -36.34
N SER H 171 36.67 -46.62 -36.10
CA SER H 171 35.83 -45.97 -37.09
C SER H 171 35.71 -46.72 -38.43
N THR H 172 36.02 -48.00 -38.43
CA THR H 172 35.93 -48.81 -39.63
C THR H 172 34.62 -49.57 -39.63
N TYR H 173 34.29 -50.16 -40.78
CA TYR H 173 33.06 -50.96 -40.95
C TYR H 173 33.45 -52.36 -41.27
N SER H 174 32.56 -53.26 -40.96
CA SER H 174 32.72 -54.62 -41.37
C SER H 174 31.37 -55.10 -41.89
N MET H 175 31.42 -56.07 -42.80
CA MET H 175 30.21 -56.66 -43.38
C MET H 175 30.41 -58.13 -43.60
N SER H 176 29.35 -58.90 -43.40
CA SER H 176 29.34 -60.26 -43.91
C SER H 176 28.25 -60.42 -44.96
N SER H 177 28.45 -61.39 -45.83
CA SER H 177 27.53 -61.69 -46.93
C SER H 177 27.50 -63.22 -47.10
N THR H 178 26.28 -63.74 -47.15
CA THR H 178 26.00 -65.19 -47.08
C THR H 178 25.12 -65.58 -48.28
N LEU H 179 25.63 -66.53 -49.03
CA LEU H 179 24.91 -67.09 -50.16
C LEU H 179 24.30 -68.43 -49.76
N THR H 180 22.98 -68.48 -49.62
CA THR H 180 22.34 -69.69 -49.21
C THR H 180 21.71 -70.32 -50.45
N LEU H 181 22.12 -71.56 -50.74
CA LEU H 181 21.56 -72.37 -51.80
C LEU H 181 20.96 -73.59 -51.15
N THR H 182 20.38 -74.48 -51.96
CA THR H 182 20.14 -75.88 -51.55
C THR H 182 21.39 -76.68 -51.84
N LYS H 183 21.47 -77.86 -51.26
CA LYS H 183 22.63 -78.70 -51.39
C LYS H 183 22.78 -79.28 -52.82
N ASP H 184 21.67 -79.55 -53.51
CA ASP H 184 21.67 -79.81 -54.97
C ASP H 184 22.29 -78.66 -55.76
N GLU H 185 21.76 -77.45 -55.54
CA GLU H 185 22.23 -76.28 -56.27
C GLU H 185 23.73 -76.17 -56.07
N TYR H 186 24.12 -76.14 -54.80
CA TYR H 186 25.49 -75.96 -54.46
C TYR H 186 26.32 -76.98 -55.16
N GLU H 187 25.87 -78.25 -55.13
CA GLU H 187 26.68 -79.39 -55.67
C GLU H 187 26.71 -79.56 -57.19
N ARG H 188 26.03 -78.68 -57.91
CA ARG H 188 26.03 -78.65 -59.39
C ARG H 188 26.89 -77.51 -59.94
N HIS H 189 27.65 -76.86 -59.06
CA HIS H 189 28.62 -75.88 -59.53
C HIS H 189 29.95 -76.08 -58.83
N ASN H 190 30.98 -75.54 -59.43
CA ASN H 190 32.36 -75.83 -59.03
C ASN H 190 32.98 -74.63 -58.32
N SER H 191 32.93 -73.47 -58.96
CA SER H 191 33.63 -72.29 -58.51
C SER H 191 32.69 -71.27 -57.85
N TYR H 192 33.10 -70.72 -56.71
CA TYR H 192 32.30 -69.76 -55.94
C TYR H 192 33.22 -68.54 -55.66
N THR H 193 32.78 -67.38 -56.11
CA THR H 193 33.56 -66.16 -56.05
C THR H 193 32.84 -65.06 -55.24
N CYS H 194 33.62 -64.45 -54.34
CA CYS H 194 33.22 -63.28 -53.50
C CYS H 194 34.01 -62.08 -54.00
N GLU H 195 33.33 -61.16 -54.66
CA GLU H 195 33.96 -60.05 -55.38
C GLU H 195 33.53 -58.74 -54.76
N ALA H 196 34.48 -58.01 -54.20
CA ALA H 196 34.21 -56.77 -53.41
C ALA H 196 34.80 -55.53 -54.06
N THR H 197 33.94 -54.57 -54.41
CA THR H 197 34.33 -53.30 -55.03
C THR H 197 34.27 -52.15 -54.02
N HIS H 198 35.41 -51.47 -53.87
CA HIS H 198 35.64 -50.48 -52.83
C HIS H 198 36.49 -49.33 -53.36
N LYS H 199 36.24 -48.15 -52.80
CA LYS H 199 36.95 -46.92 -53.18
C LYS H 199 38.46 -47.08 -53.28
N THR H 200 39.03 -47.94 -52.43
CA THR H 200 40.48 -48.01 -52.18
C THR H 200 41.29 -48.66 -53.29
N SER H 201 40.68 -49.50 -54.12
CA SER H 201 41.35 -49.91 -55.33
C SER H 201 40.44 -49.74 -56.54
N THR H 202 41.07 -49.67 -57.71
CA THR H 202 40.40 -49.59 -59.01
C THR H 202 39.99 -51.00 -59.45
N SER H 203 40.51 -51.98 -58.72
CA SER H 203 40.36 -53.35 -59.07
C SER H 203 39.63 -54.03 -57.92
N PRO H 204 38.63 -54.84 -58.26
CA PRO H 204 37.88 -55.57 -57.25
C PRO H 204 38.78 -56.48 -56.42
N ILE H 205 38.52 -56.58 -55.11
CA ILE H 205 39.14 -57.64 -54.32
C ILE H 205 38.33 -58.93 -54.49
N VAL H 206 38.98 -59.95 -55.06
CA VAL H 206 38.34 -61.22 -55.36
C VAL H 206 38.84 -62.33 -54.42
N LYS H 207 37.92 -63.10 -53.85
CA LYS H 207 38.28 -64.35 -53.17
C LYS H 207 37.33 -65.42 -53.60
N SER H 208 37.89 -66.50 -54.16
CA SER H 208 37.07 -67.66 -54.48
C SER H 208 37.67 -68.96 -53.99
N PHE H 209 36.91 -70.02 -54.20
CA PHE H 209 37.35 -71.36 -53.95
C PHE H 209 36.72 -72.23 -55.03
N ASN H 210 37.42 -73.31 -55.36
CA ASN H 210 36.95 -74.26 -56.30
C ASN H 210 36.56 -75.50 -55.56
N ARG H 211 35.48 -76.14 -55.97
CA ARG H 211 35.03 -77.26 -55.20
C ARG H 211 35.82 -78.55 -55.45
N ASN H 212 36.40 -78.77 -56.65
CA ASN H 212 37.37 -79.88 -56.83
C ASN H 212 38.51 -80.00 -55.79
N GLU H 213 38.65 -79.00 -54.92
CA GLU H 213 39.31 -79.18 -53.62
C GLU H 213 38.25 -78.85 -52.52
N VAL I 2 37.40 10.69 -13.87
CA VAL I 2 37.54 9.27 -14.34
C VAL I 2 37.73 9.18 -15.85
N GLN I 3 38.83 8.56 -16.26
CA GLN I 3 39.09 8.31 -17.68
C GLN I 3 39.26 6.82 -17.93
N LEU I 4 38.82 6.38 -19.12
CA LEU I 4 39.01 5.00 -19.54
C LEU I 4 39.85 4.99 -20.82
N GLN I 5 41.13 4.70 -20.66
CA GLN I 5 42.09 4.80 -21.75
C GLN I 5 42.09 3.54 -22.60
N GLN I 6 41.64 3.70 -23.84
CA GLN I 6 41.59 2.63 -24.81
C GLN I 6 42.43 3.01 -26.03
N SER I 7 42.41 2.15 -27.05
CA SER I 7 43.12 2.41 -28.30
C SER I 7 42.09 2.62 -29.42
N GLY I 8 42.50 3.31 -30.49
CA GLY I 8 41.62 3.62 -31.62
C GLY I 8 41.19 2.38 -32.37
N ALA I 9 42.17 1.56 -32.75
CA ALA I 9 41.91 0.32 -33.51
C ALA I 9 43.07 -0.64 -33.48
N GLU I 10 42.80 -1.88 -33.88
CA GLU I 10 43.80 -2.92 -34.00
C GLU I 10 43.41 -3.81 -35.18
N LEU I 11 44.34 -4.01 -36.11
CA LEU I 11 44.13 -4.91 -37.23
C LEU I 11 44.52 -6.33 -36.83
N VAL I 12 43.68 -7.31 -37.17
CA VAL I 12 43.93 -8.72 -36.83
C VAL I 12 43.60 -9.74 -37.93
N LYS I 13 44.52 -10.67 -38.17
CA LYS I 13 44.35 -11.71 -39.17
C LYS I 13 43.30 -12.74 -38.74
N PRO I 14 42.64 -13.40 -39.72
CA PRO I 14 41.52 -14.28 -39.43
C PRO I 14 41.97 -15.67 -38.97
N GLY I 15 41.65 -15.99 -37.73
CA GLY I 15 42.21 -17.17 -37.06
C GLY I 15 43.04 -16.76 -35.87
N ALA I 16 43.60 -15.56 -35.91
CA ALA I 16 44.49 -15.05 -34.85
C ALA I 16 43.75 -14.75 -33.54
N SER I 17 44.52 -14.36 -32.52
CA SER I 17 43.96 -14.14 -31.18
C SER I 17 44.44 -12.80 -30.61
N VAL I 18 43.50 -11.91 -30.31
CA VAL I 18 43.81 -10.52 -29.95
C VAL I 18 43.48 -10.18 -28.50
N LYS I 19 44.30 -9.34 -27.89
CA LYS I 19 44.11 -8.92 -26.49
C LYS I 19 43.94 -7.40 -26.38
N LEU I 20 42.74 -6.97 -26.00
CA LEU I 20 42.39 -5.54 -25.86
C LEU I 20 42.64 -5.04 -24.44
N SER I 21 42.87 -3.74 -24.29
CA SER I 21 43.22 -3.19 -22.97
C SER I 21 42.46 -1.92 -22.63
N CYS I 22 42.41 -1.62 -21.33
CA CYS I 22 41.63 -0.49 -20.82
C CYS I 22 42.19 0.06 -19.49
N LYS I 23 42.99 1.11 -19.59
CA LYS I 23 43.65 1.72 -18.43
C LYS I 23 42.72 2.74 -17.77
N ALA I 24 42.67 2.75 -16.44
CA ALA I 24 41.80 3.67 -15.69
C ALA I 24 42.57 4.62 -14.76
N SER I 25 41.97 5.78 -14.49
CA SER I 25 42.49 6.73 -13.50
C SER I 25 41.36 7.45 -12.75
N GLY I 26 41.63 7.88 -11.53
CA GLY I 26 40.70 8.70 -10.75
C GLY I 26 40.19 8.00 -9.50
N TYR I 27 39.51 6.86 -9.69
CA TYR I 27 39.00 6.02 -8.60
C TYR I 27 39.95 4.86 -8.38
N THR I 28 39.89 4.22 -7.22
CA THR I 28 40.73 3.05 -6.97
C THR I 28 40.11 1.82 -7.64
N PHE I 29 40.92 1.16 -8.44
CA PHE I 29 40.48 0.09 -9.33
C PHE I 29 39.49 -0.89 -8.66
N THR I 30 39.94 -1.54 -7.58
CA THR I 30 39.17 -2.63 -6.92
C THR I 30 37.83 -2.21 -6.27
N SER I 31 37.44 -0.94 -6.44
CA SER I 31 36.16 -0.47 -5.92
C SER I 31 34.99 -0.70 -6.88
N HIS I 32 35.28 -0.94 -8.17
CA HIS I 32 34.24 -1.02 -9.19
C HIS I 32 34.40 -2.18 -10.18
N TRP I 33 33.30 -2.51 -10.85
CA TRP I 33 33.29 -3.62 -11.83
C TRP I 33 33.56 -3.08 -13.21
N MET I 34 34.18 -3.91 -14.06
CA MET I 34 34.52 -3.50 -15.41
C MET I 34 33.74 -4.35 -16.40
N HIS I 35 32.96 -3.69 -17.25
CA HIS I 35 32.12 -4.33 -18.24
C HIS I 35 32.69 -4.11 -19.62
N TRP I 36 32.53 -5.10 -20.50
CA TRP I 36 32.81 -4.90 -21.92
C TRP I 36 31.54 -5.03 -22.77
N VAL I 37 31.38 -4.16 -23.76
CA VAL I 37 30.26 -4.26 -24.68
C VAL I 37 30.76 -4.19 -26.11
N LYS I 38 30.11 -4.93 -27.01
CA LYS I 38 30.49 -5.02 -28.42
C LYS I 38 29.42 -4.37 -29.28
N GLN I 39 29.85 -3.85 -30.43
CA GLN I 39 28.96 -3.18 -31.36
C GLN I 39 29.53 -3.36 -32.74
N ARG I 40 28.76 -3.95 -33.65
CA ARG I 40 29.17 -4.08 -35.04
C ARG I 40 28.85 -2.77 -35.80
N PRO I 41 29.47 -2.53 -36.97
CA PRO I 41 29.18 -1.28 -37.69
C PRO I 41 27.69 -1.00 -37.87
N GLY I 42 27.24 0.18 -37.43
CA GLY I 42 25.83 0.56 -37.51
C GLY I 42 24.86 -0.25 -36.64
N GLN I 43 25.26 -1.45 -36.23
CA GLN I 43 24.38 -2.38 -35.50
C GLN I 43 24.16 -1.93 -34.04
N GLY I 44 23.42 -2.76 -33.29
CA GLY I 44 23.13 -2.50 -31.88
C GLY I 44 24.26 -2.89 -30.95
N LEU I 45 23.96 -2.91 -29.65
CA LEU I 45 24.96 -3.18 -28.60
C LEU I 45 24.77 -4.58 -28.01
N GLU I 46 25.88 -5.23 -27.67
CA GLU I 46 25.85 -6.55 -27.03
C GLU I 46 26.81 -6.59 -25.87
N TRP I 47 26.38 -7.21 -24.78
CA TRP I 47 27.12 -7.25 -23.53
C TRP I 47 27.93 -8.52 -23.46
N ILE I 48 29.21 -8.38 -23.18
CA ILE I 48 30.11 -9.52 -23.20
C ILE I 48 30.19 -10.08 -21.81
N GLY I 49 30.66 -9.26 -20.90
CA GLY I 49 30.82 -9.72 -19.56
C GLY I 49 31.27 -8.64 -18.62
N GLU I 50 31.85 -9.09 -17.53
CA GLU I 50 32.00 -8.32 -16.31
C GLU I 50 33.17 -8.90 -15.54
N ILE I 51 33.90 -8.06 -14.82
CA ILE I 51 34.93 -8.55 -13.92
C ILE I 51 35.04 -7.69 -12.65
N ASP I 52 35.41 -8.31 -11.54
CA ASP I 52 35.58 -7.63 -10.26
C ASP I 52 37.05 -7.70 -9.91
N PRO I 53 37.77 -6.59 -10.07
CA PRO I 53 39.23 -6.54 -9.88
C PRO I 53 39.78 -7.18 -8.60
N SER I 54 39.10 -7.01 -7.46
CA SER I 54 39.67 -7.43 -6.18
C SER I 54 39.87 -8.95 -6.07
N ASP I 55 38.94 -9.73 -6.65
CA ASP I 55 38.99 -11.21 -6.61
C ASP I 55 38.93 -11.90 -7.98
N SER I 56 38.86 -11.09 -9.05
CA SER I 56 38.74 -11.57 -10.42
C SER I 56 37.48 -12.41 -10.69
N TYR I 57 36.40 -12.09 -9.98
CA TYR I 57 35.12 -12.74 -10.23
C TYR I 57 34.56 -12.26 -11.56
N ILE I 58 34.38 -13.18 -12.49
CA ILE I 58 33.92 -12.86 -13.83
C ILE I 58 32.51 -13.36 -14.09
N ASN I 59 31.68 -12.52 -14.70
CA ASN I 59 30.39 -12.96 -15.26
C ASN I 59 30.39 -12.76 -16.78
N TYR I 60 30.31 -13.84 -17.54
CA TYR I 60 30.27 -13.76 -19.01
C TYR I 60 28.84 -13.86 -19.55
N ASN I 61 28.65 -13.49 -20.80
CA ASN I 61 27.44 -13.79 -21.55
C ASN I 61 27.73 -15.10 -22.25
N GLN I 62 26.98 -16.14 -21.93
CA GLN I 62 27.27 -17.50 -22.43
C GLN I 62 27.65 -17.43 -23.91
N ILE I 63 26.92 -16.61 -24.64
CA ILE I 63 27.20 -16.35 -26.05
C ILE I 63 28.69 -16.15 -26.37
N PHE I 64 29.44 -15.51 -25.47
CA PHE I 64 30.86 -15.19 -25.70
C PHE I 64 31.87 -16.00 -24.88
N GLU I 65 31.45 -17.10 -24.25
CA GLU I 65 32.35 -17.85 -23.34
C GLU I 65 33.44 -18.70 -24.04
N GLY I 66 33.19 -19.14 -25.28
CA GLY I 66 34.20 -19.81 -26.05
C GLY I 66 35.01 -18.87 -26.90
N LYS I 67 34.91 -17.56 -26.61
CA LYS I 67 35.53 -16.52 -27.43
C LYS I 67 36.22 -15.45 -26.57
N ALA I 68 35.56 -14.99 -25.52
CA ALA I 68 36.09 -13.95 -24.65
C ALA I 68 36.73 -14.48 -23.35
N THR I 69 37.88 -13.91 -22.99
CA THR I 69 38.47 -14.01 -21.64
C THR I 69 38.67 -12.61 -21.05
N LEU I 70 38.24 -12.42 -19.80
CA LEU I 70 38.54 -11.18 -19.07
C LEU I 70 39.57 -11.45 -17.98
N THR I 71 40.48 -10.50 -17.81
CA THR I 71 41.47 -10.56 -16.75
C THR I 71 41.75 -9.14 -16.29
N VAL I 72 42.69 -8.99 -15.35
CA VAL I 72 43.02 -7.67 -14.79
C VAL I 72 44.50 -7.61 -14.44
N ASP I 73 44.99 -6.39 -14.21
CA ASP I 73 46.32 -6.19 -13.65
C ASP I 73 46.19 -5.24 -12.47
N LYS I 74 46.47 -5.77 -11.27
CA LYS I 74 46.38 -4.99 -10.05
C LYS I 74 47.56 -4.02 -9.90
N SER I 75 48.73 -4.38 -10.44
CA SER I 75 49.92 -3.54 -10.31
C SER I 75 49.80 -2.22 -11.08
N SER I 76 49.20 -2.25 -12.27
CA SER I 76 49.01 -1.04 -13.09
C SER I 76 47.53 -0.77 -13.47
N THR I 77 46.62 -1.32 -12.67
CA THR I 77 45.18 -1.04 -12.75
C THR I 77 44.57 -1.08 -14.16
N THR I 78 44.98 -2.06 -14.96
CA THR I 78 44.51 -2.21 -16.32
C THR I 78 43.53 -3.37 -16.45
N ALA I 79 42.47 -3.17 -17.24
CA ALA I 79 41.45 -4.18 -17.48
C ALA I 79 41.62 -4.74 -18.88
N TYR I 80 41.80 -6.05 -18.99
CA TYR I 80 42.02 -6.72 -20.28
C TYR I 80 40.81 -7.54 -20.69
N LEU I 81 40.54 -7.54 -21.99
CA LEU I 81 39.65 -8.51 -22.65
C LEU I 81 40.46 -9.20 -23.75
N GLN I 82 40.59 -10.52 -23.64
CA GLN I 82 41.28 -11.32 -24.66
C GLN I 82 40.27 -12.14 -25.50
N LEU I 83 40.08 -11.73 -26.74
CA LEU I 83 39.32 -12.50 -27.74
C LEU I 83 40.28 -13.50 -28.38
N SER I 84 39.76 -14.60 -28.92
CA SER I 84 40.63 -15.55 -29.63
C SER I 84 39.93 -16.27 -30.78
N SER I 85 40.71 -16.61 -31.82
CA SER I 85 40.23 -17.42 -32.97
C SER I 85 39.15 -16.65 -33.72
N LEU I 86 39.56 -15.57 -34.39
CA LEU I 86 38.61 -14.59 -34.89
C LEU I 86 38.01 -14.93 -36.25
N THR I 87 36.84 -14.35 -36.54
CA THR I 87 36.26 -14.39 -37.89
C THR I 87 35.79 -13.00 -38.27
N SER I 88 35.27 -12.87 -39.48
CA SER I 88 34.66 -11.63 -39.93
C SER I 88 33.67 -11.13 -38.88
N GLU I 89 32.87 -12.02 -38.31
CA GLU I 89 31.75 -11.62 -37.41
C GLU I 89 32.20 -11.01 -36.08
N ASP I 90 33.44 -11.26 -35.68
CA ASP I 90 34.02 -10.59 -34.52
C ASP I 90 34.41 -9.13 -34.83
N SER I 91 34.41 -8.73 -36.11
CA SER I 91 34.73 -7.35 -36.50
C SER I 91 33.70 -6.41 -35.92
N ALA I 92 34.18 -5.42 -35.17
CA ALA I 92 33.30 -4.53 -34.41
C ALA I 92 34.16 -3.68 -33.49
N VAL I 93 33.52 -2.71 -32.85
CA VAL I 93 34.16 -1.91 -31.82
C VAL I 93 33.88 -2.54 -30.46
N TYR I 94 34.89 -2.58 -29.61
CA TYR I 94 34.77 -3.16 -28.29
C TYR I 94 35.01 -2.10 -27.23
N TYR I 95 34.01 -1.87 -26.38
CA TYR I 95 34.11 -0.86 -25.35
C TYR I 95 34.40 -1.52 -24.03
N CYS I 96 35.21 -0.85 -23.20
CA CYS I 96 35.21 -1.09 -21.76
C CYS I 96 34.37 0.04 -21.13
N ALA I 97 33.84 -0.21 -19.95
CA ALA I 97 33.02 0.77 -19.26
C ALA I 97 33.03 0.41 -17.80
N ARG I 98 32.81 1.38 -16.93
CA ARG I 98 32.75 1.06 -15.50
C ARG I 98 31.34 1.21 -14.98
N THR I 99 31.09 0.54 -13.87
CA THR I 99 29.83 0.62 -13.17
C THR I 99 29.89 1.74 -12.11
N ALA I 100 28.76 2.37 -11.81
CA ALA I 100 28.73 3.47 -10.82
C ALA I 100 28.80 2.96 -9.37
N GLY I 101 28.61 1.66 -9.14
CA GLY I 101 28.94 1.09 -7.84
C GLY I 101 28.13 -0.01 -7.19
N LEU I 102 27.16 -0.63 -7.80
CA LEU I 102 26.43 -1.79 -7.23
C LEU I 102 24.98 -1.45 -7.41
N LEU I 103 24.36 -2.20 -8.32
CA LEU I 103 22.99 -1.94 -8.77
C LEU I 103 22.92 -0.55 -9.39
N ALA I 104 24.02 -0.15 -10.03
CA ALA I 104 24.13 1.17 -10.65
C ALA I 104 24.62 1.04 -12.09
N PRO I 105 24.23 1.98 -12.96
CA PRO I 105 24.50 1.85 -14.38
C PRO I 105 25.96 2.12 -14.75
N MET I 106 26.30 1.77 -15.99
CA MET I 106 27.62 2.04 -16.57
C MET I 106 27.73 3.52 -16.89
N ASP I 107 28.49 4.25 -16.08
CA ASP I 107 28.58 5.72 -16.18
C ASP I 107 29.71 6.16 -17.11
N TYR I 108 30.94 5.73 -16.85
CA TYR I 108 32.06 6.13 -17.66
C TYR I 108 32.48 5.03 -18.61
N TRP I 109 32.82 5.43 -19.83
CA TRP I 109 33.10 4.53 -20.93
C TRP I 109 34.36 4.94 -21.67
N GLY I 110 35.04 3.95 -22.25
CA GLY I 110 36.15 4.21 -23.15
C GLY I 110 35.69 4.73 -24.49
N GLN I 111 36.64 5.22 -25.28
CA GLN I 111 36.38 5.73 -26.63
C GLN I 111 36.02 4.58 -27.58
N GLY I 112 36.53 3.38 -27.29
CA GLY I 112 36.28 2.18 -28.09
C GLY I 112 37.41 1.79 -29.03
N THR I 113 37.87 0.54 -28.93
CA THR I 113 38.81 -0.03 -29.88
C THR I 113 38.06 -0.65 -31.05
N SER I 114 38.38 -0.21 -32.26
CA SER I 114 37.77 -0.76 -33.47
C SER I 114 38.56 -1.96 -33.97
N VAL I 115 37.87 -3.06 -34.23
CA VAL I 115 38.52 -4.33 -34.54
C VAL I 115 38.13 -4.88 -35.91
N THR I 116 39.16 -5.07 -36.73
CA THR I 116 39.00 -5.47 -38.13
C THR I 116 39.62 -6.83 -38.34
N VAL I 117 38.84 -7.75 -38.88
CA VAL I 117 39.30 -9.12 -39.09
C VAL I 117 39.39 -9.39 -40.59
N SER I 118 40.63 -9.51 -41.07
CA SER I 118 40.88 -9.72 -42.50
C SER I 118 42.35 -10.10 -42.69
N SER I 119 42.64 -10.71 -43.82
CA SER I 119 44.00 -11.08 -44.18
C SER I 119 44.67 -10.02 -45.03
N ALA I 120 43.92 -8.97 -45.37
CA ALA I 120 44.41 -7.94 -46.27
C ALA I 120 45.59 -7.14 -45.72
N LYS I 121 46.38 -6.59 -46.64
CA LYS I 121 47.61 -5.87 -46.34
C LYS I 121 47.30 -4.43 -45.86
N THR I 122 48.00 -4.00 -44.81
CA THR I 122 47.89 -2.62 -44.31
C THR I 122 48.53 -1.63 -45.28
N THR I 123 47.77 -0.62 -45.68
CA THR I 123 48.22 0.32 -46.69
C THR I 123 48.01 1.77 -46.24
N PRO I 124 48.99 2.66 -46.55
CA PRO I 124 48.85 4.09 -46.24
C PRO I 124 48.06 4.87 -47.30
N PRO I 125 47.49 6.02 -46.91
CA PRO I 125 46.61 6.76 -47.80
C PRO I 125 47.34 7.63 -48.82
N SER I 126 46.78 7.67 -50.03
CA SER I 126 47.06 8.73 -50.95
C SER I 126 46.24 9.93 -50.48
N VAL I 127 46.90 11.08 -50.32
CA VAL I 127 46.23 12.30 -49.90
C VAL I 127 46.38 13.37 -50.96
N TYR I 128 45.25 13.79 -51.54
CA TYR I 128 45.22 14.76 -52.63
C TYR I 128 44.39 16.01 -52.24
N PRO I 129 44.93 17.21 -52.49
CA PRO I 129 44.21 18.45 -52.24
C PRO I 129 43.15 18.71 -53.31
N LEU I 130 42.03 19.31 -52.91
CA LEU I 130 40.99 19.67 -53.84
C LEU I 130 40.79 21.19 -53.77
N ALA I 131 41.11 21.86 -54.87
CA ALA I 131 40.98 23.31 -54.99
C ALA I 131 40.15 23.64 -56.24
N PRO I 132 39.42 24.77 -56.23
CA PRO I 132 38.60 25.13 -57.39
C PRO I 132 39.41 25.54 -58.64
N SER I 140 30.96 35.23 -51.49
CA SER I 140 31.71 35.54 -50.27
C SER I 140 32.05 34.31 -49.40
N MET I 141 31.97 33.12 -50.00
CA MET I 141 32.32 31.85 -49.36
C MET I 141 33.09 31.05 -50.41
N VAL I 142 34.18 30.39 -50.02
CA VAL I 142 34.92 29.47 -50.91
C VAL I 142 35.09 28.08 -50.29
N THR I 143 34.48 27.07 -50.90
CA THR I 143 34.55 25.69 -50.39
C THR I 143 35.82 25.01 -50.88
N LEU I 144 36.49 24.28 -49.99
CA LEU I 144 37.71 23.55 -50.33
C LEU I 144 37.53 22.06 -50.07
N GLY I 145 38.59 21.26 -50.27
CA GLY I 145 38.47 19.82 -50.17
C GLY I 145 39.76 19.08 -49.93
N CYS I 146 39.64 17.85 -49.45
CA CYS I 146 40.77 16.97 -49.20
C CYS I 146 40.31 15.57 -49.63
N LEU I 147 41.01 14.95 -50.59
CA LEU I 147 40.66 13.61 -51.04
C LEU I 147 41.67 12.62 -50.47
N VAL I 148 41.16 11.70 -49.65
CA VAL I 148 41.95 10.65 -48.99
C VAL I 148 41.57 9.26 -49.54
N LYS I 149 42.45 8.68 -50.34
CA LYS I 149 42.12 7.56 -51.20
C LYS I 149 43.02 6.34 -51.01
N GLY I 150 42.43 5.15 -51.08
CA GLY I 150 43.18 3.90 -51.23
C GLY I 150 43.90 3.36 -50.00
N TYR I 151 43.23 3.37 -48.85
CA TYR I 151 43.85 2.95 -47.61
C TYR I 151 43.16 1.76 -46.97
N PHE I 152 43.89 1.10 -46.09
CA PHE I 152 43.36 -0.01 -45.31
C PHE I 152 44.18 -0.13 -44.03
N PRO I 153 43.51 -0.39 -42.89
CA PRO I 153 42.07 -0.47 -42.68
C PRO I 153 41.51 0.83 -42.16
N GLU I 154 40.22 0.83 -41.81
CA GLU I 154 39.64 1.93 -41.04
C GLU I 154 40.45 2.08 -39.73
N PRO I 155 40.43 3.27 -39.10
CA PRO I 155 39.89 4.54 -39.54
C PRO I 155 40.97 5.61 -39.68
N VAL I 156 40.60 6.73 -40.30
CA VAL I 156 41.50 7.86 -40.53
C VAL I 156 41.00 9.12 -39.82
N THR I 157 41.95 9.89 -39.31
CA THR I 157 41.67 11.20 -38.72
C THR I 157 42.12 12.28 -39.72
N VAL I 158 41.21 13.19 -40.05
CA VAL I 158 41.51 14.30 -40.95
C VAL I 158 41.33 15.62 -40.18
N THR I 159 42.37 16.44 -40.17
CA THR I 159 42.35 17.71 -39.43
C THR I 159 42.61 18.90 -40.35
N TRP I 160 42.13 20.08 -39.93
CA TRP I 160 42.28 21.30 -40.71
C TRP I 160 43.15 22.33 -39.99
N ASN I 161 44.31 22.63 -40.59
CA ASN I 161 45.40 23.35 -39.92
C ASN I 161 45.82 22.64 -38.62
N SER I 162 45.84 21.30 -38.67
CA SER I 162 46.21 20.44 -37.52
C SER I 162 45.30 20.59 -36.29
N GLY I 163 44.00 20.81 -36.54
CA GLY I 163 43.00 20.82 -35.48
C GLY I 163 42.33 22.16 -35.25
N SER I 164 42.92 23.23 -35.79
CA SER I 164 42.27 24.53 -35.75
C SER I 164 40.97 24.41 -36.54
N LEU I 165 40.18 25.48 -36.55
CA LEU I 165 38.86 25.50 -37.19
C LEU I 165 38.21 24.15 -37.52
N SER I 166 37.04 23.93 -36.91
CA SER I 166 36.32 22.67 -37.06
C SER I 166 34.82 22.84 -37.32
N SER I 167 34.37 24.07 -37.55
CA SER I 167 33.01 24.31 -38.01
C SER I 167 33.07 24.62 -39.49
N GLY I 168 31.95 24.41 -40.19
CA GLY I 168 31.92 24.51 -41.65
C GLY I 168 32.75 23.41 -42.32
N VAL I 169 33.17 22.43 -41.51
CA VAL I 169 34.00 21.30 -41.94
C VAL I 169 33.11 20.06 -42.02
N HIS I 170 33.38 19.22 -42.98
CA HIS I 170 32.63 18.00 -43.17
C HIS I 170 33.58 16.87 -43.54
N THR I 171 33.41 15.72 -42.93
CA THR I 171 34.21 14.56 -43.30
C THR I 171 33.28 13.37 -43.57
N PHE I 172 33.29 12.94 -44.82
CA PHE I 172 32.35 11.96 -45.34
C PHE I 172 32.81 10.53 -45.03
N PRO I 173 31.87 9.65 -44.66
CA PRO I 173 32.17 8.24 -44.40
C PRO I 173 32.96 7.57 -45.50
N ALA I 174 33.92 6.73 -45.11
CA ALA I 174 34.73 6.01 -46.07
C ALA I 174 33.86 4.99 -46.80
N VAL I 175 34.26 4.67 -48.03
CA VAL I 175 33.66 3.59 -48.80
C VAL I 175 34.73 2.58 -49.29
N LEU I 176 34.42 1.30 -49.19
CA LEU I 176 35.35 0.26 -49.62
C LEU I 176 35.30 0.10 -51.15
N GLN I 177 36.46 -0.11 -51.75
CA GLN I 177 36.52 -0.68 -53.11
C GLN I 177 37.77 -1.56 -53.21
N SER I 178 37.56 -2.82 -53.59
CA SER I 178 38.64 -3.80 -53.76
C SER I 178 39.73 -3.70 -52.69
N ASP I 179 39.31 -3.94 -51.45
CA ASP I 179 40.21 -4.01 -50.28
C ASP I 179 40.89 -2.70 -49.88
N LEU I 180 40.36 -1.57 -50.33
CA LEU I 180 40.82 -0.27 -49.86
C LEU I 180 39.61 0.65 -49.67
N TYR I 181 39.67 1.51 -48.66
CA TYR I 181 38.62 2.49 -48.42
C TYR I 181 39.00 3.83 -49.06
N THR I 182 38.00 4.67 -49.30
CA THR I 182 38.19 6.03 -49.84
C THR I 182 37.22 7.01 -49.18
N LEU I 183 37.72 8.18 -48.79
CA LEU I 183 36.86 9.26 -48.28
C LEU I 183 37.29 10.67 -48.72
N SER I 184 36.38 11.60 -48.52
CA SER I 184 36.63 13.01 -48.78
C SER I 184 36.21 13.88 -47.58
N SER I 185 36.83 15.05 -47.49
CA SER I 185 36.51 16.03 -46.46
C SER I 185 36.50 17.43 -47.09
N SER I 186 35.49 18.22 -46.76
CA SER I 186 35.33 19.56 -47.31
C SER I 186 35.37 20.57 -46.19
N VAL I 187 35.85 21.76 -46.52
CA VAL I 187 35.76 22.89 -45.61
C VAL I 187 35.39 24.11 -46.40
N THR I 188 34.36 24.81 -45.94
CA THR I 188 34.01 26.10 -46.50
C THR I 188 34.46 27.19 -45.54
N VAL I 189 35.28 28.11 -46.07
CA VAL I 189 35.73 29.29 -45.34
C VAL I 189 35.22 30.54 -46.05
N PRO I 190 35.09 31.66 -45.33
CA PRO I 190 34.88 32.91 -46.06
C PRO I 190 35.97 33.10 -47.11
N SER I 191 35.62 33.68 -48.26
CA SER I 191 36.60 33.86 -49.33
C SER I 191 37.60 34.99 -49.03
N SER I 192 37.40 35.69 -47.91
CA SER I 192 38.38 36.67 -47.42
C SER I 192 39.61 36.00 -46.77
N THR I 193 39.48 34.74 -46.37
CA THR I 193 40.62 34.00 -45.81
C THR I 193 41.50 33.41 -46.92
N TRP I 194 40.95 32.48 -47.70
CA TRP I 194 41.72 31.77 -48.73
C TRP I 194 41.87 32.62 -49.99
N PRO I 195 43.11 32.78 -50.52
CA PRO I 195 44.37 32.14 -50.17
C PRO I 195 45.32 32.97 -49.30
N SER I 196 44.94 34.19 -48.93
CA SER I 196 45.81 35.03 -48.09
C SER I 196 46.25 34.26 -46.84
N GLU I 197 45.42 33.29 -46.42
CA GLU I 197 45.71 32.45 -45.28
C GLU I 197 46.07 31.03 -45.72
N THR I 198 46.82 30.34 -44.87
CA THR I 198 47.45 29.06 -45.21
C THR I 198 46.60 27.87 -44.74
N VAL I 199 45.85 27.25 -45.66
CA VAL I 199 44.97 26.12 -45.34
C VAL I 199 45.65 24.78 -45.65
N THR I 200 45.58 23.84 -44.71
CA THR I 200 46.27 22.54 -44.81
C THR I 200 45.43 21.41 -44.21
N CYS I 201 45.12 20.37 -44.99
CA CYS I 201 44.51 19.16 -44.41
C CYS I 201 45.61 18.19 -44.02
N ASN I 202 45.63 17.85 -42.74
CA ASN I 202 46.59 16.88 -42.22
C ASN I 202 45.84 15.57 -42.07
N VAL I 203 46.51 14.46 -42.33
CA VAL I 203 45.86 13.15 -42.24
C VAL I 203 46.76 12.15 -41.51
N ALA I 204 46.24 11.55 -40.45
CA ALA I 204 46.99 10.56 -39.68
C ALA I 204 46.43 9.16 -39.96
N HIS I 205 47.33 8.21 -40.21
CA HIS I 205 46.95 6.80 -40.40
C HIS I 205 47.64 5.92 -39.34
N PRO I 206 47.06 5.86 -38.12
CA PRO I 206 47.63 5.06 -37.02
C PRO I 206 48.08 3.67 -37.44
N ALA I 207 47.38 3.06 -38.39
CA ALA I 207 47.68 1.71 -38.90
C ALA I 207 49.15 1.56 -39.33
N SER I 208 49.67 2.56 -40.04
CA SER I 208 51.04 2.51 -40.57
C SER I 208 51.95 3.65 -40.09
N SER I 209 51.53 4.37 -39.05
CA SER I 209 52.32 5.47 -38.48
C SER I 209 52.65 6.55 -39.52
N THR I 210 51.63 7.00 -40.25
CA THR I 210 51.77 8.01 -41.32
C THR I 210 51.23 9.38 -40.87
N LYS I 211 51.77 10.45 -41.46
CA LYS I 211 51.23 11.80 -41.26
C LYS I 211 51.71 12.75 -42.38
N VAL I 212 50.78 13.16 -43.24
CA VAL I 212 51.07 14.05 -44.37
C VAL I 212 50.47 15.45 -44.13
N ASP I 213 51.26 16.48 -44.37
CA ASP I 213 50.75 17.87 -44.32
C ASP I 213 50.52 18.42 -45.73
N LYS I 214 49.36 18.13 -46.30
CA LYS I 214 49.05 18.55 -47.67
C LYS I 214 48.40 19.94 -47.69
N LYS I 215 49.18 20.93 -48.12
CA LYS I 215 48.67 22.31 -48.25
C LYS I 215 47.68 22.38 -49.40
N ILE I 216 46.89 23.45 -49.49
CA ILE I 216 45.93 23.61 -50.59
C ILE I 216 46.27 24.79 -51.50
N VAL I 217 47.15 24.56 -52.47
CA VAL I 217 47.56 25.56 -53.46
C VAL I 217 46.35 26.11 -54.25
N PRO I 218 46.43 27.36 -54.77
CA PRO I 218 45.38 28.01 -55.57
C PRO I 218 44.69 27.12 -56.60
N ASP J 1 18.16 -15.16 -21.28
CA ASP J 1 18.25 -13.70 -21.59
C ASP J 1 16.88 -13.02 -21.51
N ILE J 2 16.86 -11.77 -21.07
CA ILE J 2 15.68 -10.88 -21.18
C ILE J 2 15.68 -10.04 -22.51
N VAL J 3 14.58 -10.12 -23.26
CA VAL J 3 14.46 -9.38 -24.53
C VAL J 3 13.83 -7.98 -24.38
N MET J 4 14.60 -6.94 -24.69
CA MET J 4 14.07 -5.60 -24.77
C MET J 4 13.51 -5.36 -26.16
N THR J 5 12.20 -5.12 -26.25
CA THR J 5 11.61 -4.61 -27.48
C THR J 5 11.49 -3.11 -27.38
N GLN J 6 12.03 -2.44 -28.38
CA GLN J 6 12.06 -0.98 -28.43
C GLN J 6 11.29 -0.56 -29.70
N SER J 7 10.67 0.62 -29.66
CA SER J 7 9.95 1.13 -30.84
C SER J 7 9.41 2.57 -30.69
N PRO J 8 9.20 3.29 -31.82
CA PRO J 8 9.60 2.89 -33.18
C PRO J 8 11.10 3.06 -33.35
N SER J 9 11.67 2.43 -34.38
CA SER J 9 13.12 2.48 -34.57
C SER J 9 13.60 3.74 -35.31
N SER J 10 12.66 4.54 -35.82
CA SER J 10 12.97 5.83 -36.47
C SER J 10 11.89 6.88 -36.19
N LEU J 11 12.31 8.12 -35.93
CA LEU J 11 11.42 9.18 -35.46
C LEU J 11 11.87 10.53 -35.97
N THR J 12 11.18 11.06 -36.98
CA THR J 12 11.40 12.43 -37.44
C THR J 12 10.38 13.37 -36.79
N VAL J 13 10.88 14.46 -36.20
CA VAL J 13 10.03 15.49 -35.60
C VAL J 13 10.70 16.86 -35.66
N THR J 14 9.89 17.92 -35.64
CA THR J 14 10.42 19.28 -35.69
C THR J 14 10.95 19.71 -34.32
N ALA J 15 11.99 20.55 -34.33
CA ALA J 15 12.67 21.00 -33.10
C ALA J 15 11.78 21.85 -32.21
N GLY J 16 11.19 21.22 -31.20
CA GLY J 16 10.25 21.92 -30.31
C GLY J 16 9.09 21.09 -29.80
N GLU J 17 8.81 19.95 -30.44
CA GLU J 17 7.67 19.09 -30.06
C GLU J 17 8.16 18.00 -29.11
N LYS J 18 7.21 17.42 -28.35
CA LYS J 18 7.52 16.32 -27.43
C LYS J 18 7.68 15.02 -28.22
N VAL J 19 8.44 14.10 -27.67
CA VAL J 19 8.72 12.84 -28.35
C VAL J 19 8.64 11.65 -27.38
N THR J 20 8.00 10.58 -27.83
CA THR J 20 7.69 9.42 -26.99
C THR J 20 8.36 8.16 -27.51
N MET J 21 9.29 7.63 -26.73
CA MET J 21 9.92 6.34 -27.01
C MET J 21 9.41 5.31 -26.02
N THR J 22 9.31 4.06 -26.46
CA THR J 22 8.89 2.98 -25.57
C THR J 22 9.85 1.79 -25.61
N CYS J 23 10.05 1.22 -24.43
CA CYS J 23 10.83 0.02 -24.24
C CYS J 23 9.93 -1.01 -23.56
N LYS J 24 9.77 -2.18 -24.17
CA LYS J 24 8.94 -3.26 -23.59
C LYS J 24 9.81 -4.48 -23.31
N SER J 25 9.93 -4.82 -22.04
CA SER J 25 10.75 -5.95 -21.59
C SER J 25 9.95 -7.23 -21.69
N SER J 26 10.65 -8.37 -21.81
CA SER J 26 9.97 -9.67 -21.91
C SER J 26 9.68 -10.25 -20.51
N GLN J 27 10.63 -10.03 -19.60
CA GLN J 27 10.49 -10.40 -18.20
C GLN J 27 10.44 -9.09 -17.42
N SER J 28 10.07 -9.11 -16.14
CA SER J 28 9.97 -7.87 -15.35
C SER J 28 11.29 -7.43 -14.71
N LEU J 29 11.56 -6.12 -14.79
CA LEU J 29 12.77 -5.53 -14.22
C LEU J 29 12.53 -4.94 -12.82
N PHE J 30 11.35 -5.15 -12.27
CA PHE J 30 10.98 -4.65 -10.95
C PHE J 30 11.56 -5.57 -9.89
N ASN J 31 12.16 -4.97 -8.85
CA ASN J 31 12.55 -5.70 -7.65
C ASN J 31 11.77 -5.15 -6.46
N SER J 32 11.63 -5.94 -5.40
CA SER J 32 10.83 -5.55 -4.24
C SER J 32 11.67 -5.12 -3.05
N GLY J 33 12.63 -5.96 -2.67
CA GLY J 33 13.45 -5.72 -1.46
C GLY J 33 14.04 -4.32 -1.37
N ASN J 34 14.64 -3.88 -2.46
CA ASN J 34 14.96 -2.47 -2.67
C ASN J 34 14.43 -2.13 -4.06
N GLN J 35 13.27 -1.46 -4.04
CA GLN J 35 12.35 -1.43 -5.19
C GLN J 35 12.50 -0.26 -6.15
N LYS J 36 13.35 -0.47 -7.15
CA LYS J 36 13.48 0.39 -8.30
C LYS J 36 13.34 -0.53 -9.51
N ASN J 37 12.80 -0.01 -10.60
CA ASN J 37 12.78 -0.75 -11.84
C ASN J 37 14.14 -0.59 -12.53
N PHE J 38 14.83 -1.70 -12.76
CA PHE J 38 16.24 -1.65 -13.14
C PHE J 38 16.45 -1.56 -14.64
N LEU J 39 16.08 -0.41 -15.20
CA LEU J 39 16.18 -0.12 -16.61
C LEU J 39 16.91 1.20 -16.82
N THR J 40 17.85 1.18 -17.76
CA THR J 40 18.72 2.30 -18.03
C THR J 40 18.55 2.73 -19.47
N TRP J 41 18.45 4.05 -19.67
CA TRP J 41 18.36 4.67 -21.00
C TRP J 41 19.71 5.26 -21.43
N TYR J 42 20.14 4.93 -22.65
CA TYR J 42 21.43 5.43 -23.18
C TYR J 42 21.26 6.30 -24.41
N GLN J 43 22.15 7.28 -24.55
CA GLN J 43 22.18 8.14 -25.73
C GLN J 43 23.52 7.99 -26.46
N GLN J 44 23.47 7.56 -27.71
CA GLN J 44 24.68 7.42 -28.50
C GLN J 44 24.68 8.42 -29.66
N ILE J 45 25.73 9.24 -29.68
CA ILE J 45 26.03 10.13 -30.77
C ILE J 45 26.94 9.39 -31.75
N PRO J 46 26.65 9.49 -33.06
CA PRO J 46 27.44 8.74 -34.02
C PRO J 46 28.94 8.85 -33.75
N GLY J 47 29.64 7.72 -33.88
CA GLY J 47 31.08 7.67 -33.69
C GLY J 47 31.50 8.17 -32.33
N GLN J 48 30.90 7.59 -31.31
CA GLN J 48 31.22 7.91 -29.92
C GLN J 48 30.47 6.94 -28.99
N PRO J 49 30.89 6.83 -27.73
CA PRO J 49 30.30 5.78 -26.88
C PRO J 49 28.89 6.09 -26.44
N PRO J 50 28.15 5.08 -25.95
CA PRO J 50 26.84 5.35 -25.36
C PRO J 50 26.98 6.25 -24.14
N LYS J 51 26.16 7.28 -24.03
CA LYS J 51 26.19 8.18 -22.88
C LYS J 51 24.96 7.98 -21.99
N LEU J 52 25.20 7.75 -20.71
CA LEU J 52 24.12 7.52 -19.75
C LEU J 52 23.19 8.73 -19.71
N LEU J 53 21.89 8.47 -19.75
CA LEU J 53 20.88 9.48 -19.51
C LEU J 53 20.22 9.20 -18.17
N ILE J 54 19.61 8.01 -18.07
CA ILE J 54 18.68 7.69 -16.99
C ILE J 54 19.00 6.31 -16.41
N TYR J 55 18.92 6.20 -15.09
CA TYR J 55 18.97 4.91 -14.43
C TYR J 55 17.77 4.73 -13.50
N TRP J 56 17.46 3.47 -13.20
CA TRP J 56 16.34 3.11 -12.36
C TRP J 56 15.02 3.64 -12.91
N ALA J 57 14.91 3.63 -14.24
CA ALA J 57 13.71 4.06 -14.98
C ALA J 57 13.49 5.59 -15.06
N SER J 58 13.75 6.30 -13.96
CA SER J 58 13.35 7.71 -13.84
C SER J 58 14.47 8.69 -13.42
N THR J 59 15.46 8.20 -12.67
CA THR J 59 16.52 9.05 -12.14
C THR J 59 17.38 9.58 -13.27
N ARG J 60 17.58 10.89 -13.29
CA ARG J 60 18.48 11.52 -14.27
C ARG J 60 19.92 11.52 -13.74
N ASP J 61 20.86 11.18 -14.61
CA ASP J 61 22.27 11.26 -14.26
C ASP J 61 22.63 12.73 -14.05
N SER J 62 23.48 12.96 -13.06
CA SER J 62 24.09 14.25 -12.81
C SER J 62 24.51 14.88 -14.13
N GLY J 63 24.23 16.18 -14.30
CA GLY J 63 24.54 16.89 -15.55
C GLY J 63 23.38 16.88 -16.53
N VAL J 64 22.98 15.70 -16.95
CA VAL J 64 21.85 15.49 -17.89
C VAL J 64 20.65 16.41 -17.65
N PRO J 65 20.26 17.20 -18.67
CA PRO J 65 19.22 18.23 -18.50
C PRO J 65 17.83 17.69 -18.23
N ASP J 66 17.00 18.49 -17.57
CA ASP J 66 15.69 18.05 -17.04
C ASP J 66 14.61 17.82 -18.12
N ARG J 67 14.88 18.28 -19.34
CA ARG J 67 13.96 18.04 -20.47
C ARG J 67 13.69 16.55 -20.73
N PHE J 68 14.70 15.71 -20.50
CA PHE J 68 14.56 14.25 -20.61
C PHE J 68 13.90 13.70 -19.37
N THR J 69 12.89 12.85 -19.53
CA THR J 69 12.19 12.24 -18.37
C THR J 69 11.68 10.81 -18.68
N GLY J 70 11.80 9.90 -17.70
CA GLY J 70 11.51 8.47 -17.92
C GLY J 70 10.46 7.90 -16.98
N SER J 71 9.41 7.28 -17.52
CA SER J 71 8.29 6.83 -16.70
C SER J 71 7.80 5.41 -17.05
N GLY J 72 6.98 4.86 -16.16
CA GLY J 72 6.45 3.49 -16.31
C GLY J 72 7.23 2.52 -15.44
N SER J 73 6.75 1.27 -15.38
CA SER J 73 7.37 0.24 -14.53
C SER J 73 6.91 -1.18 -14.88
N GLY J 74 7.76 -2.14 -14.53
CA GLY J 74 7.47 -3.55 -14.66
C GLY J 74 8.00 -4.08 -15.98
N THR J 75 7.14 -4.00 -17.00
CA THR J 75 7.49 -4.46 -18.34
C THR J 75 7.27 -3.39 -19.41
N ASP J 76 6.69 -2.24 -19.04
CA ASP J 76 6.46 -1.13 -19.98
C ASP J 76 7.18 0.14 -19.50
N PHE J 77 7.90 0.79 -20.43
CA PHE J 77 8.73 1.96 -20.09
C PHE J 77 8.66 3.07 -21.16
N THR J 78 8.81 4.31 -20.70
CA THR J 78 8.67 5.49 -21.56
C THR J 78 9.87 6.42 -21.43
N LEU J 79 10.47 6.81 -22.55
CA LEU J 79 11.43 7.92 -22.59
C LEU J 79 10.76 9.11 -23.29
N THR J 80 10.58 10.19 -22.54
CA THR J 80 9.93 11.39 -23.03
C THR J 80 10.96 12.51 -23.14
N ILE J 81 10.95 13.23 -24.25
CA ILE J 81 11.80 14.42 -24.41
C ILE J 81 10.92 15.64 -24.65
N SER J 82 10.74 16.44 -23.58
CA SER J 82 9.94 17.66 -23.65
C SER J 82 10.68 18.71 -24.47
N SER J 83 10.14 19.03 -25.65
CA SER J 83 10.75 19.94 -26.62
C SER J 83 12.14 19.49 -27.06
N VAL J 84 12.21 18.77 -28.19
CA VAL J 84 13.46 18.24 -28.71
C VAL J 84 14.38 19.38 -29.16
N GLN J 85 15.67 19.10 -29.28
CA GLN J 85 16.65 20.09 -29.75
C GLN J 85 17.64 19.52 -30.78
N ALA J 86 18.50 20.38 -31.30
CA ALA J 86 19.53 20.02 -32.30
C ALA J 86 20.65 19.12 -31.73
N GLU J 87 20.97 19.29 -30.45
CA GLU J 87 21.97 18.45 -29.77
C GLU J 87 21.46 17.03 -29.52
N ASP J 88 20.18 16.81 -29.74
CA ASP J 88 19.53 15.57 -29.32
C ASP J 88 19.49 14.48 -30.39
N LEU J 89 19.96 14.77 -31.60
CA LEU J 89 19.99 13.74 -32.64
C LEU J 89 20.87 12.60 -32.14
N ALA J 90 20.31 11.40 -32.09
CA ALA J 90 21.06 10.25 -31.63
C ALA J 90 20.24 8.99 -31.82
N VAL J 91 20.86 7.86 -31.53
CA VAL J 91 20.13 6.64 -31.34
C VAL J 91 19.96 6.50 -29.84
N TYR J 92 18.73 6.31 -29.39
CA TYR J 92 18.47 6.15 -27.96
C TYR J 92 18.27 4.66 -27.70
N TYR J 93 19.03 4.14 -26.73
CA TYR J 93 19.05 2.70 -26.41
C TYR J 93 18.55 2.47 -25.01
N CYS J 94 17.58 1.57 -24.84
CA CYS J 94 17.20 1.10 -23.49
C CYS J 94 17.95 -0.17 -23.16
N GLN J 95 18.21 -0.41 -21.87
CA GLN J 95 19.02 -1.57 -21.44
C GLN J 95 18.45 -2.22 -20.20
N ASN J 96 18.32 -3.54 -20.26
CA ASN J 96 18.06 -4.36 -19.06
C ASN J 96 19.26 -4.24 -18.15
N ASP J 97 19.07 -3.55 -17.03
CA ASP J 97 20.15 -3.37 -16.07
C ASP J 97 19.88 -4.15 -14.78
N TYR J 98 19.12 -5.23 -14.92
CA TYR J 98 18.63 -5.99 -13.77
C TYR J 98 19.44 -7.28 -13.56
N THR J 99 19.30 -8.23 -14.49
CA THR J 99 19.89 -9.55 -14.38
C THR J 99 20.76 -9.90 -15.56
N TYR J 100 21.87 -10.59 -15.27
CA TYR J 100 22.73 -11.20 -16.26
C TYR J 100 21.94 -12.15 -17.19
N PRO J 101 22.15 -12.07 -18.52
CA PRO J 101 23.04 -11.14 -19.23
C PRO J 101 22.36 -9.79 -19.37
N LEU J 102 23.13 -8.72 -19.22
CA LEU J 102 22.58 -7.40 -19.42
C LEU J 102 22.27 -7.29 -20.89
N THR J 103 21.12 -6.76 -21.26
CA THR J 103 20.75 -6.73 -22.66
C THR J 103 20.30 -5.37 -23.09
N PHE J 104 20.45 -5.08 -24.38
CA PHE J 104 20.05 -3.81 -24.98
C PHE J 104 18.93 -3.98 -26.00
N GLY J 105 18.20 -2.90 -26.23
CA GLY J 105 17.20 -2.85 -27.29
C GLY J 105 17.85 -2.51 -28.63
N VAL J 106 17.07 -2.59 -29.70
CA VAL J 106 17.58 -2.31 -31.04
C VAL J 106 17.97 -0.83 -31.17
N GLY J 107 17.25 0.02 -30.45
CA GLY J 107 17.47 1.46 -30.46
C GLY J 107 16.40 2.20 -31.26
N THR J 108 16.19 3.46 -30.94
CA THR J 108 15.31 4.33 -31.68
C THR J 108 16.12 5.48 -32.25
N LYS J 109 16.00 5.71 -33.55
CA LYS J 109 16.70 6.81 -34.22
C LYS J 109 15.90 8.10 -34.12
N LEU J 110 16.49 9.12 -33.52
CA LEU J 110 15.84 10.42 -33.42
C LEU J 110 16.41 11.32 -34.48
N GLU J 111 15.63 11.51 -35.55
CA GLU J 111 16.02 12.37 -36.66
C GLU J 111 15.22 13.68 -36.63
N LEU J 112 15.91 14.82 -36.61
CA LEU J 112 15.27 16.14 -36.54
C LEU J 112 14.59 16.52 -37.86
N LYS J 113 13.51 17.28 -37.75
CA LYS J 113 12.84 17.84 -38.92
C LYS J 113 13.04 19.35 -38.94
N ARG J 114 12.91 19.94 -40.14
CA ARG J 114 13.46 21.25 -40.46
C ARG J 114 12.87 21.76 -41.76
N ALA J 115 12.96 23.06 -41.99
CA ALA J 115 12.54 23.66 -43.27
C ALA J 115 13.55 23.31 -44.37
N ASP J 116 13.09 23.37 -45.62
CA ASP J 116 13.91 22.95 -46.76
C ASP J 116 14.96 24.00 -47.10
N ALA J 117 16.19 23.54 -47.29
CA ALA J 117 17.31 24.38 -47.70
C ALA J 117 18.06 23.67 -48.83
N ALA J 118 18.25 24.37 -49.95
CA ALA J 118 18.96 23.80 -51.10
C ALA J 118 20.47 23.67 -50.80
N PRO J 119 21.18 22.75 -51.50
CA PRO J 119 22.62 22.57 -51.25
C PRO J 119 23.52 23.62 -51.90
N THR J 120 24.70 23.79 -51.32
CA THR J 120 25.77 24.57 -51.91
C THR J 120 26.76 23.61 -52.58
N VAL J 121 26.79 23.66 -53.92
CA VAL J 121 27.52 22.70 -54.74
C VAL J 121 28.91 23.21 -55.13
N SER J 122 29.90 22.35 -54.92
CA SER J 122 31.27 22.65 -55.26
C SER J 122 31.86 21.44 -55.99
N ILE J 123 32.18 21.64 -57.26
CA ILE J 123 32.82 20.62 -58.08
C ILE J 123 34.32 20.88 -58.06
N PHE J 124 35.11 19.82 -58.20
CA PHE J 124 36.56 19.91 -58.11
C PHE J 124 37.20 19.02 -59.15
N PRO J 125 38.08 19.57 -59.97
CA PRO J 125 38.80 18.71 -60.91
C PRO J 125 39.76 17.78 -60.15
N PRO J 126 40.33 16.79 -60.84
CA PRO J 126 41.34 15.98 -60.18
C PRO J 126 42.58 16.79 -59.93
N SER J 127 43.28 16.49 -58.84
CA SER J 127 44.48 17.20 -58.50
C SER J 127 45.58 16.80 -59.47
N SER J 128 46.55 17.69 -59.60
CA SER J 128 47.74 17.50 -60.40
C SER J 128 48.57 16.34 -59.87
N GLU J 129 48.62 16.24 -58.54
CA GLU J 129 49.41 15.19 -57.85
C GLU J 129 48.87 13.77 -58.12
N GLN J 130 47.55 13.64 -58.21
CA GLN J 130 46.88 12.37 -58.51
C GLN J 130 47.09 11.98 -59.99
N LEU J 131 46.95 12.93 -60.90
CA LEU J 131 47.12 12.67 -62.33
C LEU J 131 48.51 12.10 -62.56
N THR J 132 49.49 12.72 -61.91
CA THR J 132 50.87 12.25 -61.90
C THR J 132 51.01 10.73 -61.69
N SER J 133 50.26 10.17 -60.76
CA SER J 133 50.34 8.72 -60.46
C SER J 133 49.52 7.82 -61.39
N GLY J 134 48.53 8.38 -62.08
CA GLY J 134 47.78 7.65 -63.13
C GLY J 134 46.29 7.44 -62.91
N GLY J 135 45.76 7.97 -61.80
CA GLY J 135 44.33 7.86 -61.49
C GLY J 135 43.73 9.25 -61.60
N ALA J 136 42.40 9.36 -61.58
CA ALA J 136 41.72 10.66 -61.78
C ALA J 136 40.28 10.77 -61.22
N SER J 137 40.14 11.39 -60.04
CA SER J 137 38.87 11.45 -59.33
C SER J 137 38.25 12.85 -59.39
N VAL J 138 37.04 12.92 -59.92
CA VAL J 138 36.31 14.17 -59.93
C VAL J 138 35.33 14.12 -58.79
N VAL J 139 35.41 15.12 -57.92
CA VAL J 139 34.63 15.17 -56.69
C VAL J 139 33.66 16.34 -56.71
N CYS J 140 32.39 16.04 -56.50
CA CYS J 140 31.35 17.05 -56.31
C CYS J 140 30.79 16.97 -54.88
N PHE J 141 30.87 18.07 -54.14
CA PHE J 141 30.21 18.15 -52.84
C PHE J 141 28.80 18.71 -52.99
N LEU J 142 27.92 18.28 -52.09
CA LEU J 142 26.59 18.86 -51.94
C LEU J 142 26.36 19.08 -50.45
N ASN J 143 26.47 20.34 -50.03
CA ASN J 143 26.58 20.65 -48.60
C ASN J 143 25.36 21.34 -48.01
N ASN J 144 25.17 21.10 -46.71
CA ASN J 144 24.12 21.74 -45.90
C ASN J 144 22.77 21.90 -46.62
N PHE J 145 22.09 20.77 -46.81
CA PHE J 145 20.76 20.77 -47.45
C PHE J 145 19.73 19.95 -46.65
N TYR J 146 18.48 19.96 -47.13
CA TYR J 146 17.38 19.25 -46.49
C TYR J 146 16.17 19.13 -47.43
N PRO J 147 15.56 17.93 -47.53
CA PRO J 147 15.83 16.67 -46.81
C PRO J 147 16.86 15.73 -47.47
N LYS J 148 16.99 14.53 -46.90
CA LYS J 148 17.90 13.46 -47.35
C LYS J 148 17.78 13.11 -48.83
N ASP J 149 16.54 13.11 -49.33
CA ASP J 149 16.24 12.73 -50.73
C ASP J 149 16.89 13.68 -51.73
N ILE J 150 17.98 13.22 -52.37
CA ILE J 150 18.68 14.03 -53.37
C ILE J 150 19.31 13.15 -54.47
N ASN J 151 19.04 13.49 -55.73
CA ASN J 151 19.59 12.79 -56.87
C ASN J 151 20.61 13.68 -57.57
N VAL J 152 21.86 13.22 -57.59
CA VAL J 152 22.95 13.91 -58.31
C VAL J 152 23.25 13.17 -59.61
N LYS J 153 23.51 13.95 -60.66
CA LYS J 153 23.81 13.42 -62.00
C LYS J 153 25.17 13.90 -62.45
N TRP J 154 25.85 13.09 -63.25
CA TRP J 154 27.14 13.47 -63.82
C TRP J 154 27.09 13.48 -65.34
N LYS J 155 27.42 14.63 -65.92
CA LYS J 155 27.58 14.77 -67.36
C LYS J 155 29.04 14.93 -67.71
N ILE J 156 29.48 14.22 -68.74
CA ILE J 156 30.81 14.31 -69.30
C ILE J 156 30.64 14.69 -70.74
N ASP J 157 31.17 15.85 -71.12
CA ASP J 157 30.95 16.38 -72.47
C ASP J 157 29.44 16.38 -72.77
N GLY J 158 28.66 16.84 -71.79
CA GLY J 158 27.20 16.90 -71.90
C GLY J 158 26.48 15.57 -71.83
N SER J 159 27.22 14.47 -71.92
CA SER J 159 26.66 13.14 -72.07
C SER J 159 26.49 12.45 -70.72
N GLU J 160 25.33 11.87 -70.49
CA GLU J 160 24.99 11.17 -69.23
C GLU J 160 26.04 10.10 -68.90
N ARG J 161 26.41 10.00 -67.63
CA ARG J 161 27.33 8.95 -67.15
C ARG J 161 26.96 8.41 -65.76
N GLN J 162 26.62 7.11 -65.70
CA GLN J 162 26.23 6.45 -64.45
C GLN J 162 27.32 5.57 -63.80
N ASP J 163 28.05 4.79 -64.60
CA ASP J 163 29.09 3.89 -64.07
C ASP J 163 30.29 4.68 -63.49
N GLY J 164 30.80 4.21 -62.34
CA GLY J 164 32.01 4.77 -61.69
C GLY J 164 31.77 5.77 -60.57
N VAL J 165 30.52 5.92 -60.16
CA VAL J 165 30.11 6.98 -59.23
C VAL J 165 29.80 6.45 -57.82
N LEU J 166 30.50 6.98 -56.82
CA LEU J 166 30.35 6.59 -55.42
C LEU J 166 29.93 7.77 -54.54
N ASP J 167 28.83 7.60 -53.82
CA ASP J 167 28.32 8.64 -52.91
C ASP J 167 28.75 8.38 -51.48
N SER J 168 28.53 9.39 -50.63
CA SER J 168 28.66 9.23 -49.20
C SER J 168 27.90 10.34 -48.52
N TRP J 169 26.88 9.99 -47.73
CA TRP J 169 26.18 10.94 -46.88
C TRP J 169 26.86 11.01 -45.53
N THR J 170 26.84 12.18 -44.88
CA THR J 170 27.23 12.30 -43.48
C THR J 170 25.99 12.10 -42.62
N ASP J 171 26.15 12.19 -41.30
CA ASP J 171 24.99 12.21 -40.41
C ASP J 171 24.48 13.65 -40.32
N GLN J 172 23.27 13.84 -39.82
CA GLN J 172 22.67 15.19 -39.70
C GLN J 172 23.50 16.03 -38.75
N ASP J 173 23.56 17.33 -38.99
CA ASP J 173 24.48 18.20 -38.25
C ASP J 173 24.01 18.46 -36.83
N SER J 174 24.88 18.21 -35.86
CA SER J 174 24.56 18.45 -34.44
C SER J 174 24.21 19.91 -34.10
N LYS J 175 24.67 20.86 -34.93
CA LYS J 175 24.49 22.28 -34.66
C LYS J 175 23.32 22.85 -35.44
N ASP J 176 23.39 22.85 -36.78
CA ASP J 176 22.38 23.52 -37.61
C ASP J 176 21.42 22.58 -38.35
N SER J 177 21.42 21.29 -37.99
CA SER J 177 20.42 20.32 -38.44
C SER J 177 20.35 20.00 -39.95
N THR J 178 21.29 20.53 -40.74
CA THR J 178 21.37 20.18 -42.17
C THR J 178 22.07 18.84 -42.38
N TYR J 179 21.94 18.31 -43.59
CA TYR J 179 22.75 17.16 -44.03
C TYR J 179 23.83 17.65 -44.99
N SER J 180 24.64 16.72 -45.49
CA SER J 180 25.58 17.04 -46.57
C SER J 180 26.02 15.75 -47.29
N MET J 181 26.40 15.89 -48.56
CA MET J 181 26.70 14.77 -49.44
C MET J 181 27.95 15.00 -50.28
N SER J 182 28.59 13.92 -50.71
CA SER J 182 29.64 14.02 -51.68
C SER J 182 29.47 12.93 -52.71
N SER J 183 29.86 13.23 -53.95
CA SER J 183 29.89 12.27 -55.06
C SER J 183 31.30 12.19 -55.67
N THR J 184 31.69 11.01 -56.12
CA THR J 184 33.05 10.84 -56.66
C THR J 184 33.02 9.95 -57.88
N LEU J 185 33.14 10.59 -59.04
CA LEU J 185 33.23 9.92 -60.31
C LEU J 185 34.70 9.60 -60.59
N THR J 186 35.05 8.32 -60.53
CA THR J 186 36.43 7.89 -60.79
C THR J 186 36.56 7.35 -62.23
N LEU J 187 37.64 7.76 -62.89
CA LEU J 187 38.03 7.27 -64.23
C LEU J 187 39.53 7.02 -64.16
N THR J 188 40.13 6.47 -65.22
CA THR J 188 41.60 6.48 -65.36
C THR J 188 42.11 7.81 -65.93
N LYS J 189 43.40 8.10 -65.70
CA LYS J 189 44.01 9.32 -66.25
C LYS J 189 43.73 9.46 -67.74
N ASP J 190 43.85 8.34 -68.46
CA ASP J 190 43.57 8.30 -69.89
C ASP J 190 42.15 8.79 -70.14
N GLU J 191 41.18 8.12 -69.54
CA GLU J 191 39.76 8.37 -69.82
C GLU J 191 39.36 9.80 -69.50
N TYR J 192 39.97 10.35 -68.48
CA TYR J 192 39.73 11.72 -68.08
C TYR J 192 40.30 12.65 -69.15
N GLU J 193 41.54 12.40 -69.53
CA GLU J 193 42.25 13.23 -70.50
C GLU J 193 41.63 13.26 -71.91
N ARG J 194 40.56 12.51 -72.15
CA ARG J 194 39.96 12.46 -73.49
C ARG J 194 38.58 13.10 -73.57
N HIS J 195 38.16 13.74 -72.49
CA HIS J 195 36.97 14.59 -72.52
C HIS J 195 37.33 15.92 -71.90
N ASN J 196 36.49 16.91 -72.07
CA ASN J 196 36.85 18.27 -71.74
C ASN J 196 35.92 18.98 -70.78
N SER J 197 34.64 18.66 -70.84
CA SER J 197 33.64 19.27 -69.99
C SER J 197 33.09 18.27 -68.96
N TYR J 198 33.11 18.66 -67.69
CA TYR J 198 32.60 17.83 -66.59
C TYR J 198 31.60 18.63 -65.78
N THR J 199 30.40 18.06 -65.65
CA THR J 199 29.27 18.72 -65.03
C THR J 199 28.71 17.84 -63.89
N CYS J 200 28.32 18.49 -62.79
CA CYS J 200 27.69 17.86 -61.64
C CYS J 200 26.35 18.54 -61.35
N GLU J 201 25.24 17.91 -61.73
CA GLU J 201 23.88 18.48 -61.61
C GLU J 201 23.06 17.94 -60.45
N ALA J 202 22.80 18.76 -59.44
CA ALA J 202 21.98 18.35 -58.29
C ALA J 202 20.50 18.66 -58.53
N THR J 203 19.65 17.66 -58.32
CA THR J 203 18.20 17.81 -58.50
C THR J 203 17.43 17.54 -57.20
N HIS J 204 16.47 18.43 -56.90
CA HIS J 204 15.80 18.43 -55.58
C HIS J 204 14.26 18.59 -55.69
N LYS J 205 13.65 18.81 -54.52
CA LYS J 205 12.21 18.98 -54.35
C LYS J 205 11.84 20.48 -54.39
N THR J 206 12.75 21.31 -53.88
CA THR J 206 12.61 22.77 -53.88
C THR J 206 12.81 23.43 -55.24
N SER J 207 13.56 22.77 -56.12
CA SER J 207 14.00 23.37 -57.37
C SER J 207 13.52 22.58 -58.59
N THR J 208 12.52 23.12 -59.28
CA THR J 208 12.10 22.59 -60.59
C THR J 208 13.23 22.72 -61.61
N SER J 209 14.15 23.65 -61.35
CA SER J 209 15.42 23.75 -62.08
C SER J 209 16.50 22.92 -61.37
N PRO J 210 17.39 22.27 -62.14
CA PRO J 210 18.56 21.63 -61.52
C PRO J 210 19.64 22.65 -61.12
N ILE J 211 20.33 22.37 -60.02
CA ILE J 211 21.47 23.17 -59.55
C ILE J 211 22.75 22.61 -60.19
N VAL J 212 23.41 23.45 -60.99
CA VAL J 212 24.47 23.01 -61.91
C VAL J 212 25.84 23.59 -61.59
N LYS J 213 26.86 22.72 -61.44
CA LYS J 213 28.25 23.20 -61.41
C LYS J 213 29.14 22.38 -62.35
N SER J 214 29.79 23.09 -63.29
CA SER J 214 30.65 22.50 -64.32
C SER J 214 32.11 22.90 -64.19
N PHE J 215 32.98 22.22 -64.93
CA PHE J 215 34.32 22.76 -65.18
C PHE J 215 34.89 22.21 -66.50
N ASN J 216 35.81 22.97 -67.10
CA ASN J 216 36.56 22.52 -68.25
C ASN J 216 37.95 22.04 -67.80
N ARG J 217 38.39 20.91 -68.34
CA ARG J 217 39.65 20.29 -67.97
C ARG J 217 40.84 21.20 -68.14
N ASN J 218 40.76 22.09 -69.12
CA ASN J 218 41.90 22.92 -69.49
C ASN J 218 41.72 24.38 -69.09
N GLU J 219 40.89 24.55 -68.07
CA GLU J 219 40.46 25.82 -67.58
C GLU J 219 41.49 26.35 -66.61
N CYS J 220 41.51 27.68 -66.50
CA CYS J 220 42.46 28.34 -65.61
C CYS J 220 42.13 29.84 -65.51
#